data_2DJV
#
_entry.id   2DJV
#
_entity_poly.entity_id   1
_entity_poly.type   'polypeptide(L)'
_entity_poly.pdbx_seq_one_letter_code
;GSSGSSGTTAKPQQIQALMDEVTKQGNIVRELKAQKADKNEVAAEVAKLLDLKKQLAVAEGKPPEAPKGKKKKSGPSSG
;
_entity_poly.pdbx_strand_id   A
#
# COMPACT_ATOMS: atom_id res chain seq x y z
N GLY A 1 3.54 10.18 -27.82
CA GLY A 1 3.01 9.65 -26.58
C GLY A 1 1.51 9.84 -26.46
N SER A 2 0.95 9.42 -25.33
CA SER A 2 -0.49 9.55 -25.10
C SER A 2 -0.82 10.89 -24.44
N SER A 3 -1.78 11.61 -25.02
CA SER A 3 -2.19 12.90 -24.49
C SER A 3 -3.70 12.99 -24.38
N GLY A 4 -4.17 13.72 -23.37
CA GLY A 4 -5.60 13.87 -23.18
C GLY A 4 -6.04 13.41 -21.80
N SER A 5 -6.35 12.12 -21.68
CA SER A 5 -6.81 11.56 -20.41
C SER A 5 -6.27 10.13 -20.24
N SER A 6 -6.11 9.73 -18.98
CA SER A 6 -5.61 8.39 -18.68
C SER A 6 -6.69 7.55 -17.98
N GLY A 7 -7.91 7.62 -18.50
CA GLY A 7 -9.00 6.87 -17.93
C GLY A 7 -9.76 7.66 -16.88
N THR A 8 -10.71 7.01 -16.22
CA THR A 8 -11.52 7.65 -15.19
C THR A 8 -11.16 7.14 -13.80
N THR A 9 -11.44 7.94 -12.78
CA THR A 9 -11.15 7.55 -11.41
C THR A 9 -12.42 7.26 -10.63
N ALA A 10 -12.36 6.28 -9.74
CA ALA A 10 -13.52 5.91 -8.93
C ALA A 10 -13.08 5.28 -7.61
N LYS A 11 -13.99 5.29 -6.64
CA LYS A 11 -13.70 4.72 -5.32
C LYS A 11 -13.55 3.21 -5.41
N PRO A 12 -14.60 2.52 -5.85
CA PRO A 12 -14.62 1.06 -6.00
C PRO A 12 -13.71 0.59 -7.13
N GLN A 13 -13.27 1.52 -7.96
CA GLN A 13 -12.40 1.20 -9.09
C GLN A 13 -10.94 1.15 -8.65
N GLN A 14 -10.43 2.29 -8.17
CA GLN A 14 -9.05 2.39 -7.72
C GLN A 14 -8.69 1.21 -6.83
N ILE A 15 -9.61 0.82 -5.96
CA ILE A 15 -9.39 -0.29 -5.04
C ILE A 15 -8.85 -1.51 -5.79
N GLN A 16 -9.56 -1.92 -6.84
CA GLN A 16 -9.14 -3.07 -7.64
C GLN A 16 -7.70 -2.93 -8.09
N ALA A 17 -7.30 -1.70 -8.40
CA ALA A 17 -5.94 -1.43 -8.85
C ALA A 17 -4.94 -1.58 -7.71
N LEU A 18 -5.31 -1.07 -6.54
CA LEU A 18 -4.44 -1.15 -5.37
C LEU A 18 -4.13 -2.60 -5.01
N MET A 19 -5.18 -3.39 -4.78
CA MET A 19 -5.02 -4.79 -4.45
C MET A 19 -3.84 -5.40 -5.20
N ASP A 20 -3.84 -5.23 -6.52
CA ASP A 20 -2.77 -5.76 -7.35
C ASP A 20 -1.41 -5.24 -6.90
N GLU A 21 -1.36 -3.96 -6.54
CA GLU A 21 -0.12 -3.34 -6.09
C GLU A 21 0.38 -4.00 -4.81
N VAL A 22 -0.52 -4.21 -3.86
CA VAL A 22 -0.17 -4.83 -2.59
C VAL A 22 0.53 -6.17 -2.82
N THR A 23 0.05 -6.92 -3.80
CA THR A 23 0.63 -8.23 -4.11
C THR A 23 1.99 -8.07 -4.79
N LYS A 24 2.00 -7.37 -5.92
CA LYS A 24 3.24 -7.15 -6.66
C LYS A 24 4.33 -6.61 -5.75
N GLN A 25 4.01 -5.59 -4.98
CA GLN A 25 4.96 -4.98 -4.06
C GLN A 25 5.60 -6.04 -3.16
N GLY A 26 4.78 -6.68 -2.34
CA GLY A 26 5.28 -7.71 -1.43
C GLY A 26 6.33 -8.59 -2.09
N ASN A 27 6.11 -8.92 -3.35
CA ASN A 27 7.05 -9.77 -4.10
C ASN A 27 8.33 -9.00 -4.42
N ILE A 28 8.18 -7.82 -5.00
CA ILE A 28 9.32 -6.98 -5.36
C ILE A 28 10.27 -6.82 -4.17
N VAL A 29 9.70 -6.65 -2.98
CA VAL A 29 10.49 -6.49 -1.77
C VAL A 29 11.21 -7.79 -1.40
N ARG A 30 10.56 -8.90 -1.66
CA ARG A 30 11.13 -10.21 -1.35
C ARG A 30 12.36 -10.48 -2.22
N GLU A 31 12.24 -10.23 -3.51
CA GLU A 31 13.34 -10.45 -4.45
C GLU A 31 14.49 -9.49 -4.15
N LEU A 32 14.15 -8.26 -3.78
CA LEU A 32 15.16 -7.25 -3.46
C LEU A 32 16.14 -7.76 -2.41
N LYS A 33 15.60 -8.29 -1.32
CA LYS A 33 16.42 -8.83 -0.24
C LYS A 33 17.07 -10.14 -0.65
N ALA A 34 16.41 -10.88 -1.53
CA ALA A 34 16.94 -12.16 -2.01
C ALA A 34 18.14 -11.95 -2.91
N GLN A 35 18.28 -10.74 -3.45
CA GLN A 35 19.39 -10.42 -4.33
C GLN A 35 20.35 -9.44 -3.66
N LYS A 36 20.25 -9.32 -2.34
CA LYS A 36 21.10 -8.43 -1.58
C LYS A 36 21.06 -7.01 -2.16
N ALA A 37 19.86 -6.54 -2.45
CA ALA A 37 19.68 -5.20 -3.01
C ALA A 37 20.19 -4.13 -2.04
N ASP A 38 20.61 -2.99 -2.59
CA ASP A 38 21.11 -1.89 -1.78
C ASP A 38 20.09 -1.48 -0.72
N LYS A 39 20.54 -1.34 0.52
CA LYS A 39 19.67 -0.95 1.61
C LYS A 39 18.78 0.22 1.21
N ASN A 40 19.35 1.15 0.44
CA ASN A 40 18.61 2.32 -0.02
C ASN A 40 17.53 1.93 -1.02
N GLU A 41 17.90 1.09 -1.98
CA GLU A 41 16.97 0.64 -3.01
C GLU A 41 15.78 -0.09 -2.38
N VAL A 42 16.08 -0.93 -1.38
CA VAL A 42 15.05 -1.69 -0.70
C VAL A 42 14.11 -0.77 0.08
N ALA A 43 14.69 0.07 0.94
CA ALA A 43 13.91 1.00 1.74
C ALA A 43 12.84 1.68 0.90
N ALA A 44 13.23 2.19 -0.26
CA ALA A 44 12.30 2.87 -1.15
C ALA A 44 10.98 2.11 -1.25
N GLU A 45 11.06 0.86 -1.71
CA GLU A 45 9.87 0.04 -1.85
C GLU A 45 9.22 -0.23 -0.50
N VAL A 46 10.04 -0.59 0.48
CA VAL A 46 9.54 -0.86 1.83
C VAL A 46 8.46 0.13 2.24
N ALA A 47 8.86 1.40 2.39
CA ALA A 47 7.92 2.45 2.76
C ALA A 47 6.66 2.38 1.93
N LYS A 48 6.83 2.38 0.61
CA LYS A 48 5.69 2.32 -0.31
C LYS A 48 4.72 1.20 0.08
N LEU A 49 5.27 0.02 0.36
CA LEU A 49 4.45 -1.12 0.76
C LEU A 49 3.57 -0.78 1.95
N LEU A 50 4.20 -0.33 3.04
CA LEU A 50 3.47 0.04 4.25
C LEU A 50 2.30 0.95 3.92
N ASP A 51 2.45 1.75 2.86
CA ASP A 51 1.40 2.67 2.45
C ASP A 51 0.31 1.93 1.67
N LEU A 52 0.72 1.03 0.79
CA LEU A 52 -0.22 0.26 -0.02
C LEU A 52 -1.24 -0.44 0.87
N LYS A 53 -0.76 -1.18 1.86
CA LYS A 53 -1.63 -1.89 2.78
C LYS A 53 -2.76 -0.99 3.28
N LYS A 54 -2.41 0.26 3.58
CA LYS A 54 -3.39 1.22 4.07
C LYS A 54 -4.32 1.67 2.94
N GLN A 55 -3.74 2.26 1.91
CA GLN A 55 -4.52 2.73 0.77
C GLN A 55 -5.49 1.66 0.29
N LEU A 56 -5.20 0.41 0.62
CA LEU A 56 -6.05 -0.71 0.22
C LEU A 56 -7.11 -0.98 1.28
N ALA A 57 -6.67 -1.24 2.52
CA ALA A 57 -7.59 -1.52 3.61
C ALA A 57 -8.53 -0.34 3.84
N VAL A 58 -7.95 0.85 4.05
CA VAL A 58 -8.75 2.05 4.28
C VAL A 58 -9.82 2.21 3.21
N ALA A 59 -9.40 2.18 1.95
CA ALA A 59 -10.33 2.32 0.84
C ALA A 59 -11.55 1.43 1.01
N GLU A 60 -11.30 0.15 1.31
CA GLU A 60 -12.39 -0.80 1.51
C GLU A 60 -13.25 -0.42 2.71
N GLY A 61 -12.60 -0.06 3.81
CA GLY A 61 -13.32 0.34 5.01
C GLY A 61 -12.55 0.01 6.27
N LYS A 62 -11.79 -1.08 6.24
CA LYS A 62 -11.01 -1.50 7.39
C LYS A 62 -9.93 -0.47 7.73
N PRO A 63 -9.66 -0.30 9.03
CA PRO A 63 -8.65 0.65 9.50
C PRO A 63 -7.22 0.21 9.17
N PRO A 64 -6.33 1.18 8.95
CA PRO A 64 -4.93 0.90 8.62
C PRO A 64 -4.16 0.33 9.80
N GLU A 65 -3.79 -0.95 9.71
CA GLU A 65 -3.06 -1.60 10.77
C GLU A 65 -3.48 -1.08 12.14
N ALA A 66 -4.79 -0.95 12.33
CA ALA A 66 -5.33 -0.46 13.60
C ALA A 66 -4.83 -1.30 14.78
N PRO A 67 -5.21 -2.59 14.79
CA PRO A 67 -4.81 -3.52 15.85
C PRO A 67 -3.33 -3.86 15.80
N LYS A 68 -2.80 -3.98 14.58
CA LYS A 68 -1.39 -4.30 14.39
C LYS A 68 -0.51 -3.08 14.66
N GLY A 69 0.52 -3.27 15.47
CA GLY A 69 1.42 -2.17 15.80
C GLY A 69 0.82 -1.20 16.79
N LYS A 70 1.65 -0.68 17.69
CA LYS A 70 1.19 0.26 18.70
C LYS A 70 1.24 1.70 18.16
N LYS A 71 2.37 2.07 17.58
CA LYS A 71 2.54 3.40 17.02
C LYS A 71 1.37 3.77 16.11
N LYS A 72 1.06 2.88 15.16
CA LYS A 72 -0.04 3.11 14.23
C LYS A 72 -1.38 3.08 14.95
N LYS A 73 -1.92 4.25 15.25
CA LYS A 73 -3.20 4.36 15.93
C LYS A 73 -4.32 4.65 14.94
N SER A 74 -5.53 4.21 15.28
CA SER A 74 -6.69 4.42 14.42
C SER A 74 -6.69 5.83 13.85
N GLY A 75 -6.55 6.82 14.72
CA GLY A 75 -6.55 8.20 14.29
C GLY A 75 -7.60 8.48 13.24
N PRO A 76 -8.86 8.57 13.67
CA PRO A 76 -9.99 8.84 12.78
C PRO A 76 -9.98 10.27 12.24
N SER A 77 -10.73 10.49 11.16
CA SER A 77 -10.80 11.81 10.54
C SER A 77 -11.79 12.70 11.29
N SER A 78 -11.52 14.01 11.29
CA SER A 78 -12.39 14.96 11.97
C SER A 78 -12.99 15.95 10.96
N GLY A 79 -12.12 16.63 10.22
CA GLY A 79 -12.59 17.59 9.24
C GLY A 79 -12.53 19.01 9.75
N GLY A 1 2.40 1.51 -22.55
CA GLY A 1 2.70 1.68 -21.14
C GLY A 1 1.60 2.40 -20.39
N SER A 2 1.99 3.32 -19.51
CA SER A 2 1.03 4.08 -18.72
C SER A 2 0.03 4.79 -19.62
N SER A 3 -1.23 4.38 -19.53
CA SER A 3 -2.29 4.97 -20.34
C SER A 3 -2.13 6.49 -20.41
N GLY A 4 -2.00 7.12 -19.25
CA GLY A 4 -1.84 8.56 -19.19
C GLY A 4 -2.72 9.27 -20.20
N SER A 5 -4.03 9.04 -20.11
CA SER A 5 -4.98 9.67 -21.02
C SER A 5 -6.27 10.03 -20.30
N SER A 6 -7.19 10.66 -21.02
CA SER A 6 -8.48 11.07 -20.45
C SER A 6 -9.13 9.91 -19.72
N GLY A 7 -9.49 10.12 -18.46
CA GLY A 7 -10.12 9.08 -17.66
C GLY A 7 -10.78 9.63 -16.42
N THR A 8 -11.60 8.80 -15.77
CA THR A 8 -12.30 9.21 -14.56
C THR A 8 -11.93 8.29 -13.39
N THR A 9 -11.81 8.89 -12.21
CA THR A 9 -11.46 8.14 -11.01
C THR A 9 -12.71 7.70 -10.25
N ALA A 10 -12.59 6.64 -9.46
CA ALA A 10 -13.71 6.14 -8.68
C ALA A 10 -13.22 5.33 -7.48
N LYS A 11 -14.03 5.30 -6.43
CA LYS A 11 -13.68 4.57 -5.21
C LYS A 11 -13.59 3.07 -5.49
N PRO A 12 -14.71 2.48 -5.95
CA PRO A 12 -14.77 1.05 -6.27
C PRO A 12 -13.96 0.68 -7.50
N GLN A 13 -13.29 1.68 -8.07
CA GLN A 13 -12.48 1.46 -9.26
C GLN A 13 -10.99 1.47 -8.91
N GLN A 14 -10.62 2.31 -7.95
CA GLN A 14 -9.23 2.42 -7.52
C GLN A 14 -8.81 1.17 -6.74
N ILE A 15 -9.77 0.54 -6.08
CA ILE A 15 -9.50 -0.66 -5.29
C ILE A 15 -8.81 -1.72 -6.14
N GLN A 16 -9.49 -2.17 -7.19
CA GLN A 16 -8.94 -3.19 -8.08
C GLN A 16 -7.48 -2.90 -8.40
N ALA A 17 -7.17 -1.62 -8.63
CA ALA A 17 -5.82 -1.20 -8.95
C ALA A 17 -4.89 -1.35 -7.74
N LEU A 18 -5.37 -0.91 -6.59
CA LEU A 18 -4.59 -0.99 -5.36
C LEU A 18 -4.21 -2.44 -5.05
N MET A 19 -5.20 -3.32 -5.09
CA MET A 19 -4.98 -4.74 -4.82
C MET A 19 -3.75 -5.25 -5.57
N ASP A 20 -3.71 -4.99 -6.88
CA ASP A 20 -2.59 -5.43 -7.71
C ASP A 20 -1.27 -4.92 -7.15
N GLU A 21 -1.28 -3.69 -6.65
CA GLU A 21 -0.08 -3.10 -6.08
C GLU A 21 0.35 -3.83 -4.81
N VAL A 22 -0.57 -3.98 -3.87
CA VAL A 22 -0.28 -4.67 -2.62
C VAL A 22 0.33 -6.04 -2.88
N THR A 23 -0.22 -6.76 -3.86
CA THR A 23 0.25 -8.09 -4.21
C THR A 23 1.62 -8.02 -4.88
N LYS A 24 1.68 -7.30 -6.01
CA LYS A 24 2.93 -7.16 -6.75
C LYS A 24 4.05 -6.65 -5.84
N GLN A 25 3.85 -5.47 -5.26
CA GLN A 25 4.84 -4.88 -4.37
C GLN A 25 5.41 -5.92 -3.43
N GLY A 26 4.53 -6.66 -2.76
CA GLY A 26 4.96 -7.68 -1.83
C GLY A 26 5.96 -8.64 -2.45
N ASN A 27 5.71 -9.03 -3.69
CA ASN A 27 6.59 -9.96 -4.39
C ASN A 27 7.85 -9.24 -4.87
N ILE A 28 7.83 -7.92 -4.82
CA ILE A 28 8.97 -7.12 -5.25
C ILE A 28 9.90 -6.82 -4.09
N VAL A 29 9.32 -6.62 -2.90
CA VAL A 29 10.09 -6.32 -1.70
C VAL A 29 10.79 -7.57 -1.18
N ARG A 30 10.21 -8.74 -1.48
CA ARG A 30 10.79 -10.01 -1.05
C ARG A 30 12.06 -10.33 -1.82
N GLU A 31 11.97 -10.26 -3.15
CA GLU A 31 13.11 -10.56 -4.00
C GLU A 31 14.27 -9.61 -3.70
N LEU A 32 13.94 -8.35 -3.44
CA LEU A 32 14.95 -7.34 -3.13
C LEU A 32 15.88 -7.81 -2.02
N LYS A 33 15.31 -8.09 -0.85
CA LYS A 33 16.08 -8.55 0.29
C LYS A 33 16.86 -9.82 -0.06
N ALA A 34 16.27 -10.67 -0.89
CA ALA A 34 16.90 -11.91 -1.30
C ALA A 34 18.06 -11.64 -2.26
N GLN A 35 17.97 -10.52 -2.98
CA GLN A 35 19.01 -10.14 -3.92
C GLN A 35 20.01 -9.18 -3.30
N LYS A 36 20.12 -9.25 -1.97
CA LYS A 36 21.05 -8.38 -1.25
C LYS A 36 21.14 -7.00 -1.90
N ALA A 37 20.02 -6.55 -2.46
CA ALA A 37 19.96 -5.25 -3.11
C ALA A 37 20.39 -4.13 -2.16
N ASP A 38 20.87 -3.03 -2.71
CA ASP A 38 21.30 -1.90 -1.91
C ASP A 38 20.22 -1.50 -0.91
N LYS A 39 20.59 -1.48 0.37
CA LYS A 39 19.66 -1.11 1.43
C LYS A 39 18.88 0.14 1.06
N ASN A 40 19.49 1.00 0.25
CA ASN A 40 18.86 2.23 -0.18
C ASN A 40 17.79 1.96 -1.23
N GLU A 41 18.09 1.03 -2.14
CA GLU A 41 17.15 0.68 -3.20
C GLU A 41 15.91 0.00 -2.63
N VAL A 42 16.11 -0.87 -1.65
CA VAL A 42 15.02 -1.59 -1.01
C VAL A 42 14.13 -0.64 -0.22
N ALA A 43 14.74 0.15 0.65
CA ALA A 43 14.02 1.11 1.48
C ALA A 43 12.90 1.78 0.68
N ALA A 44 13.26 2.34 -0.47
CA ALA A 44 12.29 3.01 -1.33
C ALA A 44 11.02 2.17 -1.49
N GLU A 45 11.19 0.90 -1.82
CA GLU A 45 10.06 0.00 -2.00
C GLU A 45 9.36 -0.26 -0.67
N VAL A 46 10.14 -0.54 0.37
CA VAL A 46 9.59 -0.80 1.69
C VAL A 46 8.62 0.30 2.11
N ALA A 47 9.13 1.53 2.16
CA ALA A 47 8.30 2.68 2.55
C ALA A 47 6.96 2.65 1.84
N LYS A 48 6.99 2.52 0.52
CA LYS A 48 5.76 2.47 -0.27
C LYS A 48 4.87 1.32 0.17
N LEU A 49 5.39 0.10 0.05
CA LEU A 49 4.64 -1.09 0.44
C LEU A 49 3.89 -0.86 1.75
N LEU A 50 4.60 -0.35 2.75
CA LEU A 50 4.01 -0.08 4.05
C LEU A 50 2.76 0.80 3.92
N ASP A 51 2.84 1.77 3.02
CA ASP A 51 1.72 2.69 2.79
C ASP A 51 0.64 2.02 1.95
N LEU A 52 1.02 0.95 1.24
CA LEU A 52 0.08 0.22 0.40
C LEU A 52 -0.78 -0.72 1.23
N LYS A 53 -0.36 -0.97 2.46
CA LYS A 53 -1.09 -1.85 3.36
C LYS A 53 -2.20 -1.11 4.08
N LYS A 54 -2.02 0.20 4.25
CA LYS A 54 -3.02 1.03 4.92
C LYS A 54 -4.02 1.58 3.91
N GLN A 55 -3.54 1.89 2.71
CA GLN A 55 -4.40 2.42 1.65
C GLN A 55 -5.43 1.38 1.22
N LEU A 56 -5.03 0.11 1.25
CA LEU A 56 -5.92 -0.97 0.85
C LEU A 56 -7.11 -1.08 1.81
N ALA A 57 -6.81 -1.40 3.06
CA ALA A 57 -7.86 -1.52 4.08
C ALA A 57 -8.82 -0.35 4.03
N VAL A 58 -8.28 0.85 3.97
CA VAL A 58 -9.09 2.07 3.91
C VAL A 58 -9.97 2.08 2.67
N ALA A 59 -9.37 1.76 1.52
CA ALA A 59 -10.10 1.72 0.26
C ALA A 59 -11.25 0.73 0.31
N GLU A 60 -10.98 -0.45 0.88
CA GLU A 60 -11.99 -1.48 0.98
C GLU A 60 -13.00 -1.16 2.09
N GLY A 61 -12.53 -0.46 3.12
CA GLY A 61 -13.39 -0.09 4.22
C GLY A 61 -13.45 -1.16 5.30
N LYS A 62 -12.38 -1.95 5.40
CA LYS A 62 -12.31 -3.01 6.40
C LYS A 62 -11.36 -2.64 7.54
N PRO A 63 -11.71 -3.04 8.76
CA PRO A 63 -10.91 -2.76 9.95
C PRO A 63 -9.59 -3.54 9.97
N PRO A 64 -8.56 -2.94 10.57
CA PRO A 64 -7.23 -3.55 10.66
C PRO A 64 -7.22 -4.76 11.60
N GLU A 65 -7.05 -5.94 11.03
CA GLU A 65 -7.01 -7.17 11.82
C GLU A 65 -7.97 -7.07 13.02
N ALA A 66 -9.21 -6.71 12.74
CA ALA A 66 -10.22 -6.58 13.79
C ALA A 66 -10.48 -7.93 14.47
N PRO A 67 -11.04 -8.88 13.70
CA PRO A 67 -11.35 -10.21 14.20
C PRO A 67 -10.10 -11.04 14.48
N LYS A 68 -9.20 -11.10 13.50
CA LYS A 68 -7.96 -11.85 13.63
C LYS A 68 -6.75 -10.91 13.60
N GLY A 69 -6.12 -10.73 14.76
CA GLY A 69 -4.97 -9.86 14.85
C GLY A 69 -4.10 -10.16 16.05
N LYS A 70 -3.14 -9.27 16.34
CA LYS A 70 -2.25 -9.46 17.47
C LYS A 70 -3.04 -9.58 18.77
N LYS A 71 -2.33 -9.90 19.85
CA LYS A 71 -2.96 -10.05 21.16
C LYS A 71 -2.72 -8.80 22.02
N LYS A 72 -3.77 -8.36 22.71
CA LYS A 72 -3.67 -7.19 23.57
C LYS A 72 -2.32 -7.13 24.26
N LYS A 73 -1.42 -6.32 23.73
CA LYS A 73 -0.09 -6.17 24.30
C LYS A 73 -0.04 -5.00 25.28
N SER A 74 0.26 -5.31 26.54
CA SER A 74 0.33 -4.28 27.58
C SER A 74 1.65 -4.38 28.35
N GLY A 75 2.24 -3.22 28.63
CA GLY A 75 3.51 -3.20 29.35
C GLY A 75 3.45 -2.32 30.59
N PRO A 76 4.52 -2.34 31.38
CA PRO A 76 4.61 -1.55 32.61
C PRO A 76 4.72 -0.06 32.33
N SER A 77 5.37 0.29 31.22
CA SER A 77 5.54 1.69 30.84
C SER A 77 4.43 2.14 29.90
N SER A 78 4.50 3.39 29.47
CA SER A 78 3.50 3.95 28.57
C SER A 78 4.12 4.99 27.64
N GLY A 79 3.51 5.18 26.47
CA GLY A 79 4.01 6.14 25.51
C GLY A 79 3.01 7.22 25.19
N GLY A 1 -6.20 -6.40 -16.91
CA GLY A 1 -5.95 -6.46 -18.33
C GLY A 1 -5.55 -5.10 -18.90
N SER A 2 -6.39 -4.57 -19.79
CA SER A 2 -6.11 -3.28 -20.40
C SER A 2 -6.75 -2.14 -19.60
N SER A 3 -5.91 -1.34 -18.96
CA SER A 3 -6.40 -0.22 -18.16
C SER A 3 -6.65 1.01 -19.03
N GLY A 4 -5.71 1.29 -19.93
CA GLY A 4 -5.85 2.44 -20.82
C GLY A 4 -5.83 3.75 -20.06
N SER A 5 -6.09 4.85 -20.78
CA SER A 5 -6.09 6.17 -20.18
C SER A 5 -7.07 6.23 -19.01
N SER A 6 -6.54 6.25 -17.80
CA SER A 6 -7.36 6.29 -16.60
C SER A 6 -8.09 7.64 -16.49
N GLY A 7 -9.40 7.62 -16.71
CA GLY A 7 -10.19 8.83 -16.63
C GLY A 7 -11.08 8.86 -15.41
N THR A 8 -11.98 7.89 -15.30
CA THR A 8 -12.90 7.82 -14.18
C THR A 8 -12.36 6.89 -13.09
N THR A 9 -12.60 7.26 -11.83
CA THR A 9 -12.15 6.46 -10.71
C THR A 9 -13.14 6.53 -9.55
N ALA A 10 -13.24 5.44 -8.80
CA ALA A 10 -14.15 5.37 -7.65
C ALA A 10 -13.51 4.65 -6.48
N LYS A 11 -14.15 4.73 -5.32
CA LYS A 11 -13.64 4.08 -4.11
C LYS A 11 -13.79 2.56 -4.22
N PRO A 12 -15.04 2.10 -4.36
CA PRO A 12 -15.35 0.68 -4.47
C PRO A 12 -14.87 0.08 -5.78
N GLN A 13 -14.25 0.91 -6.62
CA GLN A 13 -13.75 0.46 -7.91
C GLN A 13 -12.22 0.36 -7.89
N GLN A 14 -11.57 1.45 -7.49
CA GLN A 14 -10.11 1.48 -7.44
C GLN A 14 -9.58 0.29 -6.64
N ILE A 15 -10.33 -0.12 -5.62
CA ILE A 15 -9.92 -1.24 -4.78
C ILE A 15 -9.19 -2.30 -5.60
N GLN A 16 -9.73 -2.62 -6.77
CA GLN A 16 -9.13 -3.61 -7.64
C GLN A 16 -7.78 -3.13 -8.18
N ALA A 17 -7.75 -1.91 -8.69
CA ALA A 17 -6.53 -1.33 -9.23
C ALA A 17 -5.42 -1.34 -8.19
N LEU A 18 -5.78 -1.15 -6.93
CA LEU A 18 -4.81 -1.14 -5.84
C LEU A 18 -4.31 -2.55 -5.55
N MET A 19 -5.21 -3.43 -5.13
CA MET A 19 -4.84 -4.81 -4.83
C MET A 19 -3.88 -5.36 -5.87
N ASP A 20 -3.93 -4.79 -7.08
CA ASP A 20 -3.06 -5.24 -8.16
C ASP A 20 -1.63 -4.75 -7.95
N GLU A 21 -1.48 -3.43 -7.80
CA GLU A 21 -0.17 -2.84 -7.59
C GLU A 21 0.44 -3.31 -6.27
N VAL A 22 -0.40 -3.44 -5.25
CA VAL A 22 0.05 -3.88 -3.93
C VAL A 22 0.72 -5.25 -4.02
N THR A 23 0.05 -6.18 -4.69
CA THR A 23 0.57 -7.53 -4.83
C THR A 23 2.03 -7.51 -5.31
N LYS A 24 2.26 -6.85 -6.45
CA LYS A 24 3.61 -6.75 -7.00
C LYS A 24 4.58 -6.15 -5.99
N GLN A 25 4.09 -5.17 -5.23
CA GLN A 25 4.91 -4.51 -4.23
C GLN A 25 5.62 -5.53 -3.34
N GLY A 26 4.84 -6.23 -2.51
CA GLY A 26 5.41 -7.22 -1.62
C GLY A 26 6.36 -8.16 -2.33
N ASN A 27 6.06 -8.46 -3.60
CA ASN A 27 6.89 -9.35 -4.39
C ASN A 27 8.25 -8.73 -4.66
N ILE A 28 8.27 -7.41 -4.85
CA ILE A 28 9.50 -6.70 -5.12
C ILE A 28 10.39 -6.64 -3.88
N VAL A 29 9.77 -6.43 -2.73
CA VAL A 29 10.50 -6.36 -1.46
C VAL A 29 11.08 -7.73 -1.09
N ARG A 30 10.34 -8.79 -1.42
CA ARG A 30 10.78 -10.15 -1.12
C ARG A 30 12.00 -10.53 -1.96
N GLU A 31 11.88 -10.36 -3.27
CA GLU A 31 12.98 -10.69 -4.18
C GLU A 31 14.20 -9.83 -3.88
N LEU A 32 13.97 -8.55 -3.60
CA LEU A 32 15.05 -7.62 -3.29
C LEU A 32 15.92 -8.15 -2.15
N LYS A 33 15.28 -8.44 -1.02
CA LYS A 33 16.00 -8.96 0.14
C LYS A 33 16.63 -10.32 -0.16
N ALA A 34 15.91 -11.15 -0.88
CA ALA A 34 16.40 -12.47 -1.25
C ALA A 34 17.65 -12.38 -2.10
N GLN A 35 17.82 -11.24 -2.77
CA GLN A 35 18.97 -11.02 -3.63
C GLN A 35 20.03 -10.18 -2.92
N LYS A 36 20.00 -10.19 -1.60
CA LYS A 36 20.94 -9.43 -0.80
C LYS A 36 21.08 -8.01 -1.32
N ALA A 37 19.97 -7.43 -1.77
CA ALA A 37 19.96 -6.07 -2.29
C ALA A 37 20.44 -5.07 -1.25
N ASP A 38 20.89 -3.91 -1.70
CA ASP A 38 21.38 -2.88 -0.80
C ASP A 38 20.30 -2.48 0.20
N LYS A 39 20.60 -2.68 1.49
CA LYS A 39 19.66 -2.35 2.55
C LYS A 39 18.92 -1.06 2.24
N ASN A 40 19.67 -0.02 1.88
CA ASN A 40 19.08 1.27 1.56
C ASN A 40 18.24 1.18 0.28
N GLU A 41 18.75 0.45 -0.70
CA GLU A 41 18.04 0.28 -1.97
C GLU A 41 16.69 -0.40 -1.76
N VAL A 42 16.61 -1.22 -0.72
CA VAL A 42 15.38 -1.93 -0.40
C VAL A 42 14.35 -1.00 0.23
N ALA A 43 14.82 -0.10 1.07
CA ALA A 43 13.95 0.86 1.74
C ALA A 43 13.05 1.58 0.74
N ALA A 44 13.67 2.13 -0.30
CA ALA A 44 12.93 2.85 -1.33
C ALA A 44 11.59 2.17 -1.62
N GLU A 45 11.61 0.84 -1.71
CA GLU A 45 10.40 0.08 -1.99
C GLU A 45 9.53 -0.01 -0.74
N VAL A 46 10.08 -0.57 0.33
CA VAL A 46 9.35 -0.72 1.59
C VAL A 46 8.63 0.58 1.95
N ALA A 47 9.16 1.70 1.47
CA ALA A 47 8.57 3.00 1.75
C ALA A 47 7.22 3.15 1.06
N LYS A 48 7.10 2.60 -0.14
CA LYS A 48 5.87 2.68 -0.90
C LYS A 48 4.89 1.59 -0.45
N LEU A 49 5.42 0.53 0.14
CA LEU A 49 4.59 -0.58 0.63
C LEU A 49 3.81 -0.17 1.87
N LEU A 50 4.44 0.63 2.72
CA LEU A 50 3.81 1.10 3.95
C LEU A 50 2.53 1.87 3.64
N ASP A 51 2.57 2.71 2.62
CA ASP A 51 1.42 3.50 2.22
C ASP A 51 0.37 2.63 1.55
N LEU A 52 0.81 1.78 0.62
CA LEU A 52 -0.09 0.89 -0.09
C LEU A 52 -1.02 0.17 0.87
N LYS A 53 -0.43 -0.49 1.87
CA LYS A 53 -1.21 -1.23 2.86
C LYS A 53 -2.46 -0.44 3.27
N LYS A 54 -2.28 0.85 3.51
CA LYS A 54 -3.39 1.71 3.91
C LYS A 54 -4.35 1.92 2.74
N GLN A 55 -3.88 2.60 1.70
CA GLN A 55 -4.70 2.86 0.53
C GLN A 55 -5.52 1.64 0.14
N LEU A 56 -5.01 0.46 0.49
CA LEU A 56 -5.70 -0.79 0.18
C LEU A 56 -6.76 -1.11 1.25
N ALA A 57 -6.30 -1.36 2.46
CA ALA A 57 -7.20 -1.66 3.57
C ALA A 57 -8.26 -0.57 3.74
N VAL A 58 -7.80 0.66 3.88
CA VAL A 58 -8.71 1.79 4.05
C VAL A 58 -9.76 1.83 2.95
N ALA A 59 -9.31 1.65 1.71
CA ALA A 59 -10.22 1.67 0.57
C ALA A 59 -11.30 0.61 0.72
N GLU A 60 -10.93 -0.56 1.21
CA GLU A 60 -11.88 -1.65 1.41
C GLU A 60 -12.94 -1.27 2.43
N GLY A 61 -12.49 -0.68 3.54
CA GLY A 61 -13.42 -0.27 4.58
C GLY A 61 -12.79 -0.30 5.96
N LYS A 62 -11.91 -1.28 6.19
CA LYS A 62 -11.24 -1.41 7.47
C LYS A 62 -10.76 -0.05 7.98
N PRO A 63 -10.80 0.14 9.31
CA PRO A 63 -10.37 1.38 9.95
C PRO A 63 -8.86 1.58 9.86
N PRO A 64 -8.43 2.85 9.82
CA PRO A 64 -7.01 3.20 9.75
C PRO A 64 -6.26 2.90 11.04
N GLU A 65 -5.08 3.47 11.18
CA GLU A 65 -4.26 3.27 12.38
C GLU A 65 -4.81 4.07 13.55
N ALA A 66 -6.10 3.89 13.83
CA ALA A 66 -6.74 4.60 14.94
C ALA A 66 -5.78 4.79 16.10
N PRO A 67 -5.29 3.68 16.66
CA PRO A 67 -4.35 3.70 17.78
C PRO A 67 -2.97 4.22 17.38
N LYS A 68 -2.42 3.65 16.32
CA LYS A 68 -1.11 4.06 15.83
C LYS A 68 -1.22 5.25 14.88
N GLY A 69 -1.77 6.35 15.39
CA GLY A 69 -1.92 7.54 14.57
C GLY A 69 -0.84 8.56 14.83
N LYS A 70 0.41 8.10 14.91
CA LYS A 70 1.54 8.98 15.15
C LYS A 70 1.49 10.20 14.23
N LYS A 71 1.54 11.39 14.82
CA LYS A 71 1.50 12.63 14.06
C LYS A 71 2.77 13.44 14.28
N LYS A 72 3.48 13.75 13.19
CA LYS A 72 4.71 14.52 13.27
C LYS A 72 4.50 15.94 12.74
N LYS A 73 4.06 16.04 11.49
CA LYS A 73 3.81 17.33 10.86
C LYS A 73 2.53 17.30 10.04
N SER A 74 2.08 18.47 9.59
CA SER A 74 0.87 18.58 8.80
C SER A 74 1.19 19.06 7.38
N GLY A 75 0.28 18.79 6.45
CA GLY A 75 0.48 19.19 5.07
C GLY A 75 -0.40 20.35 4.67
N PRO A 76 0.04 21.58 5.01
CA PRO A 76 -0.71 22.80 4.69
C PRO A 76 -0.73 23.10 3.20
N SER A 77 -1.42 24.17 2.81
CA SER A 77 -1.52 24.57 1.41
C SER A 77 -0.50 25.65 1.08
N SER A 78 -0.51 26.72 1.86
CA SER A 78 0.41 27.83 1.63
C SER A 78 1.85 27.32 1.54
N GLY A 79 2.57 27.80 0.53
CA GLY A 79 3.96 27.39 0.34
C GLY A 79 4.38 27.43 -1.11
N GLY A 1 -10.80 -5.23 -14.30
CA GLY A 1 -9.79 -5.13 -13.27
C GLY A 1 -8.38 -5.08 -13.83
N SER A 2 -7.99 -6.13 -14.55
CA SER A 2 -6.66 -6.20 -15.13
C SER A 2 -6.64 -5.54 -16.51
N SER A 3 -5.62 -4.72 -16.77
CA SER A 3 -5.49 -4.03 -18.04
C SER A 3 -6.84 -3.48 -18.50
N GLY A 4 -7.59 -2.92 -17.56
CA GLY A 4 -8.90 -2.36 -17.89
C GLY A 4 -9.13 -1.03 -17.23
N SER A 5 -8.34 -0.03 -17.59
CA SER A 5 -8.47 1.31 -17.02
C SER A 5 -9.43 2.16 -17.84
N SER A 6 -10.71 2.13 -17.45
CA SER A 6 -11.73 2.90 -18.15
C SER A 6 -11.42 4.39 -18.10
N GLY A 7 -10.96 4.86 -16.94
CA GLY A 7 -10.63 6.27 -16.78
C GLY A 7 -11.21 6.85 -15.50
N THR A 8 -12.42 6.45 -15.17
CA THR A 8 -13.09 6.94 -13.96
C THR A 8 -12.45 6.36 -12.71
N THR A 9 -12.52 7.12 -11.61
CA THR A 9 -11.94 6.68 -10.34
C THR A 9 -13.00 6.60 -9.26
N ALA A 10 -13.53 5.39 -9.04
CA ALA A 10 -14.54 5.17 -8.03
C ALA A 10 -13.96 4.51 -6.79
N LYS A 11 -14.68 4.59 -5.68
CA LYS A 11 -14.23 4.00 -4.42
C LYS A 11 -14.14 2.47 -4.54
N PRO A 12 -15.29 1.84 -4.84
CA PRO A 12 -15.36 0.38 -4.99
C PRO A 12 -14.64 -0.11 -6.24
N GLN A 13 -14.17 0.82 -7.06
CA GLN A 13 -13.47 0.48 -8.29
C GLN A 13 -11.96 0.53 -8.08
N GLN A 14 -11.47 1.69 -7.66
CA GLN A 14 -10.03 1.87 -7.43
C GLN A 14 -9.46 0.69 -6.65
N ILE A 15 -10.30 0.07 -5.81
CA ILE A 15 -9.87 -1.07 -5.02
C ILE A 15 -9.00 -2.03 -5.84
N GLN A 16 -9.57 -2.53 -6.94
CA GLN A 16 -8.85 -3.45 -7.80
C GLN A 16 -7.48 -2.89 -8.19
N ALA A 17 -7.47 -1.66 -8.69
CA ALA A 17 -6.24 -1.01 -9.10
C ALA A 17 -5.23 -0.98 -7.94
N LEU A 18 -5.75 -1.08 -6.72
CA LEU A 18 -4.90 -1.07 -5.53
C LEU A 18 -4.42 -2.47 -5.18
N MET A 19 -5.36 -3.40 -5.03
CA MET A 19 -5.02 -4.77 -4.70
C MET A 19 -3.91 -5.29 -5.60
N ASP A 20 -4.00 -4.98 -6.88
CA ASP A 20 -3.00 -5.41 -7.85
C ASP A 20 -1.61 -4.91 -7.45
N GLU A 21 -1.45 -3.59 -7.43
CA GLU A 21 -0.18 -2.98 -7.08
C GLU A 21 0.33 -3.52 -5.74
N VAL A 22 -0.57 -3.59 -4.77
CA VAL A 22 -0.22 -4.09 -3.44
C VAL A 22 0.45 -5.46 -3.52
N THR A 23 -0.08 -6.31 -4.40
CA THR A 23 0.47 -7.65 -4.58
C THR A 23 1.86 -7.61 -5.19
N LYS A 24 1.95 -7.06 -6.40
CA LYS A 24 3.23 -6.95 -7.09
C LYS A 24 4.29 -6.35 -6.19
N GLN A 25 3.99 -5.19 -5.61
CA GLN A 25 4.91 -4.51 -4.71
C GLN A 25 5.56 -5.50 -3.74
N GLY A 26 4.72 -6.17 -2.95
CA GLY A 26 5.22 -7.13 -1.98
C GLY A 26 6.27 -8.05 -2.57
N ASN A 27 5.94 -8.69 -3.70
CA ASN A 27 6.87 -9.60 -4.36
C ASN A 27 8.21 -8.92 -4.61
N ILE A 28 8.17 -7.73 -5.19
CA ILE A 28 9.38 -6.98 -5.48
C ILE A 28 10.24 -6.81 -4.23
N VAL A 29 9.58 -6.56 -3.10
CA VAL A 29 10.28 -6.38 -1.83
C VAL A 29 10.91 -7.68 -1.36
N ARG A 30 10.17 -8.78 -1.50
CA ARG A 30 10.64 -10.09 -1.09
C ARG A 30 11.92 -10.46 -1.84
N GLU A 31 11.89 -10.33 -3.16
CA GLU A 31 13.03 -10.65 -3.99
C GLU A 31 14.23 -9.77 -3.64
N LEU A 32 13.95 -8.48 -3.41
CA LEU A 32 15.00 -7.53 -3.06
C LEU A 32 15.83 -8.03 -1.88
N LYS A 33 15.15 -8.62 -0.91
CA LYS A 33 15.81 -9.15 0.28
C LYS A 33 16.58 -10.41 -0.05
N ALA A 34 16.00 -11.26 -0.87
CA ALA A 34 16.64 -12.51 -1.28
C ALA A 34 17.92 -12.25 -2.04
N GLN A 35 17.96 -11.14 -2.77
CA GLN A 35 19.14 -10.78 -3.55
C GLN A 35 20.02 -9.81 -2.78
N LYS A 36 19.90 -9.82 -1.46
CA LYS A 36 20.69 -8.95 -0.61
C LYS A 36 20.94 -7.60 -1.29
N ALA A 37 19.92 -7.08 -1.95
CA ALA A 37 20.03 -5.80 -2.64
C ALA A 37 20.50 -4.70 -1.70
N ASP A 38 20.98 -3.61 -2.26
CA ASP A 38 21.46 -2.48 -1.47
C ASP A 38 20.39 -2.00 -0.50
N LYS A 39 20.69 -2.06 0.79
CA LYS A 39 19.75 -1.63 1.82
C LYS A 39 19.01 -0.38 1.39
N ASN A 40 19.74 0.73 1.30
CA ASN A 40 19.15 2.00 0.89
C ASN A 40 18.14 1.80 -0.24
N GLU A 41 18.58 1.14 -1.30
CA GLU A 41 17.72 0.87 -2.45
C GLU A 41 16.42 0.19 -2.02
N VAL A 42 16.56 -0.92 -1.30
CA VAL A 42 15.42 -1.67 -0.82
C VAL A 42 14.44 -0.77 -0.05
N ALA A 43 14.98 0.00 0.90
CA ALA A 43 14.17 0.90 1.69
C ALA A 43 13.14 1.63 0.83
N ALA A 44 13.58 2.08 -0.35
CA ALA A 44 12.69 2.79 -1.27
C ALA A 44 11.36 2.07 -1.41
N GLU A 45 11.43 0.76 -1.67
CA GLU A 45 10.21 -0.03 -1.85
C GLU A 45 9.55 -0.30 -0.49
N VAL A 46 10.35 -0.66 0.50
CA VAL A 46 9.84 -0.94 1.84
C VAL A 46 8.84 0.14 2.28
N ALA A 47 9.34 1.35 2.46
CA ALA A 47 8.51 2.46 2.88
C ALA A 47 7.24 2.55 2.04
N LYS A 48 7.41 2.43 0.72
CA LYS A 48 6.29 2.49 -0.21
C LYS A 48 5.23 1.45 0.14
N LEU A 49 5.65 0.21 0.29
CA LEU A 49 4.75 -0.88 0.64
C LEU A 49 4.00 -0.58 1.93
N LEU A 50 4.74 -0.13 2.94
CA LEU A 50 4.14 0.20 4.23
C LEU A 50 2.96 1.13 4.07
N ASP A 51 2.94 1.87 2.96
CA ASP A 51 1.86 2.81 2.68
C ASP A 51 0.73 2.11 1.92
N LEU A 52 1.10 1.29 0.94
CA LEU A 52 0.11 0.57 0.14
C LEU A 52 -0.86 -0.20 1.03
N LYS A 53 -0.46 -0.44 2.27
CA LYS A 53 -1.28 -1.16 3.22
C LYS A 53 -2.41 -0.27 3.74
N LYS A 54 -2.15 1.03 3.82
CA LYS A 54 -3.13 1.99 4.29
C LYS A 54 -4.10 2.37 3.18
N GLN A 55 -3.57 2.48 1.96
CA GLN A 55 -4.39 2.84 0.80
C GLN A 55 -5.35 1.72 0.44
N LEU A 56 -4.86 0.49 0.50
CA LEU A 56 -5.67 -0.68 0.17
C LEU A 56 -6.81 -0.84 1.19
N ALA A 57 -6.43 -1.13 2.43
CA ALA A 57 -7.41 -1.30 3.50
C ALA A 57 -8.52 -0.26 3.41
N VAL A 58 -8.13 1.02 3.50
CA VAL A 58 -9.08 2.11 3.43
C VAL A 58 -10.04 1.93 2.26
N ALA A 59 -9.49 1.80 1.06
CA ALA A 59 -10.29 1.63 -0.14
C ALA A 59 -11.48 0.70 0.11
N GLU A 60 -11.23 -0.37 0.86
CA GLU A 60 -12.27 -1.33 1.18
C GLU A 60 -13.16 -0.82 2.31
N GLY A 61 -12.54 -0.22 3.32
CA GLY A 61 -13.29 0.31 4.44
C GLY A 61 -12.64 0.00 5.78
N LYS A 62 -11.54 -0.75 5.73
CA LYS A 62 -10.82 -1.12 6.95
C LYS A 62 -10.26 0.11 7.64
N PRO A 63 -10.25 0.08 8.99
CA PRO A 63 -9.74 1.19 9.80
C PRO A 63 -8.23 1.34 9.69
N PRO A 64 -7.74 2.56 9.92
CA PRO A 64 -6.31 2.87 9.85
C PRO A 64 -5.53 2.25 11.00
N GLU A 65 -4.31 2.73 11.22
CA GLU A 65 -3.47 2.22 12.30
C GLU A 65 -3.92 2.75 13.65
N ALA A 66 -5.21 2.58 13.94
CA ALA A 66 -5.77 3.04 15.20
C ALA A 66 -4.77 2.91 16.33
N PRO A 67 -4.44 1.66 16.68
CA PRO A 67 -3.48 1.37 17.75
C PRO A 67 -2.05 1.75 17.38
N LYS A 68 -1.61 1.30 16.21
CA LYS A 68 -0.26 1.59 15.73
C LYS A 68 -0.05 3.10 15.60
N GLY A 69 0.79 3.65 16.46
CA GLY A 69 1.07 5.07 16.42
C GLY A 69 2.33 5.40 15.64
N LYS A 70 2.16 5.88 14.41
CA LYS A 70 3.29 6.24 13.56
C LYS A 70 3.84 7.62 13.92
N LYS A 71 5.14 7.67 14.22
CA LYS A 71 5.78 8.94 14.58
C LYS A 71 6.34 9.62 13.36
N LYS A 72 5.53 9.73 12.31
CA LYS A 72 5.94 10.37 11.06
C LYS A 72 4.80 11.18 10.47
N LYS A 73 5.16 12.28 9.80
CA LYS A 73 4.17 13.14 9.17
C LYS A 73 3.10 12.32 8.45
N SER A 74 1.93 12.92 8.24
CA SER A 74 0.83 12.25 7.57
C SER A 74 -0.14 13.24 6.96
N GLY A 75 -0.78 12.86 5.86
CA GLY A 75 -1.73 13.74 5.20
C GLY A 75 -3.02 13.04 4.85
N PRO A 76 -3.93 12.92 5.84
CA PRO A 76 -5.22 12.27 5.67
C PRO A 76 -6.16 13.08 4.78
N SER A 77 -6.12 12.80 3.48
CA SER A 77 -6.97 13.52 2.53
C SER A 77 -7.60 12.54 1.53
N SER A 78 -8.77 12.92 1.01
CA SER A 78 -9.48 12.07 0.06
C SER A 78 -9.97 12.90 -1.12
N GLY A 79 -10.26 12.22 -2.24
CA GLY A 79 -10.73 12.91 -3.42
C GLY A 79 -9.75 13.95 -3.93
N GLY A 1 -16.16 -9.74 -16.17
CA GLY A 1 -15.80 -10.53 -17.33
C GLY A 1 -14.42 -10.19 -17.87
N SER A 2 -14.21 -10.45 -19.15
CA SER A 2 -12.93 -10.17 -19.78
C SER A 2 -12.85 -8.72 -20.25
N SER A 3 -13.34 -7.82 -19.41
CA SER A 3 -13.34 -6.39 -19.73
C SER A 3 -13.28 -5.54 -18.47
N GLY A 4 -12.40 -4.56 -18.47
CA GLY A 4 -12.24 -3.68 -17.32
C GLY A 4 -11.63 -2.34 -17.67
N SER A 5 -12.34 -1.57 -18.48
CA SER A 5 -11.85 -0.26 -18.91
C SER A 5 -12.05 0.77 -17.81
N SER A 6 -10.95 1.44 -17.42
CA SER A 6 -11.01 2.44 -16.36
C SER A 6 -11.46 3.78 -16.93
N GLY A 7 -11.90 4.67 -16.04
CA GLY A 7 -12.37 5.97 -16.46
C GLY A 7 -12.70 6.88 -15.29
N THR A 8 -13.76 6.54 -14.56
CA THR A 8 -14.19 7.34 -13.42
C THR A 8 -13.63 6.76 -12.12
N THR A 9 -13.19 7.64 -11.23
CA THR A 9 -12.63 7.22 -9.95
C THR A 9 -13.74 6.80 -8.98
N ALA A 10 -13.72 5.53 -8.59
CA ALA A 10 -14.72 5.00 -7.67
C ALA A 10 -14.06 4.31 -6.49
N LYS A 11 -14.75 4.29 -5.35
CA LYS A 11 -14.23 3.66 -4.15
C LYS A 11 -14.15 2.15 -4.32
N PRO A 12 -15.32 1.52 -4.58
CA PRO A 12 -15.41 0.06 -4.78
C PRO A 12 -14.76 -0.39 -6.08
N GLN A 13 -14.24 0.58 -6.84
CA GLN A 13 -13.60 0.28 -8.12
C GLN A 13 -12.08 0.39 -8.00
N GLN A 14 -11.62 1.43 -7.31
CA GLN A 14 -10.19 1.65 -7.12
C GLN A 14 -9.55 0.47 -6.41
N ILE A 15 -10.34 -0.23 -5.62
CA ILE A 15 -9.85 -1.39 -4.87
C ILE A 15 -8.99 -2.29 -5.75
N GLN A 16 -9.58 -2.78 -6.85
CA GLN A 16 -8.88 -3.64 -7.78
C GLN A 16 -7.53 -3.04 -8.17
N ALA A 17 -7.57 -1.82 -8.71
CA ALA A 17 -6.36 -1.13 -9.13
C ALA A 17 -5.30 -1.16 -8.02
N LEU A 18 -5.75 -1.04 -6.78
CA LEU A 18 -4.84 -1.05 -5.65
C LEU A 18 -4.26 -2.44 -5.42
N MET A 19 -5.15 -3.42 -5.28
CA MET A 19 -4.73 -4.80 -5.06
C MET A 19 -3.68 -5.23 -6.10
N ASP A 20 -3.72 -4.59 -7.26
CA ASP A 20 -2.77 -4.89 -8.33
C ASP A 20 -1.39 -4.33 -8.01
N GLU A 21 -1.31 -3.03 -7.77
CA GLU A 21 -0.06 -2.38 -7.46
C GLU A 21 0.53 -2.93 -6.17
N VAL A 22 -0.33 -3.17 -5.19
CA VAL A 22 0.11 -3.70 -3.90
C VAL A 22 0.85 -5.03 -4.07
N THR A 23 0.23 -5.96 -4.78
CA THR A 23 0.83 -7.27 -5.01
C THR A 23 2.24 -7.12 -5.59
N LYS A 24 2.36 -6.41 -6.70
CA LYS A 24 3.65 -6.20 -7.35
C LYS A 24 4.67 -5.66 -6.35
N GLN A 25 4.36 -4.52 -5.74
CA GLN A 25 5.25 -3.90 -4.77
C GLN A 25 5.56 -4.87 -3.63
N GLY A 26 4.58 -5.68 -3.27
CA GLY A 26 4.77 -6.63 -2.19
C GLY A 26 5.76 -7.73 -2.55
N ASN A 27 5.50 -8.40 -3.67
CA ASN A 27 6.38 -9.48 -4.13
C ASN A 27 7.78 -8.95 -4.41
N ILE A 28 7.85 -7.73 -4.92
CA ILE A 28 9.14 -7.11 -5.23
C ILE A 28 9.99 -6.92 -3.99
N VAL A 29 9.33 -6.52 -2.90
CA VAL A 29 10.03 -6.31 -1.63
C VAL A 29 10.55 -7.63 -1.06
N ARG A 30 9.79 -8.70 -1.26
CA ARG A 30 10.18 -10.01 -0.77
C ARG A 30 11.41 -10.53 -1.50
N GLU A 31 11.38 -10.46 -2.83
CA GLU A 31 12.49 -10.92 -3.65
C GLU A 31 13.75 -10.10 -3.36
N LEU A 32 13.58 -8.79 -3.22
CA LEU A 32 14.70 -7.89 -2.96
C LEU A 32 15.52 -8.39 -1.77
N LYS A 33 14.83 -8.66 -0.66
CA LYS A 33 15.49 -9.14 0.55
C LYS A 33 16.25 -10.44 0.27
N ALA A 34 15.60 -11.36 -0.41
CA ALA A 34 16.21 -12.65 -0.74
C ALA A 34 17.42 -12.45 -1.65
N GLN A 35 17.39 -11.39 -2.45
CA GLN A 35 18.49 -11.10 -3.37
C GLN A 35 19.53 -10.22 -2.70
N LYS A 36 19.62 -10.32 -1.38
CA LYS A 36 20.58 -9.53 -0.61
C LYS A 36 20.79 -8.16 -1.25
N ALA A 37 19.70 -7.53 -1.67
CA ALA A 37 19.76 -6.22 -2.29
C ALA A 37 20.21 -5.16 -1.30
N ASP A 38 20.79 -4.08 -1.80
CA ASP A 38 21.27 -2.99 -0.95
C ASP A 38 20.16 -2.50 -0.02
N LYS A 39 20.49 -2.37 1.26
CA LYS A 39 19.52 -1.91 2.25
C LYS A 39 18.76 -0.69 1.75
N ASN A 40 19.50 0.32 1.30
CA ASN A 40 18.90 1.55 0.80
C ASN A 40 17.94 1.24 -0.36
N GLU A 41 18.40 0.42 -1.29
CA GLU A 41 17.58 0.05 -2.44
C GLU A 41 16.28 -0.62 -2.00
N VAL A 42 16.39 -1.56 -1.07
CA VAL A 42 15.22 -2.27 -0.56
C VAL A 42 14.31 -1.33 0.21
N ALA A 43 14.90 -0.43 0.99
CA ALA A 43 14.13 0.53 1.78
C ALA A 43 13.20 1.34 0.89
N ALA A 44 13.78 2.05 -0.07
CA ALA A 44 12.99 2.88 -0.99
C ALA A 44 11.68 2.20 -1.34
N GLU A 45 11.72 0.88 -1.51
CA GLU A 45 10.52 0.12 -1.85
C GLU A 45 9.61 -0.05 -0.64
N VAL A 46 10.21 -0.40 0.50
CA VAL A 46 9.46 -0.59 1.73
C VAL A 46 8.73 0.69 2.14
N ALA A 47 9.42 1.81 1.97
CA ALA A 47 8.83 3.11 2.32
C ALA A 47 7.52 3.33 1.58
N LYS A 48 7.54 3.12 0.27
CA LYS A 48 6.35 3.30 -0.56
C LYS A 48 5.36 2.16 -0.33
N LEU A 49 5.87 0.99 0.00
CA LEU A 49 5.03 -0.18 0.25
C LEU A 49 4.18 0.02 1.50
N LEU A 50 4.82 0.41 2.60
CA LEU A 50 4.12 0.63 3.85
C LEU A 50 2.86 1.47 3.63
N ASP A 51 2.98 2.50 2.80
CA ASP A 51 1.84 3.38 2.50
C ASP A 51 0.78 2.63 1.70
N LEU A 52 1.23 1.83 0.73
CA LEU A 52 0.31 1.06 -0.11
C LEU A 52 -0.61 0.19 0.74
N LYS A 53 -0.08 -0.31 1.85
CA LYS A 53 -0.85 -1.16 2.75
C LYS A 53 -2.14 -0.46 3.19
N LYS A 54 -2.03 0.82 3.50
CA LYS A 54 -3.19 1.61 3.92
C LYS A 54 -4.16 1.80 2.78
N GLN A 55 -3.70 2.45 1.71
CA GLN A 55 -4.54 2.70 0.55
C GLN A 55 -5.35 1.46 0.18
N LEU A 56 -4.87 0.30 0.61
CA LEU A 56 -5.56 -0.95 0.33
C LEU A 56 -6.60 -1.26 1.40
N ALA A 57 -6.14 -1.53 2.61
CA ALA A 57 -7.04 -1.82 3.72
C ALA A 57 -8.13 -0.77 3.85
N VAL A 58 -7.73 0.50 3.91
CA VAL A 58 -8.68 1.59 4.02
C VAL A 58 -9.72 1.53 2.91
N ALA A 59 -9.26 1.28 1.69
CA ALA A 59 -10.15 1.20 0.54
C ALA A 59 -11.29 0.21 0.80
N GLU A 60 -10.94 -1.05 1.04
CA GLU A 60 -11.93 -2.08 1.30
C GLU A 60 -12.77 -1.74 2.53
N GLY A 61 -12.12 -1.15 3.53
CA GLY A 61 -12.82 -0.77 4.75
C GLY A 61 -12.38 -1.59 5.95
N LYS A 62 -11.15 -2.09 5.90
CA LYS A 62 -10.60 -2.89 6.98
C LYS A 62 -9.83 -2.01 7.96
N PRO A 63 -9.92 -2.36 9.26
CA PRO A 63 -9.23 -1.61 10.32
C PRO A 63 -7.72 -1.81 10.27
N PRO A 64 -6.98 -0.74 10.65
CA PRO A 64 -5.51 -0.77 10.65
C PRO A 64 -4.95 -1.67 11.75
N GLU A 65 -3.63 -1.67 11.90
CA GLU A 65 -2.98 -2.48 12.91
C GLU A 65 -3.76 -2.46 14.22
N ALA A 66 -4.17 -1.27 14.63
CA ALA A 66 -4.93 -1.12 15.87
C ALA A 66 -4.08 -1.45 17.08
N PRO A 67 -2.91 -0.79 17.19
CA PRO A 67 -1.98 -1.00 18.29
C PRO A 67 -2.52 -0.46 19.62
N LYS A 68 -1.94 -0.91 20.72
CA LYS A 68 -2.36 -0.47 22.05
C LYS A 68 -1.56 0.75 22.49
N GLY A 69 -2.27 1.84 22.77
CA GLY A 69 -1.60 3.06 23.20
C GLY A 69 -2.34 4.31 22.76
N LYS A 70 -3.36 4.70 23.52
CA LYS A 70 -4.15 5.87 23.19
C LYS A 70 -3.36 7.16 23.49
N LYS A 71 -2.57 7.12 24.56
CA LYS A 71 -1.76 8.27 24.95
C LYS A 71 -0.49 8.34 24.12
N LYS A 72 -0.63 8.22 22.80
CA LYS A 72 0.51 8.28 21.89
C LYS A 72 1.44 9.43 22.28
N LYS A 73 0.89 10.62 22.42
CA LYS A 73 1.67 11.80 22.79
C LYS A 73 1.40 12.21 24.23
N SER A 74 2.40 12.81 24.86
CA SER A 74 2.27 13.25 26.24
C SER A 74 1.64 14.64 26.32
N GLY A 75 0.43 14.70 26.84
CA GLY A 75 -0.26 15.97 26.96
C GLY A 75 -1.72 15.89 26.55
N PRO A 76 -2.39 17.05 26.46
CA PRO A 76 -3.80 17.12 26.08
C PRO A 76 -4.02 16.79 24.61
N SER A 77 -4.52 15.58 24.36
CA SER A 77 -4.77 15.13 22.99
C SER A 77 -6.18 14.55 22.87
N SER A 78 -6.73 14.59 21.65
CA SER A 78 -8.06 14.07 21.39
C SER A 78 -8.32 13.96 19.89
N GLY A 79 -9.48 13.41 19.54
CA GLY A 79 -9.83 13.24 18.14
C GLY A 79 -9.63 14.52 17.34
N GLY A 1 -14.55 -8.88 -29.02
CA GLY A 1 -13.72 -7.69 -29.03
C GLY A 1 -13.49 -7.15 -27.62
N SER A 2 -13.00 -8.00 -26.74
CA SER A 2 -12.74 -7.61 -25.35
C SER A 2 -12.18 -6.19 -25.29
N SER A 3 -12.95 -5.28 -24.71
CA SER A 3 -12.53 -3.89 -24.58
C SER A 3 -12.95 -3.32 -23.24
N GLY A 4 -11.98 -2.76 -22.52
CA GLY A 4 -12.26 -2.18 -21.21
C GLY A 4 -11.17 -1.24 -20.75
N SER A 5 -11.53 0.01 -20.49
CA SER A 5 -10.57 1.01 -20.04
C SER A 5 -10.23 0.81 -18.56
N SER A 6 -9.08 0.20 -18.30
CA SER A 6 -8.66 -0.06 -16.93
C SER A 6 -7.88 1.14 -16.37
N GLY A 7 -8.60 2.08 -15.78
CA GLY A 7 -7.98 3.26 -15.22
C GLY A 7 -8.92 4.44 -15.13
N THR A 8 -10.04 4.25 -14.42
CA THR A 8 -11.03 5.30 -14.27
C THR A 8 -11.03 5.84 -12.84
N THR A 9 -11.80 6.90 -12.61
CA THR A 9 -11.89 7.51 -11.29
C THR A 9 -13.15 7.05 -10.56
N ALA A 10 -12.96 6.10 -9.64
CA ALA A 10 -14.08 5.57 -8.86
C ALA A 10 -13.58 4.86 -7.60
N LYS A 11 -14.44 4.77 -6.60
CA LYS A 11 -14.08 4.10 -5.35
C LYS A 11 -13.99 2.59 -5.54
N PRO A 12 -15.12 1.98 -5.96
CA PRO A 12 -15.20 0.54 -6.19
C PRO A 12 -14.38 0.10 -7.40
N GLN A 13 -13.71 1.06 -8.04
CA GLN A 13 -12.90 0.78 -9.21
C GLN A 13 -11.41 0.72 -8.86
N GLN A 14 -10.93 1.76 -8.21
CA GLN A 14 -9.53 1.83 -7.81
C GLN A 14 -9.13 0.59 -7.01
N ILE A 15 -10.03 0.14 -6.14
CA ILE A 15 -9.77 -1.04 -5.32
C ILE A 15 -9.07 -2.13 -6.12
N GLN A 16 -9.74 -2.62 -7.16
CA GLN A 16 -9.17 -3.65 -8.01
C GLN A 16 -7.72 -3.35 -8.36
N ALA A 17 -7.46 -2.10 -8.71
CA ALA A 17 -6.11 -1.67 -9.07
C ALA A 17 -5.19 -1.70 -7.86
N LEU A 18 -5.72 -1.28 -6.71
CA LEU A 18 -4.94 -1.26 -5.47
C LEU A 18 -4.44 -2.66 -5.12
N MET A 19 -5.39 -3.55 -4.82
CA MET A 19 -5.05 -4.93 -4.46
C MET A 19 -3.93 -5.46 -5.36
N ASP A 20 -3.97 -5.07 -6.63
CA ASP A 20 -2.96 -5.51 -7.60
C ASP A 20 -1.57 -5.02 -7.20
N GLU A 21 -1.43 -3.70 -7.11
CA GLU A 21 -0.15 -3.11 -6.74
C GLU A 21 0.29 -3.57 -5.36
N VAL A 22 -0.66 -3.69 -4.45
CA VAL A 22 -0.35 -4.13 -3.08
C VAL A 22 0.33 -5.49 -3.09
N THR A 23 -0.12 -6.37 -3.97
CA THR A 23 0.45 -7.71 -4.08
C THR A 23 1.84 -7.67 -4.70
N LYS A 24 1.91 -7.14 -5.92
CA LYS A 24 3.19 -7.05 -6.63
C LYS A 24 4.27 -6.47 -5.73
N GLN A 25 3.91 -5.44 -4.96
CA GLN A 25 4.86 -4.80 -4.05
C GLN A 25 5.62 -5.84 -3.24
N GLY A 26 4.88 -6.67 -2.50
CA GLY A 26 5.50 -7.70 -1.70
C GLY A 26 6.53 -8.51 -2.47
N ASN A 27 6.19 -8.83 -3.72
CA ASN A 27 7.09 -9.61 -4.57
C ASN A 27 8.40 -8.86 -4.79
N ILE A 28 8.30 -7.58 -5.07
CA ILE A 28 9.48 -6.75 -5.31
C ILE A 28 10.37 -6.68 -4.07
N VAL A 29 9.73 -6.47 -2.92
CA VAL A 29 10.46 -6.38 -1.65
C VAL A 29 11.09 -7.72 -1.29
N ARG A 30 10.37 -8.80 -1.57
CA ARG A 30 10.87 -10.15 -1.27
C ARG A 30 12.03 -10.51 -2.18
N GLU A 31 11.82 -10.36 -3.49
CA GLU A 31 12.85 -10.68 -4.47
C GLU A 31 14.06 -9.76 -4.32
N LEU A 32 13.79 -8.49 -4.03
CA LEU A 32 14.84 -7.50 -3.87
C LEU A 32 15.87 -7.97 -2.83
N LYS A 33 15.37 -8.45 -1.69
CA LYS A 33 16.25 -8.93 -0.62
C LYS A 33 17.06 -10.13 -1.09
N ALA A 34 16.39 -11.06 -1.77
CA ALA A 34 17.07 -12.26 -2.27
C ALA A 34 18.23 -11.90 -3.19
N GLN A 35 18.05 -10.83 -3.98
CA GLN A 35 19.08 -10.38 -4.90
C GLN A 35 20.05 -9.43 -4.20
N LYS A 36 20.18 -9.59 -2.89
CA LYS A 36 21.07 -8.74 -2.11
C LYS A 36 21.04 -7.29 -2.60
N ALA A 37 19.84 -6.82 -2.93
CA ALA A 37 19.67 -5.45 -3.41
C ALA A 37 20.24 -4.45 -2.42
N ASP A 38 20.55 -3.25 -2.92
CA ASP A 38 21.10 -2.20 -2.07
C ASP A 38 20.11 -1.80 -0.98
N LYS A 39 20.60 -1.72 0.25
CA LYS A 39 19.75 -1.35 1.38
C LYS A 39 18.90 -0.14 1.05
N ASN A 40 19.53 0.91 0.55
CA ASN A 40 18.82 2.14 0.18
C ASN A 40 17.71 1.83 -0.83
N GLU A 41 18.07 1.19 -1.93
CA GLU A 41 17.11 0.85 -2.96
C GLU A 41 15.91 0.12 -2.37
N VAL A 42 16.18 -0.90 -1.57
CA VAL A 42 15.11 -1.68 -0.94
C VAL A 42 14.27 -0.80 -0.01
N ALA A 43 14.94 -0.03 0.84
CA ALA A 43 14.25 0.85 1.77
C ALA A 43 13.07 1.54 1.11
N ALA A 44 13.26 1.97 -0.13
CA ALA A 44 12.20 2.65 -0.88
C ALA A 44 10.92 1.82 -0.88
N GLU A 45 11.00 0.63 -1.44
CA GLU A 45 9.85 -0.26 -1.51
C GLU A 45 9.27 -0.51 -0.11
N VAL A 46 10.14 -0.59 0.88
CA VAL A 46 9.72 -0.82 2.26
C VAL A 46 8.74 0.27 2.71
N ALA A 47 9.22 1.50 2.77
CA ALA A 47 8.38 2.62 3.20
C ALA A 47 7.08 2.66 2.42
N LYS A 48 7.18 2.62 1.09
CA LYS A 48 6.00 2.66 0.23
C LYS A 48 5.03 1.54 0.61
N LEU A 49 5.54 0.31 0.66
CA LEU A 49 4.71 -0.84 1.01
C LEU A 49 3.97 -0.60 2.32
N LEU A 50 4.69 -0.15 3.34
CA LEU A 50 4.11 0.13 4.64
C LEU A 50 2.80 0.91 4.50
N ASP A 51 2.79 1.86 3.57
CA ASP A 51 1.62 2.68 3.34
C ASP A 51 0.53 1.89 2.61
N LEU A 52 0.92 1.22 1.52
CA LEU A 52 -0.01 0.42 0.74
C LEU A 52 -0.94 -0.39 1.65
N LYS A 53 -0.39 -0.86 2.77
CA LYS A 53 -1.16 -1.64 3.72
C LYS A 53 -2.33 -0.84 4.27
N LYS A 54 -2.09 0.44 4.53
CA LYS A 54 -3.13 1.33 5.06
C LYS A 54 -3.99 1.89 3.92
N GLN A 55 -3.36 2.14 2.78
CA GLN A 55 -4.07 2.68 1.63
C GLN A 55 -5.08 1.67 1.09
N LEU A 56 -4.72 0.40 1.13
CA LEU A 56 -5.60 -0.66 0.66
C LEU A 56 -6.87 -0.72 1.48
N ALA A 57 -6.71 -0.79 2.80
CA ALA A 57 -7.85 -0.84 3.71
C ALA A 57 -8.78 0.35 3.51
N VAL A 58 -8.19 1.54 3.43
CA VAL A 58 -8.97 2.75 3.24
C VAL A 58 -9.85 2.65 2.00
N ALA A 59 -9.25 2.34 0.86
CA ALA A 59 -9.99 2.21 -0.39
C ALA A 59 -11.26 1.40 -0.19
N GLU A 60 -11.14 0.27 0.49
CA GLU A 60 -12.29 -0.59 0.75
C GLU A 60 -13.26 0.07 1.72
N GLY A 61 -12.72 0.68 2.78
CA GLY A 61 -13.56 1.33 3.76
C GLY A 61 -12.93 1.34 5.14
N LYS A 62 -12.30 0.22 5.51
CA LYS A 62 -11.67 0.09 6.81
C LYS A 62 -10.61 1.17 7.01
N PRO A 63 -10.45 1.62 8.26
CA PRO A 63 -9.48 2.66 8.62
C PRO A 63 -8.05 2.17 8.51
N PRO A 64 -7.09 3.11 8.46
CA PRO A 64 -5.67 2.80 8.36
C PRO A 64 -5.11 2.17 9.63
N GLU A 65 -3.81 1.95 9.67
CA GLU A 65 -3.16 1.35 10.83
C GLU A 65 -3.84 1.80 12.12
N ALA A 66 -4.07 3.11 12.24
CA ALA A 66 -4.71 3.67 13.42
C ALA A 66 -3.83 3.47 14.66
N PRO A 67 -2.58 3.93 14.58
CA PRO A 67 -1.63 3.81 15.68
C PRO A 67 -1.99 4.72 16.86
N LYS A 68 -1.15 4.70 17.89
CA LYS A 68 -1.38 5.53 19.07
C LYS A 68 -0.81 6.93 18.87
N GLY A 69 -1.29 7.88 19.68
CA GLY A 69 -0.82 9.24 19.58
C GLY A 69 -1.83 10.24 20.09
N LYS A 70 -2.79 10.59 19.25
CA LYS A 70 -3.82 11.55 19.62
C LYS A 70 -5.22 10.96 19.42
N LYS A 71 -5.37 9.69 19.76
CA LYS A 71 -6.65 9.00 19.63
C LYS A 71 -6.73 7.81 20.56
N LYS A 72 -7.95 7.43 20.93
CA LYS A 72 -8.18 6.30 21.82
C LYS A 72 -9.12 5.28 21.18
N LYS A 73 -10.11 5.77 20.46
CA LYS A 73 -11.08 4.90 19.79
C LYS A 73 -11.35 3.65 20.62
N SER A 74 -11.45 3.84 21.94
CA SER A 74 -11.71 2.72 22.84
C SER A 74 -12.77 1.79 22.27
N GLY A 75 -13.90 2.36 21.87
CA GLY A 75 -14.98 1.57 21.31
C GLY A 75 -15.40 0.43 22.22
N PRO A 76 -16.09 -0.56 21.65
CA PRO A 76 -16.57 -1.73 22.40
C PRO A 76 -15.43 -2.64 22.84
N SER A 77 -15.76 -3.71 23.55
CA SER A 77 -14.77 -4.66 24.03
C SER A 77 -13.96 -5.22 22.87
N SER A 78 -12.70 -5.54 23.15
CA SER A 78 -11.80 -6.08 22.13
C SER A 78 -11.76 -7.61 22.20
N GLY A 79 -11.52 -8.13 23.39
CA GLY A 79 -11.46 -9.57 23.58
C GLY A 79 -12.81 -10.17 23.90
N GLY A 1 -8.59 -5.07 -23.02
CA GLY A 1 -9.77 -4.23 -22.84
C GLY A 1 -9.45 -2.76 -23.05
N SER A 2 -8.59 -2.21 -22.20
CA SER A 2 -8.21 -0.81 -22.29
C SER A 2 -6.95 -0.54 -21.48
N SER A 3 -6.16 0.44 -21.93
CA SER A 3 -4.92 0.80 -21.25
C SER A 3 -5.14 0.95 -19.75
N GLY A 4 -6.23 1.62 -19.39
CA GLY A 4 -6.54 1.81 -17.98
C GLY A 4 -6.44 3.27 -17.57
N SER A 5 -7.36 4.09 -18.07
CA SER A 5 -7.36 5.52 -17.76
C SER A 5 -7.77 5.75 -16.31
N SER A 6 -8.95 5.23 -15.94
CA SER A 6 -9.46 5.38 -14.59
C SER A 6 -8.64 4.55 -13.60
N GLY A 7 -7.70 5.19 -12.92
CA GLY A 7 -6.88 4.49 -11.95
C GLY A 7 -7.29 4.78 -10.52
N THR A 8 -6.50 5.61 -9.83
CA THR A 8 -6.78 5.96 -8.45
C THR A 8 -7.74 7.14 -8.37
N THR A 9 -8.71 7.17 -9.27
CA THR A 9 -9.70 8.25 -9.31
C THR A 9 -11.00 7.83 -8.62
N ALA A 10 -11.51 6.67 -9.02
CA ALA A 10 -12.75 6.15 -8.44
C ALA A 10 -12.48 5.33 -7.20
N LYS A 11 -13.34 5.47 -6.19
CA LYS A 11 -13.18 4.72 -4.95
C LYS A 11 -13.31 3.23 -5.18
N PRO A 12 -14.48 2.80 -5.69
CA PRO A 12 -14.75 1.39 -5.98
C PRO A 12 -13.93 0.87 -7.15
N GLN A 13 -13.11 1.74 -7.74
CA GLN A 13 -12.27 1.36 -8.87
C GLN A 13 -10.82 1.15 -8.42
N GLN A 14 -10.30 2.10 -7.66
CA GLN A 14 -8.93 2.02 -7.17
C GLN A 14 -8.71 0.74 -6.36
N ILE A 15 -9.77 0.29 -5.68
CA ILE A 15 -9.70 -0.92 -4.87
C ILE A 15 -8.96 -2.03 -5.61
N GLN A 16 -9.51 -2.44 -6.74
CA GLN A 16 -8.90 -3.49 -7.54
C GLN A 16 -7.40 -3.26 -7.70
N ALA A 17 -7.03 -2.04 -8.07
CA ALA A 17 -5.62 -1.69 -8.25
C ALA A 17 -4.83 -1.88 -6.97
N LEU A 18 -5.38 -1.36 -5.86
CA LEU A 18 -4.72 -1.46 -4.57
C LEU A 18 -4.32 -2.91 -4.28
N MET A 19 -5.30 -3.81 -4.34
CA MET A 19 -5.05 -5.22 -4.09
C MET A 19 -3.91 -5.74 -4.95
N ASP A 20 -3.89 -5.31 -6.21
CA ASP A 20 -2.84 -5.73 -7.15
C ASP A 20 -1.47 -5.26 -6.67
N GLU A 21 -1.37 -3.98 -6.35
CA GLU A 21 -0.12 -3.41 -5.89
C GLU A 21 0.50 -4.27 -4.79
N VAL A 22 -0.25 -4.50 -3.73
CA VAL A 22 0.22 -5.32 -2.61
C VAL A 22 0.93 -6.58 -3.11
N THR A 23 0.35 -7.22 -4.12
CA THR A 23 0.92 -8.43 -4.69
C THR A 23 2.28 -8.15 -5.30
N LYS A 24 2.30 -7.38 -6.38
CA LYS A 24 3.54 -7.04 -7.07
C LYS A 24 4.54 -6.41 -6.11
N GLN A 25 4.19 -5.25 -5.56
CA GLN A 25 5.05 -4.55 -4.62
C GLN A 25 5.56 -5.50 -3.54
N GLY A 26 4.71 -6.45 -3.13
CA GLY A 26 5.08 -7.39 -2.11
C GLY A 26 6.21 -8.32 -2.56
N ASN A 27 6.05 -8.92 -3.74
CA ASN A 27 7.05 -9.82 -4.28
C ASN A 27 8.31 -9.06 -4.68
N ILE A 28 8.13 -7.83 -5.14
CA ILE A 28 9.25 -7.00 -5.56
C ILE A 28 10.21 -6.76 -4.40
N VAL A 29 9.66 -6.49 -3.22
CA VAL A 29 10.46 -6.24 -2.04
C VAL A 29 11.16 -7.51 -1.57
N ARG A 30 10.42 -8.61 -1.55
CA ARG A 30 10.95 -9.89 -1.12
C ARG A 30 12.16 -10.29 -1.96
N GLU A 31 11.99 -10.24 -3.28
CA GLU A 31 13.06 -10.59 -4.21
C GLU A 31 14.26 -9.66 -4.02
N LEU A 32 13.98 -8.37 -3.87
CA LEU A 32 15.04 -7.37 -3.68
C LEU A 32 16.04 -7.84 -2.64
N LYS A 33 15.54 -8.20 -1.47
CA LYS A 33 16.39 -8.66 -0.38
C LYS A 33 17.11 -9.96 -0.77
N ALA A 34 16.41 -10.83 -1.46
CA ALA A 34 16.98 -12.11 -1.90
C ALA A 34 18.17 -11.88 -2.83
N GLN A 35 18.05 -10.89 -3.70
CA GLN A 35 19.12 -10.58 -4.65
C GLN A 35 20.15 -9.64 -4.02
N LYS A 36 20.26 -9.71 -2.70
CA LYS A 36 21.21 -8.86 -1.97
C LYS A 36 21.17 -7.43 -2.49
N ALA A 37 19.96 -6.88 -2.62
CA ALA A 37 19.78 -5.52 -3.10
C ALA A 37 20.32 -4.51 -2.09
N ASP A 38 20.46 -3.27 -2.54
CA ASP A 38 20.97 -2.20 -1.66
C ASP A 38 19.93 -1.82 -0.62
N LYS A 39 20.36 -1.76 0.64
CA LYS A 39 19.47 -1.41 1.74
C LYS A 39 18.68 -0.15 1.42
N ASN A 40 19.37 0.86 0.92
CA ASN A 40 18.72 2.13 0.56
C ASN A 40 17.67 1.91 -0.53
N GLU A 41 18.05 1.19 -1.58
CA GLU A 41 17.13 0.92 -2.68
C GLU A 41 15.88 0.19 -2.18
N VAL A 42 16.09 -0.88 -1.43
CA VAL A 42 14.99 -1.67 -0.89
C VAL A 42 14.06 -0.79 -0.05
N ALA A 43 14.65 0.02 0.81
CA ALA A 43 13.87 0.92 1.67
C ALA A 43 12.77 1.62 0.88
N ALA A 44 13.14 2.20 -0.25
CA ALA A 44 12.19 2.91 -1.09
C ALA A 44 10.91 2.10 -1.26
N GLU A 45 11.06 0.86 -1.72
CA GLU A 45 9.91 -0.02 -1.93
C GLU A 45 9.22 -0.35 -0.61
N VAL A 46 10.02 -0.68 0.40
CA VAL A 46 9.48 -1.01 1.71
C VAL A 46 8.46 0.02 2.18
N ALA A 47 8.90 1.27 2.28
CA ALA A 47 8.02 2.35 2.70
C ALA A 47 6.73 2.37 1.87
N LYS A 48 6.88 2.47 0.56
CA LYS A 48 5.73 2.50 -0.33
C LYS A 48 4.77 1.36 -0.02
N LEU A 49 5.30 0.13 -0.02
CA LEU A 49 4.48 -1.05 0.27
C LEU A 49 3.62 -0.83 1.50
N LEU A 50 4.24 -0.37 2.58
CA LEU A 50 3.53 -0.10 3.83
C LEU A 50 2.33 0.80 3.60
N ASP A 51 2.53 1.83 2.79
CA ASP A 51 1.46 2.78 2.48
C ASP A 51 0.31 2.08 1.75
N LEU A 52 0.65 1.13 0.89
CA LEU A 52 -0.34 0.40 0.12
C LEU A 52 -1.24 -0.41 1.06
N LYS A 53 -0.68 -0.84 2.19
CA LYS A 53 -1.43 -1.62 3.16
C LYS A 53 -2.53 -0.78 3.80
N LYS A 54 -2.25 0.49 4.03
CA LYS A 54 -3.21 1.40 4.63
C LYS A 54 -4.11 2.03 3.57
N GLN A 55 -3.54 2.28 2.39
CA GLN A 55 -4.29 2.87 1.30
C GLN A 55 -5.42 1.96 0.84
N LEU A 56 -5.13 0.66 0.78
CA LEU A 56 -6.13 -0.32 0.36
C LEU A 56 -7.30 -0.36 1.34
N ALA A 57 -7.01 -0.78 2.58
CA ALA A 57 -8.04 -0.87 3.61
C ALA A 57 -9.00 0.32 3.52
N VAL A 58 -8.45 1.52 3.54
CA VAL A 58 -9.25 2.74 3.47
C VAL A 58 -10.26 2.67 2.32
N ALA A 59 -9.80 2.18 1.18
CA ALA A 59 -10.67 2.05 0.01
C ALA A 59 -11.78 1.03 0.26
N GLU A 60 -11.38 -0.20 0.57
CA GLU A 60 -12.33 -1.26 0.83
C GLU A 60 -13.36 -0.84 1.88
N GLY A 61 -12.90 -0.12 2.89
CA GLY A 61 -13.79 0.34 3.94
C GLY A 61 -13.38 -0.16 5.31
N LYS A 62 -12.09 -0.47 5.46
CA LYS A 62 -11.57 -0.96 6.73
C LYS A 62 -10.45 -0.05 7.25
N PRO A 63 -10.32 0.03 8.57
CA PRO A 63 -9.30 0.85 9.22
C PRO A 63 -7.90 0.29 9.04
N PRO A 64 -6.89 1.18 8.98
CA PRO A 64 -5.50 0.79 8.80
C PRO A 64 -4.92 0.09 10.03
N GLU A 65 -3.63 -0.19 9.99
CA GLU A 65 -2.97 -0.86 11.11
C GLU A 65 -3.58 -0.43 12.44
N ALA A 66 -3.70 0.87 12.63
CA ALA A 66 -4.27 1.41 13.87
C ALA A 66 -3.46 0.97 15.08
N PRO A 67 -2.14 1.23 15.04
CA PRO A 67 -1.23 0.87 16.13
C PRO A 67 -1.47 1.72 17.38
N LYS A 68 -2.21 2.81 17.22
CA LYS A 68 -2.51 3.70 18.34
C LYS A 68 -3.49 3.06 19.31
N GLY A 69 -3.10 2.96 20.58
CA GLY A 69 -3.96 2.37 21.58
C GLY A 69 -3.20 1.47 22.53
N LYS A 70 -3.91 0.89 23.49
CA LYS A 70 -3.29 0.00 24.47
C LYS A 70 -2.06 0.65 25.10
N LYS A 71 -2.19 1.94 25.42
CA LYS A 71 -1.08 2.68 26.03
C LYS A 71 -1.44 3.09 27.46
N LYS A 72 -0.41 3.27 28.29
CA LYS A 72 -0.61 3.68 29.67
C LYS A 72 0.21 4.93 30.00
N LYS A 73 1.51 4.82 29.84
CA LYS A 73 2.41 5.94 30.11
C LYS A 73 2.05 6.62 31.43
N SER A 74 1.72 5.81 32.44
CA SER A 74 1.35 6.34 33.74
C SER A 74 2.59 6.70 34.55
N GLY A 75 2.48 7.78 35.33
CA GLY A 75 3.60 8.21 36.15
C GLY A 75 3.20 9.22 37.20
N PRO A 76 3.29 10.51 36.86
CA PRO A 76 2.93 11.60 37.78
C PRO A 76 1.42 11.68 38.03
N SER A 77 0.68 10.77 37.39
CA SER A 77 -0.77 10.75 37.54
C SER A 77 -1.17 9.92 38.77
N SER A 78 -2.46 9.87 39.05
CA SER A 78 -2.98 9.12 40.18
C SER A 78 -2.75 7.63 40.01
N GLY A 79 -3.01 6.86 41.05
CA GLY A 79 -2.82 5.42 40.99
C GLY A 79 -3.94 4.66 41.67
N GLY A 1 -13.74 3.09 -33.56
CA GLY A 1 -13.87 3.79 -32.29
C GLY A 1 -12.54 4.01 -31.61
N SER A 2 -12.54 4.91 -30.62
CA SER A 2 -11.31 5.21 -29.89
C SER A 2 -11.64 5.76 -28.50
N SER A 3 -11.38 4.95 -27.48
CA SER A 3 -11.65 5.35 -26.10
C SER A 3 -10.36 5.50 -25.32
N GLY A 4 -10.40 6.29 -24.25
CA GLY A 4 -9.22 6.51 -23.43
C GLY A 4 -9.57 6.92 -22.01
N SER A 5 -8.55 7.03 -21.17
CA SER A 5 -8.75 7.40 -19.78
C SER A 5 -9.36 8.80 -19.68
N SER A 6 -10.53 8.89 -19.05
CA SER A 6 -11.22 10.16 -18.89
C SER A 6 -11.61 10.39 -17.44
N GLY A 7 -12.23 9.39 -16.82
CA GLY A 7 -12.64 9.51 -15.43
C GLY A 7 -13.00 8.18 -14.82
N THR A 8 -14.28 7.81 -14.88
CA THR A 8 -14.75 6.55 -14.33
C THR A 8 -14.06 6.24 -13.00
N THR A 9 -13.79 7.30 -12.22
CA THR A 9 -13.14 7.13 -10.92
C THR A 9 -14.15 6.81 -9.83
N ALA A 10 -13.97 5.67 -9.18
CA ALA A 10 -14.87 5.24 -8.11
C ALA A 10 -14.08 4.66 -6.94
N LYS A 11 -14.69 4.70 -5.76
CA LYS A 11 -14.05 4.16 -4.56
C LYS A 11 -13.87 2.65 -4.66
N PRO A 12 -15.00 1.94 -4.84
CA PRO A 12 -14.99 0.47 -4.96
C PRO A 12 -14.36 0.00 -6.26
N GLN A 13 -14.07 0.95 -7.15
CA GLN A 13 -13.45 0.62 -8.44
C GLN A 13 -11.94 0.68 -8.35
N GLN A 14 -11.43 1.76 -7.75
CA GLN A 14 -9.99 1.93 -7.61
C GLN A 14 -9.36 0.77 -6.85
N ILE A 15 -10.17 0.12 -6.01
CA ILE A 15 -9.70 -1.03 -5.23
C ILE A 15 -8.87 -1.98 -6.10
N GLN A 16 -9.46 -2.44 -7.20
CA GLN A 16 -8.78 -3.35 -8.10
C GLN A 16 -7.38 -2.85 -8.43
N ALA A 17 -7.29 -1.57 -8.78
CA ALA A 17 -6.00 -0.96 -9.12
C ALA A 17 -5.00 -1.13 -7.99
N LEU A 18 -5.50 -1.11 -6.75
CA LEU A 18 -4.65 -1.26 -5.58
C LEU A 18 -4.30 -2.72 -5.34
N MET A 19 -5.32 -3.53 -5.06
CA MET A 19 -5.13 -4.95 -4.82
C MET A 19 -4.08 -5.53 -5.77
N ASP A 20 -3.94 -4.92 -6.93
CA ASP A 20 -2.97 -5.37 -7.93
C ASP A 20 -1.56 -4.94 -7.55
N GLU A 21 -1.33 -3.63 -7.56
CA GLU A 21 -0.03 -3.08 -7.22
C GLU A 21 0.44 -3.56 -5.84
N VAL A 22 -0.46 -3.48 -4.87
CA VAL A 22 -0.16 -3.92 -3.51
C VAL A 22 0.45 -5.31 -3.50
N THR A 23 -0.15 -6.22 -4.26
CA THR A 23 0.34 -7.60 -4.34
C THR A 23 1.78 -7.64 -4.83
N LYS A 24 2.01 -7.14 -6.04
CA LYS A 24 3.35 -7.12 -6.62
C LYS A 24 4.36 -6.56 -5.64
N GLN A 25 4.03 -5.43 -5.03
CA GLN A 25 4.91 -4.79 -4.06
C GLN A 25 5.52 -5.82 -3.13
N GLY A 26 4.67 -6.59 -2.44
CA GLY A 26 5.16 -7.60 -1.53
C GLY A 26 6.22 -8.47 -2.14
N ASN A 27 5.97 -8.97 -3.35
CA ASN A 27 6.92 -9.82 -4.04
C ASN A 27 8.23 -9.08 -4.32
N ILE A 28 8.10 -7.86 -4.81
CA ILE A 28 9.26 -7.04 -5.13
C ILE A 28 10.20 -6.94 -3.93
N VAL A 29 9.62 -6.77 -2.74
CA VAL A 29 10.41 -6.66 -1.51
C VAL A 29 11.11 -7.98 -1.20
N ARG A 30 10.37 -9.07 -1.31
CA ARG A 30 10.93 -10.39 -1.03
C ARG A 30 12.09 -10.70 -1.97
N GLU A 31 11.89 -10.46 -3.26
CA GLU A 31 12.92 -10.71 -4.25
C GLU A 31 14.10 -9.77 -4.06
N LEU A 32 13.79 -8.49 -3.86
CA LEU A 32 14.84 -7.49 -3.67
C LEU A 32 15.84 -7.94 -2.62
N LYS A 33 15.35 -8.26 -1.44
CA LYS A 33 16.21 -8.73 -0.35
C LYS A 33 16.99 -9.96 -0.75
N ALA A 34 16.33 -10.88 -1.44
CA ALA A 34 16.96 -12.12 -1.89
C ALA A 34 18.01 -11.84 -2.96
N GLN A 35 17.88 -10.69 -3.62
CA GLN A 35 18.83 -10.31 -4.66
C GLN A 35 19.93 -9.41 -4.10
N LYS A 36 20.20 -9.55 -2.80
CA LYS A 36 21.22 -8.75 -2.15
C LYS A 36 21.22 -7.32 -2.67
N ALA A 37 20.02 -6.78 -2.88
CA ALA A 37 19.89 -5.42 -3.38
C ALA A 37 20.43 -4.41 -2.38
N ASP A 38 20.72 -3.20 -2.86
CA ASP A 38 21.25 -2.15 -2.01
C ASP A 38 20.30 -1.85 -0.86
N LYS A 39 20.85 -1.60 0.32
CA LYS A 39 20.06 -1.31 1.50
C LYS A 39 19.09 -0.16 1.22
N ASN A 40 19.59 0.91 0.62
CA ASN A 40 18.76 2.07 0.29
C ASN A 40 17.69 1.70 -0.72
N GLU A 41 18.08 0.95 -1.74
CA GLU A 41 17.15 0.53 -2.78
C GLU A 41 15.94 -0.18 -2.17
N VAL A 42 16.19 -1.10 -1.25
CA VAL A 42 15.13 -1.85 -0.59
C VAL A 42 14.30 -0.94 0.30
N ALA A 43 14.98 -0.19 1.17
CA ALA A 43 14.32 0.72 2.08
C ALA A 43 13.21 1.51 1.38
N ALA A 44 13.52 2.01 0.18
CA ALA A 44 12.56 2.77 -0.59
C ALA A 44 11.27 1.99 -0.80
N GLU A 45 11.40 0.74 -1.25
CA GLU A 45 10.24 -0.11 -1.48
C GLU A 45 9.49 -0.38 -0.18
N VAL A 46 10.24 -0.75 0.86
CA VAL A 46 9.65 -1.05 2.16
C VAL A 46 8.71 0.08 2.60
N ALA A 47 9.25 1.29 2.68
CA ALA A 47 8.46 2.45 3.08
C ALA A 47 7.20 2.58 2.24
N LYS A 48 7.34 2.38 0.94
CA LYS A 48 6.21 2.47 0.02
C LYS A 48 5.15 1.41 0.36
N LEU A 49 5.58 0.16 0.46
CA LEU A 49 4.67 -0.93 0.77
C LEU A 49 3.69 -0.52 1.87
N LEU A 50 4.18 0.23 2.84
CA LEU A 50 3.35 0.69 3.95
C LEU A 50 2.18 1.54 3.44
N ASP A 51 2.50 2.59 2.70
CA ASP A 51 1.47 3.47 2.16
C ASP A 51 0.45 2.68 1.36
N LEU A 52 0.89 1.58 0.76
CA LEU A 52 0.01 0.73 -0.04
C LEU A 52 -0.87 -0.14 0.85
N LYS A 53 -0.35 -0.49 2.03
CA LYS A 53 -1.08 -1.31 2.96
C LYS A 53 -2.16 -0.50 3.69
N LYS A 54 -1.92 0.81 3.81
CA LYS A 54 -2.87 1.70 4.47
C LYS A 54 -3.94 2.17 3.50
N GLN A 55 -3.56 2.35 2.24
CA GLN A 55 -4.49 2.79 1.21
C GLN A 55 -5.45 1.67 0.83
N LEU A 56 -4.90 0.48 0.59
CA LEU A 56 -5.71 -0.67 0.21
C LEU A 56 -6.79 -0.94 1.25
N ALA A 57 -6.39 -0.97 2.52
CA ALA A 57 -7.33 -1.22 3.61
C ALA A 57 -8.47 -0.20 3.59
N VAL A 58 -8.11 1.09 3.63
CA VAL A 58 -9.10 2.15 3.61
C VAL A 58 -10.01 2.05 2.40
N ALA A 59 -9.39 1.88 1.22
CA ALA A 59 -10.15 1.76 -0.02
C ALA A 59 -11.36 0.85 0.16
N GLU A 60 -11.13 -0.33 0.73
CA GLU A 60 -12.21 -1.29 0.95
C GLU A 60 -13.17 -0.80 2.02
N GLY A 61 -12.62 -0.26 3.11
CA GLY A 61 -13.44 0.25 4.19
C GLY A 61 -12.77 0.13 5.54
N LYS A 62 -12.07 -0.98 5.76
CA LYS A 62 -11.37 -1.21 7.01
C LYS A 62 -10.21 -0.23 7.18
N PRO A 63 -9.97 0.19 8.43
CA PRO A 63 -8.89 1.13 8.74
C PRO A 63 -7.51 0.50 8.60
N PRO A 64 -6.50 1.34 8.37
CA PRO A 64 -5.11 0.90 8.20
C PRO A 64 -4.51 0.36 9.49
N GLU A 65 -3.23 0.01 9.46
CA GLU A 65 -2.53 -0.51 10.62
C GLU A 65 -3.03 0.16 11.89
N ALA A 66 -3.11 1.50 11.86
CA ALA A 66 -3.58 2.26 13.02
C ALA A 66 -2.52 2.28 14.12
N PRO A 67 -1.30 2.71 13.76
CA PRO A 67 -0.18 2.79 14.72
C PRO A 67 -0.38 3.89 15.75
N LYS A 68 -0.75 5.08 15.29
CA LYS A 68 -0.97 6.22 16.16
C LYS A 68 0.27 6.50 17.01
N GLY A 69 1.44 6.43 16.38
CA GLY A 69 2.67 6.68 17.10
C GLY A 69 3.32 7.99 16.69
N LYS A 70 4.31 8.43 17.48
CA LYS A 70 5.01 9.67 17.20
C LYS A 70 6.08 9.47 16.14
N LYS A 71 6.25 10.47 15.27
CA LYS A 71 7.25 10.40 14.21
C LYS A 71 8.56 9.81 14.72
N LYS A 72 9.44 9.45 13.80
CA LYS A 72 10.74 8.87 14.16
C LYS A 72 11.66 9.93 14.74
N LYS A 73 11.90 10.99 13.98
CA LYS A 73 12.76 12.08 14.42
C LYS A 73 14.00 11.53 15.14
N SER A 74 14.52 10.42 14.64
CA SER A 74 15.70 9.79 15.23
C SER A 74 16.95 10.64 14.98
N GLY A 75 17.80 10.74 15.99
CA GLY A 75 19.01 11.52 15.87
C GLY A 75 19.75 11.67 17.18
N PRO A 76 21.09 11.76 17.11
CA PRO A 76 21.94 11.91 18.30
C PRO A 76 21.77 13.27 18.97
N SER A 77 21.44 14.28 18.16
CA SER A 77 21.27 15.64 18.67
C SER A 77 19.94 15.77 19.40
N SER A 78 20.01 16.16 20.67
CA SER A 78 18.81 16.33 21.49
C SER A 78 18.56 17.80 21.81
N GLY A 79 19.56 18.43 22.43
CA GLY A 79 19.43 19.83 22.78
C GLY A 79 19.37 20.74 21.57
N GLY A 1 -6.00 -2.84 -32.35
CA GLY A 1 -5.94 -4.18 -31.81
C GLY A 1 -5.83 -4.19 -30.30
N SER A 2 -4.61 -4.24 -29.78
CA SER A 2 -4.38 -4.25 -28.35
C SER A 2 -4.53 -2.86 -27.75
N SER A 3 -5.75 -2.54 -27.33
CA SER A 3 -6.04 -1.23 -26.75
C SER A 3 -7.30 -1.29 -25.89
N GLY A 4 -7.12 -1.19 -24.58
CA GLY A 4 -8.24 -1.23 -23.66
C GLY A 4 -7.95 -0.54 -22.34
N SER A 5 -8.54 0.64 -22.14
CA SER A 5 -8.33 1.39 -20.91
C SER A 5 -9.33 2.53 -20.79
N SER A 6 -9.49 3.06 -19.58
CA SER A 6 -10.42 4.15 -19.34
C SER A 6 -10.18 4.78 -17.96
N GLY A 7 -10.71 5.98 -17.78
CA GLY A 7 -10.54 6.67 -16.50
C GLY A 7 -11.81 6.68 -15.67
N THR A 8 -11.72 6.14 -14.46
CA THR A 8 -12.87 6.09 -13.57
C THR A 8 -12.44 6.19 -12.10
N THR A 9 -13.11 7.06 -11.35
CA THR A 9 -12.80 7.25 -9.94
C THR A 9 -13.96 6.81 -9.06
N ALA A 10 -13.89 5.58 -8.57
CA ALA A 10 -14.94 5.04 -7.71
C ALA A 10 -14.35 4.26 -6.54
N LYS A 11 -15.14 4.09 -5.48
CA LYS A 11 -14.70 3.36 -4.30
C LYS A 11 -14.49 1.88 -4.62
N PRO A 12 -15.57 1.22 -5.05
CA PRO A 12 -15.53 -0.20 -5.39
C PRO A 12 -14.74 -0.48 -6.67
N GLN A 13 -14.16 0.57 -7.23
CA GLN A 13 -13.37 0.45 -8.45
C GLN A 13 -11.88 0.54 -8.15
N GLN A 14 -11.48 1.64 -7.49
CA GLN A 14 -10.08 1.85 -7.14
C GLN A 14 -9.50 0.62 -6.46
N ILE A 15 -10.33 -0.08 -5.68
CA ILE A 15 -9.90 -1.27 -4.98
C ILE A 15 -9.12 -2.20 -5.89
N GLN A 16 -9.75 -2.61 -6.98
CA GLN A 16 -9.10 -3.50 -7.94
C GLN A 16 -7.70 -3.03 -8.28
N ALA A 17 -7.58 -1.79 -8.73
CA ALA A 17 -6.29 -1.21 -9.09
C ALA A 17 -5.30 -1.35 -7.93
N LEU A 18 -5.75 -1.05 -6.73
CA LEU A 18 -4.90 -1.14 -5.55
C LEU A 18 -4.44 -2.58 -5.31
N MET A 19 -5.41 -3.48 -5.14
CA MET A 19 -5.10 -4.90 -4.92
C MET A 19 -4.01 -5.37 -5.88
N ASP A 20 -3.89 -4.69 -7.02
CA ASP A 20 -2.89 -5.04 -8.02
C ASP A 20 -1.53 -4.45 -7.67
N GLU A 21 -1.45 -3.13 -7.67
CA GLU A 21 -0.20 -2.45 -7.35
C GLU A 21 0.31 -2.86 -5.97
N VAL A 22 -0.57 -2.82 -4.98
CA VAL A 22 -0.20 -3.19 -3.62
C VAL A 22 0.46 -4.56 -3.59
N THR A 23 -0.15 -5.53 -4.26
CA THR A 23 0.37 -6.88 -4.32
C THR A 23 1.72 -6.93 -5.04
N LYS A 24 1.73 -6.46 -6.28
CA LYS A 24 2.95 -6.43 -7.08
C LYS A 24 4.12 -5.89 -6.27
N GLN A 25 3.90 -4.76 -5.59
CA GLN A 25 4.93 -4.13 -4.78
C GLN A 25 5.50 -5.12 -3.77
N GLY A 26 4.61 -5.78 -3.03
CA GLY A 26 5.04 -6.75 -2.04
C GLY A 26 5.94 -7.82 -2.62
N ASN A 27 5.66 -8.21 -3.86
CA ASN A 27 6.44 -9.24 -4.53
C ASN A 27 7.81 -8.70 -4.94
N ILE A 28 7.92 -7.38 -4.99
CA ILE A 28 9.17 -6.74 -5.38
C ILE A 28 10.10 -6.60 -4.18
N VAL A 29 9.52 -6.42 -3.00
CA VAL A 29 10.31 -6.27 -1.77
C VAL A 29 10.80 -7.62 -1.27
N ARG A 30 9.95 -8.64 -1.40
CA ARG A 30 10.29 -9.99 -0.96
C ARG A 30 11.58 -10.46 -1.63
N GLU A 31 11.63 -10.33 -2.94
CA GLU A 31 12.80 -10.75 -3.70
C GLU A 31 14.01 -9.87 -3.38
N LEU A 32 13.75 -8.58 -3.20
CA LEU A 32 14.82 -7.62 -2.89
C LEU A 32 15.62 -8.10 -1.67
N LYS A 33 14.91 -8.49 -0.62
CA LYS A 33 15.56 -8.96 0.61
C LYS A 33 16.16 -10.34 0.40
N ALA A 34 15.58 -11.11 -0.51
CA ALA A 34 16.06 -12.45 -0.80
C ALA A 34 17.29 -12.41 -1.69
N GLN A 35 17.65 -11.22 -2.16
CA GLN A 35 18.81 -11.05 -3.02
C GLN A 35 19.87 -10.18 -2.35
N LYS A 36 19.87 -10.19 -1.02
CA LYS A 36 20.83 -9.40 -0.25
C LYS A 36 21.03 -8.03 -0.88
N ALA A 37 19.97 -7.48 -1.46
CA ALA A 37 20.03 -6.17 -2.09
C ALA A 37 20.57 -5.12 -1.12
N ASP A 38 20.84 -3.93 -1.64
CA ASP A 38 21.36 -2.83 -0.83
C ASP A 38 20.28 -2.29 0.10
N LYS A 39 20.64 -2.14 1.38
CA LYS A 39 19.71 -1.64 2.37
C LYS A 39 18.97 -0.41 1.85
N ASN A 40 19.69 0.48 1.18
CA ASN A 40 19.10 1.69 0.62
C ASN A 40 18.13 1.35 -0.51
N GLU A 41 18.56 0.49 -1.42
CA GLU A 41 17.72 0.08 -2.54
C GLU A 41 16.40 -0.50 -2.05
N VAL A 42 16.48 -1.37 -1.05
CA VAL A 42 15.29 -2.00 -0.49
C VAL A 42 14.39 -0.97 0.18
N ALA A 43 14.92 -0.30 1.20
CA ALA A 43 14.17 0.71 1.93
C ALA A 43 13.29 1.53 0.98
N ALA A 44 13.87 1.96 -0.12
CA ALA A 44 13.15 2.75 -1.11
C ALA A 44 11.78 2.13 -1.42
N GLU A 45 11.80 0.87 -1.84
CA GLU A 45 10.56 0.17 -2.17
C GLU A 45 9.70 -0.03 -0.93
N VAL A 46 10.35 -0.38 0.18
CA VAL A 46 9.64 -0.61 1.43
C VAL A 46 8.76 0.59 1.79
N ALA A 47 9.40 1.73 2.05
CA ALA A 47 8.69 2.96 2.40
C ALA A 47 7.35 3.03 1.67
N LYS A 48 7.37 2.70 0.38
CA LYS A 48 6.16 2.74 -0.43
C LYS A 48 5.24 1.57 -0.08
N LEU A 49 5.78 0.38 -0.04
CA LEU A 49 5.01 -0.81 0.29
C LEU A 49 4.22 -0.61 1.58
N LEU A 50 4.90 -0.13 2.61
CA LEU A 50 4.26 0.12 3.90
C LEU A 50 3.05 1.03 3.74
N ASP A 51 3.15 1.98 2.82
CA ASP A 51 2.06 2.92 2.57
C ASP A 51 0.97 2.27 1.72
N LEU A 52 1.33 1.24 0.97
CA LEU A 52 0.39 0.53 0.12
C LEU A 52 -0.49 -0.41 0.94
N LYS A 53 0.01 -0.81 2.11
CA LYS A 53 -0.72 -1.69 3.00
C LYS A 53 -1.87 -0.96 3.68
N LYS A 54 -1.68 0.32 3.94
CA LYS A 54 -2.69 1.13 4.59
C LYS A 54 -3.71 1.65 3.56
N GLN A 55 -3.22 1.94 2.37
CA GLN A 55 -4.09 2.44 1.30
C GLN A 55 -5.10 1.37 0.86
N LEU A 56 -4.63 0.12 0.82
CA LEU A 56 -5.49 -0.99 0.41
C LEU A 56 -6.68 -1.13 1.37
N ALA A 57 -6.37 -1.31 2.65
CA ALA A 57 -7.41 -1.46 3.66
C ALA A 57 -8.40 -0.30 3.61
N VAL A 58 -7.87 0.91 3.55
CA VAL A 58 -8.71 2.11 3.50
C VAL A 58 -9.72 2.01 2.37
N ALA A 59 -9.25 1.80 1.15
CA ALA A 59 -10.12 1.69 -0.01
C ALA A 59 -11.26 0.72 0.26
N GLU A 60 -10.92 -0.48 0.69
CA GLU A 60 -11.91 -1.51 0.98
C GLU A 60 -12.83 -1.07 2.11
N GLY A 61 -12.26 -0.36 3.08
CA GLY A 61 -13.04 0.11 4.21
C GLY A 61 -13.08 -0.89 5.35
N LYS A 62 -12.01 -1.67 5.48
CA LYS A 62 -11.92 -2.67 6.54
C LYS A 62 -10.83 -2.32 7.54
N PRO A 63 -11.07 -2.62 8.82
CA PRO A 63 -10.12 -2.34 9.89
C PRO A 63 -8.89 -3.24 9.82
N PRO A 64 -7.76 -2.72 10.35
CA PRO A 64 -6.49 -3.46 10.35
C PRO A 64 -6.52 -4.65 11.31
N GLU A 65 -5.34 -5.15 11.65
CA GLU A 65 -5.22 -6.29 12.56
C GLU A 65 -5.52 -5.87 13.99
N ALA A 66 -6.73 -5.38 14.22
CA ALA A 66 -7.15 -4.95 15.55
C ALA A 66 -6.75 -5.97 16.61
N PRO A 67 -7.40 -7.15 16.57
CA PRO A 67 -7.12 -8.22 17.53
C PRO A 67 -5.75 -8.87 17.30
N LYS A 68 -5.47 -9.25 16.06
CA LYS A 68 -4.20 -9.87 15.72
C LYS A 68 -3.03 -9.04 16.25
N GLY A 69 -2.98 -7.77 15.85
CA GLY A 69 -1.91 -6.90 16.30
C GLY A 69 -2.25 -6.19 17.60
N LYS A 70 -1.44 -5.20 17.95
CA LYS A 70 -1.65 -4.44 19.17
C LYS A 70 -2.63 -3.29 18.94
N LYS A 71 -3.35 -2.91 19.99
CA LYS A 71 -4.32 -1.82 19.90
C LYS A 71 -3.97 -0.71 20.88
N LYS A 72 -2.68 -0.40 21.00
CA LYS A 72 -2.22 0.65 21.90
C LYS A 72 -2.42 2.02 21.27
N LYS A 73 -1.88 2.22 20.08
CA LYS A 73 -2.00 3.50 19.37
C LYS A 73 -3.28 3.54 18.55
N SER A 74 -3.78 4.74 18.30
CA SER A 74 -4.99 4.92 17.52
C SER A 74 -4.78 5.93 16.39
N GLY A 75 -5.40 5.67 15.25
CA GLY A 75 -5.26 6.55 14.10
C GLY A 75 -6.34 6.32 13.05
N PRO A 76 -7.53 6.88 13.30
CA PRO A 76 -8.67 6.75 12.39
C PRO A 76 -8.47 7.52 11.09
N SER A 77 -7.64 8.56 11.14
CA SER A 77 -7.36 9.38 9.98
C SER A 77 -5.87 9.68 9.86
N SER A 78 -5.45 10.14 8.69
CA SER A 78 -4.05 10.48 8.46
C SER A 78 -3.68 11.80 9.11
N GLY A 79 -2.62 11.79 9.92
CA GLY A 79 -2.19 12.99 10.59
C GLY A 79 -2.74 13.11 12.00
N GLY A 1 -6.50 1.60 -21.93
CA GLY A 1 -5.26 2.32 -21.75
C GLY A 1 -4.80 3.03 -22.99
N SER A 2 -4.16 2.30 -23.90
CA SER A 2 -3.67 2.87 -25.15
C SER A 2 -2.66 3.98 -24.88
N SER A 3 -1.75 3.73 -23.94
CA SER A 3 -0.73 4.71 -23.58
C SER A 3 -1.31 6.11 -23.58
N GLY A 4 -2.52 6.24 -23.05
CA GLY A 4 -3.17 7.54 -22.99
C GLY A 4 -3.58 7.92 -21.58
N SER A 5 -3.12 9.08 -21.12
CA SER A 5 -3.43 9.55 -19.78
C SER A 5 -4.94 9.73 -19.61
N SER A 6 -5.52 8.96 -18.70
CA SER A 6 -6.96 9.03 -18.44
C SER A 6 -7.24 9.17 -16.94
N GLY A 7 -8.51 9.31 -16.60
CA GLY A 7 -8.88 9.45 -15.20
C GLY A 7 -10.12 8.63 -14.85
N THR A 8 -11.29 9.24 -14.99
CA THR A 8 -12.55 8.58 -14.68
C THR A 8 -12.38 7.60 -13.52
N THR A 9 -11.61 8.01 -12.52
CA THR A 9 -11.37 7.18 -11.35
C THR A 9 -12.68 6.77 -10.69
N ALA A 10 -12.61 5.81 -9.77
CA ALA A 10 -13.79 5.34 -9.06
C ALA A 10 -13.40 4.65 -7.75
N LYS A 11 -14.34 4.59 -6.81
CA LYS A 11 -14.10 3.97 -5.52
C LYS A 11 -13.96 2.45 -5.67
N PRO A 12 -15.03 1.81 -6.18
CA PRO A 12 -15.05 0.36 -6.37
C PRO A 12 -14.11 -0.08 -7.50
N GLN A 13 -13.45 0.88 -8.13
CA GLN A 13 -12.52 0.59 -9.22
C GLN A 13 -11.08 0.66 -8.73
N GLN A 14 -10.75 1.73 -8.03
CA GLN A 14 -9.40 1.92 -7.51
C GLN A 14 -8.98 0.74 -6.64
N ILE A 15 -9.93 0.17 -5.91
CA ILE A 15 -9.65 -0.96 -5.04
C ILE A 15 -8.94 -2.07 -5.80
N GLN A 16 -9.60 -2.57 -6.85
CA GLN A 16 -9.02 -3.65 -7.66
C GLN A 16 -7.58 -3.34 -8.03
N ALA A 17 -7.29 -2.05 -8.23
CA ALA A 17 -5.94 -1.63 -8.59
C ALA A 17 -5.00 -1.72 -7.40
N LEU A 18 -5.40 -1.11 -6.29
CA LEU A 18 -4.58 -1.13 -5.07
C LEU A 18 -4.24 -2.55 -4.67
N MET A 19 -5.25 -3.42 -4.63
CA MET A 19 -5.05 -4.81 -4.26
C MET A 19 -3.80 -5.37 -4.91
N ASP A 20 -3.69 -5.17 -6.23
CA ASP A 20 -2.54 -5.66 -6.98
C ASP A 20 -1.26 -4.97 -6.53
N GLU A 21 -1.36 -3.67 -6.23
CA GLU A 21 -0.21 -2.89 -5.79
C GLU A 21 0.41 -3.50 -4.54
N VAL A 22 -0.44 -3.82 -3.57
CA VAL A 22 0.02 -4.42 -2.31
C VAL A 22 0.76 -5.73 -2.56
N THR A 23 0.15 -6.59 -3.37
CA THR A 23 0.76 -7.88 -3.69
C THR A 23 2.08 -7.71 -4.44
N LYS A 24 2.03 -6.95 -5.53
CA LYS A 24 3.22 -6.70 -6.34
C LYS A 24 4.32 -6.06 -5.49
N GLN A 25 4.03 -4.89 -4.94
CA GLN A 25 4.99 -4.17 -4.11
C GLN A 25 5.69 -5.12 -3.15
N GLY A 26 4.91 -5.97 -2.49
CA GLY A 26 5.47 -6.92 -1.54
C GLY A 26 6.44 -7.88 -2.20
N ASN A 27 6.13 -8.29 -3.43
CA ASN A 27 6.98 -9.22 -4.16
C ASN A 27 8.32 -8.57 -4.52
N ILE A 28 8.26 -7.31 -4.92
CA ILE A 28 9.47 -6.57 -5.29
C ILE A 28 10.48 -6.56 -4.14
N VAL A 29 9.96 -6.44 -2.92
CA VAL A 29 10.82 -6.40 -1.73
C VAL A 29 11.48 -7.76 -1.50
N ARG A 30 10.71 -8.83 -1.70
CA ARG A 30 11.22 -10.18 -1.51
C ARG A 30 12.33 -10.50 -2.52
N GLU A 31 12.01 -10.36 -3.80
CA GLU A 31 12.98 -10.63 -4.87
C GLU A 31 14.20 -9.73 -4.72
N LEU A 32 13.98 -8.50 -4.27
CA LEU A 32 15.07 -7.55 -4.09
C LEU A 32 16.11 -8.09 -3.13
N LYS A 33 15.66 -8.62 -2.00
CA LYS A 33 16.56 -9.18 -1.00
C LYS A 33 17.29 -10.39 -1.55
N ALA A 34 16.57 -11.26 -2.25
CA ALA A 34 17.16 -12.45 -2.83
C ALA A 34 18.32 -12.10 -3.76
N GLN A 35 18.18 -11.00 -4.49
CA GLN A 35 19.21 -10.55 -5.41
C GLN A 35 20.23 -9.67 -4.70
N LYS A 36 20.38 -9.88 -3.40
CA LYS A 36 21.32 -9.11 -2.61
C LYS A 36 21.31 -7.64 -3.01
N ALA A 37 20.10 -7.09 -3.21
CA ALA A 37 19.96 -5.70 -3.60
C ALA A 37 20.42 -4.77 -2.48
N ASP A 38 20.80 -3.55 -2.86
CA ASP A 38 21.26 -2.57 -1.90
C ASP A 38 20.19 -2.25 -0.88
N LYS A 39 20.56 -2.26 0.41
CA LYS A 39 19.63 -1.99 1.49
C LYS A 39 18.81 -0.73 1.19
N ASN A 40 19.49 0.34 0.80
CA ASN A 40 18.83 1.60 0.48
C ASN A 40 17.78 1.41 -0.60
N GLU A 41 18.12 0.63 -1.62
CA GLU A 41 17.20 0.36 -2.72
C GLU A 41 15.94 -0.34 -2.22
N VAL A 42 16.13 -1.35 -1.38
CA VAL A 42 15.02 -2.10 -0.82
C VAL A 42 14.17 -1.22 0.11
N ALA A 43 14.82 -0.60 1.07
CA ALA A 43 14.13 0.27 2.02
C ALA A 43 13.09 1.14 1.32
N ALA A 44 13.55 1.92 0.34
CA ALA A 44 12.66 2.80 -0.42
C ALA A 44 11.35 2.09 -0.76
N GLU A 45 11.46 0.92 -1.39
CA GLU A 45 10.28 0.15 -1.78
C GLU A 45 9.40 -0.14 -0.57
N VAL A 46 10.02 -0.62 0.51
CA VAL A 46 9.29 -0.93 1.73
C VAL A 46 8.41 0.24 2.15
N ALA A 47 9.03 1.39 2.38
CA ALA A 47 8.29 2.58 2.79
C ALA A 47 6.95 2.69 2.06
N LYS A 48 7.00 2.62 0.73
CA LYS A 48 5.80 2.70 -0.08
C LYS A 48 4.79 1.65 0.34
N LEU A 49 5.22 0.39 0.34
CA LEU A 49 4.36 -0.72 0.71
C LEU A 49 3.60 -0.41 2.00
N LEU A 50 4.34 0.02 3.03
CA LEU A 50 3.74 0.35 4.32
C LEU A 50 2.49 1.20 4.13
N ASP A 51 2.58 2.22 3.28
CA ASP A 51 1.46 3.10 3.01
C ASP A 51 0.37 2.37 2.23
N LEU A 52 0.75 1.80 1.10
CA LEU A 52 -0.19 1.07 0.25
C LEU A 52 -1.11 0.20 1.09
N LYS A 53 -0.56 -0.43 2.12
CA LYS A 53 -1.33 -1.30 3.00
C LYS A 53 -2.60 -0.60 3.47
N LYS A 54 -2.47 0.68 3.82
CA LYS A 54 -3.61 1.47 4.26
C LYS A 54 -4.49 1.90 3.10
N GLN A 55 -3.85 2.24 1.98
CA GLN A 55 -4.57 2.66 0.79
C GLN A 55 -5.54 1.58 0.32
N LEU A 56 -5.22 0.33 0.64
CA LEU A 56 -6.06 -0.79 0.24
C LEU A 56 -7.26 -0.92 1.18
N ALA A 57 -6.98 -1.18 2.46
CA ALA A 57 -8.03 -1.32 3.46
C ALA A 57 -8.94 -0.10 3.47
N VAL A 58 -8.35 1.08 3.55
CA VAL A 58 -9.10 2.33 3.58
C VAL A 58 -10.09 2.40 2.42
N ALA A 59 -9.60 2.08 1.22
CA ALA A 59 -10.43 2.10 0.02
C ALA A 59 -11.75 1.38 0.26
N GLU A 60 -11.68 0.20 0.88
CA GLU A 60 -12.86 -0.59 1.15
C GLU A 60 -13.68 0.04 2.28
N GLY A 61 -12.99 0.58 3.28
CA GLY A 61 -13.66 1.21 4.40
C GLY A 61 -13.09 0.76 5.73
N LYS A 62 -12.38 -0.36 5.73
CA LYS A 62 -11.78 -0.89 6.95
C LYS A 62 -10.71 0.06 7.49
N PRO A 63 -10.62 0.15 8.82
CA PRO A 63 -9.64 1.00 9.49
C PRO A 63 -8.21 0.49 9.33
N PRO A 64 -7.24 1.42 9.29
CA PRO A 64 -5.83 1.08 9.14
C PRO A 64 -5.25 0.41 10.38
N GLU A 65 -3.94 0.19 10.38
CA GLU A 65 -3.28 -0.46 11.51
C GLU A 65 -3.74 0.17 12.83
N ALA A 66 -4.04 1.45 12.80
CA ALA A 66 -4.49 2.16 13.98
C ALA A 66 -3.54 1.93 15.16
N PRO A 67 -2.25 2.18 14.92
CA PRO A 67 -1.21 2.00 15.95
C PRO A 67 -1.32 3.04 17.06
N LYS A 68 -1.40 4.31 16.67
CA LYS A 68 -1.50 5.40 17.65
C LYS A 68 -1.74 6.73 16.94
N GLY A 69 -2.58 7.58 17.54
CA GLY A 69 -2.86 8.88 16.95
C GLY A 69 -1.61 9.66 16.65
N LYS A 70 -1.17 9.61 15.39
CA LYS A 70 0.03 10.33 14.97
C LYS A 70 -0.29 11.30 13.84
N LYS A 71 0.45 12.40 13.79
CA LYS A 71 0.25 13.41 12.75
C LYS A 71 0.23 12.77 11.36
N LYS A 72 -0.94 12.77 10.73
CA LYS A 72 -1.10 12.19 9.40
C LYS A 72 -2.30 12.79 8.69
N LYS A 73 -2.11 13.13 7.41
CA LYS A 73 -3.17 13.72 6.61
C LYS A 73 -4.53 13.12 6.99
N SER A 74 -5.51 13.99 7.16
CA SER A 74 -6.86 13.56 7.52
C SER A 74 -7.75 13.44 6.29
N GLY A 75 -8.92 12.83 6.47
CA GLY A 75 -9.84 12.66 5.37
C GLY A 75 -11.16 12.07 5.79
N PRO A 76 -12.01 12.90 6.43
CA PRO A 76 -13.33 12.46 6.91
C PRO A 76 -14.30 12.17 5.76
N SER A 77 -13.84 12.40 4.53
CA SER A 77 -14.67 12.18 3.35
C SER A 77 -15.35 10.81 3.43
N SER A 78 -16.64 10.82 3.75
CA SER A 78 -17.42 9.59 3.85
C SER A 78 -16.58 8.49 4.50
N GLY A 79 -15.85 8.84 5.54
CA GLY A 79 -15.02 7.88 6.23
C GLY A 79 -15.47 7.64 7.66
N GLY A 1 -12.26 11.94 -29.68
CA GLY A 1 -11.18 12.81 -30.07
C GLY A 1 -9.84 12.34 -29.56
N SER A 2 -9.58 11.04 -29.71
CA SER A 2 -8.32 10.46 -29.24
C SER A 2 -8.22 10.51 -27.72
N SER A 3 -9.33 10.20 -27.05
CA SER A 3 -9.38 10.23 -25.59
C SER A 3 -8.60 9.04 -25.02
N GLY A 4 -7.69 9.34 -24.09
CA GLY A 4 -6.89 8.31 -23.47
C GLY A 4 -7.36 7.96 -22.07
N SER A 5 -8.55 7.37 -21.97
CA SER A 5 -9.12 7.00 -20.68
C SER A 5 -9.54 5.54 -20.68
N SER A 6 -8.85 4.72 -19.89
CA SER A 6 -9.17 3.30 -19.80
C SER A 6 -9.50 2.91 -18.36
N GLY A 7 -10.80 2.90 -18.05
CA GLY A 7 -11.24 2.55 -16.72
C GLY A 7 -11.84 3.73 -15.97
N THR A 8 -13.17 3.74 -15.86
CA THR A 8 -13.86 4.82 -15.17
C THR A 8 -13.28 5.05 -13.78
N THR A 9 -13.04 6.32 -13.44
CA THR A 9 -12.48 6.67 -12.14
C THR A 9 -13.54 6.58 -11.04
N ALA A 10 -13.34 5.67 -10.11
CA ALA A 10 -14.28 5.48 -9.01
C ALA A 10 -13.57 4.98 -7.76
N LYS A 11 -14.06 5.39 -6.60
CA LYS A 11 -13.47 4.99 -5.32
C LYS A 11 -13.52 3.47 -5.16
N PRO A 12 -14.74 2.91 -5.18
CA PRO A 12 -14.95 1.46 -5.04
C PRO A 12 -14.46 0.69 -6.26
N GLN A 13 -13.98 1.42 -7.26
CA GLN A 13 -13.49 0.79 -8.48
C GLN A 13 -11.96 0.64 -8.43
N GLN A 14 -11.27 1.77 -8.37
CA GLN A 14 -9.81 1.76 -8.32
C GLN A 14 -9.30 0.62 -7.46
N ILE A 15 -10.11 0.19 -6.51
CA ILE A 15 -9.75 -0.90 -5.62
C ILE A 15 -9.07 -2.03 -6.38
N GLN A 16 -9.77 -2.57 -7.36
CA GLN A 16 -9.23 -3.66 -8.17
C GLN A 16 -7.81 -3.37 -8.61
N ALA A 17 -7.53 -2.11 -8.94
CA ALA A 17 -6.21 -1.69 -9.36
C ALA A 17 -5.25 -1.60 -8.18
N LEU A 18 -5.80 -1.29 -7.01
CA LEU A 18 -4.99 -1.17 -5.80
C LEU A 18 -4.43 -2.52 -5.39
N MET A 19 -5.32 -3.49 -5.20
CA MET A 19 -4.92 -4.83 -4.80
C MET A 19 -3.81 -5.36 -5.71
N ASP A 20 -3.87 -4.97 -6.98
CA ASP A 20 -2.87 -5.40 -7.96
C ASP A 20 -1.50 -4.83 -7.63
N GLU A 21 -1.43 -3.51 -7.53
CA GLU A 21 -0.17 -2.83 -7.22
C GLU A 21 0.34 -3.24 -5.83
N VAL A 22 -0.60 -3.48 -4.91
CA VAL A 22 -0.25 -3.88 -3.55
C VAL A 22 0.44 -5.24 -3.54
N THR A 23 -0.22 -6.24 -4.11
CA THR A 23 0.33 -7.59 -4.16
C THR A 23 1.77 -7.58 -4.67
N LYS A 24 1.96 -7.10 -5.89
CA LYS A 24 3.29 -7.03 -6.48
C LYS A 24 4.28 -6.38 -5.53
N GLN A 25 3.95 -5.19 -5.06
CA GLN A 25 4.82 -4.46 -4.14
C GLN A 25 5.37 -5.39 -3.07
N GLY A 26 4.51 -6.25 -2.53
CA GLY A 26 4.94 -7.18 -1.50
C GLY A 26 6.01 -8.14 -1.99
N ASN A 27 5.86 -8.60 -3.22
CA ASN A 27 6.83 -9.53 -3.81
C ASN A 27 8.14 -8.82 -4.13
N ILE A 28 8.03 -7.64 -4.73
CA ILE A 28 9.21 -6.86 -5.09
C ILE A 28 10.18 -6.76 -3.91
N VAL A 29 9.64 -6.46 -2.74
CA VAL A 29 10.46 -6.34 -1.54
C VAL A 29 11.07 -7.68 -1.15
N ARG A 30 10.29 -8.75 -1.28
CA ARG A 30 10.76 -10.09 -0.94
C ARG A 30 11.95 -10.48 -1.81
N GLU A 31 11.84 -10.22 -3.10
CA GLU A 31 12.90 -10.54 -4.04
C GLU A 31 14.09 -9.61 -3.86
N LEU A 32 13.81 -8.34 -3.57
CA LEU A 32 14.86 -7.35 -3.36
C LEU A 32 15.85 -7.81 -2.30
N LYS A 33 15.32 -8.23 -1.16
CA LYS A 33 16.16 -8.71 -0.07
C LYS A 33 16.88 -10.00 -0.44
N ALA A 34 16.17 -10.89 -1.12
CA ALA A 34 16.73 -12.16 -1.54
C ALA A 34 17.88 -11.95 -2.53
N GLN A 35 17.86 -10.83 -3.23
CA GLN A 35 18.89 -10.51 -4.20
C GLN A 35 19.98 -9.64 -3.57
N LYS A 36 20.14 -9.77 -2.26
CA LYS A 36 21.15 -9.00 -1.53
C LYS A 36 21.19 -7.56 -2.03
N ALA A 37 20.03 -7.02 -2.37
CA ALA A 37 19.93 -5.65 -2.86
C ALA A 37 20.41 -4.67 -1.79
N ASP A 38 20.91 -3.52 -2.25
CA ASP A 38 21.41 -2.49 -1.34
C ASP A 38 20.29 -2.00 -0.41
N LYS A 39 20.64 -1.80 0.86
CA LYS A 39 19.67 -1.34 1.84
C LYS A 39 18.86 -0.17 1.31
N ASN A 40 19.54 0.80 0.69
CA ASN A 40 18.88 1.97 0.13
C ASN A 40 17.84 1.56 -0.91
N GLU A 41 18.28 0.78 -1.90
CA GLU A 41 17.39 0.31 -2.96
C GLU A 41 16.17 -0.39 -2.37
N VAL A 42 16.41 -1.27 -1.40
CA VAL A 42 15.33 -2.01 -0.76
C VAL A 42 14.39 -1.08 -0.01
N ALA A 43 14.93 -0.36 0.96
CA ALA A 43 14.14 0.56 1.76
C ALA A 43 13.18 1.35 0.87
N ALA A 44 13.71 1.92 -0.21
CA ALA A 44 12.89 2.70 -1.13
C ALA A 44 11.50 2.09 -1.29
N GLU A 45 11.46 0.85 -1.76
CA GLU A 45 10.20 0.15 -1.97
C GLU A 45 9.49 -0.10 -0.64
N VAL A 46 10.25 -0.62 0.33
CA VAL A 46 9.70 -0.90 1.65
C VAL A 46 8.81 0.23 2.14
N ALA A 47 9.35 1.45 2.10
CA ALA A 47 8.60 2.63 2.52
C ALA A 47 7.22 2.68 1.87
N LYS A 48 7.19 2.53 0.55
CA LYS A 48 5.94 2.56 -0.19
C LYS A 48 4.97 1.50 0.32
N LEU A 49 5.39 0.24 0.22
CA LEU A 49 4.56 -0.87 0.67
C LEU A 49 3.87 -0.54 1.99
N LEU A 50 4.64 0.00 2.93
CA LEU A 50 4.11 0.36 4.24
C LEU A 50 2.86 1.24 4.09
N ASP A 51 2.90 2.15 3.12
CA ASP A 51 1.78 3.04 2.87
C ASP A 51 0.63 2.30 2.18
N LEU A 52 0.94 1.69 1.05
CA LEU A 52 -0.07 0.95 0.29
C LEU A 52 -0.90 0.05 1.21
N LYS A 53 -0.25 -0.53 2.21
CA LYS A 53 -0.92 -1.39 3.17
C LYS A 53 -2.12 -0.69 3.78
N LYS A 54 -1.96 0.59 4.13
CA LYS A 54 -3.03 1.36 4.72
C LYS A 54 -4.03 1.81 3.67
N GLN A 55 -3.54 2.06 2.46
CA GLN A 55 -4.39 2.49 1.36
C GLN A 55 -5.39 1.40 0.98
N LEU A 56 -4.90 0.17 0.89
CA LEU A 56 -5.74 -0.98 0.53
C LEU A 56 -6.83 -1.19 1.59
N ALA A 57 -6.41 -1.46 2.82
CA ALA A 57 -7.34 -1.68 3.91
C ALA A 57 -8.49 -0.69 3.86
N VAL A 58 -8.17 0.60 3.98
CA VAL A 58 -9.18 1.64 3.96
C VAL A 58 -10.07 1.52 2.72
N ALA A 59 -9.43 1.44 1.56
CA ALA A 59 -10.17 1.30 0.30
C ALA A 59 -11.35 0.36 0.45
N GLU A 60 -11.12 -0.78 1.09
CA GLU A 60 -12.17 -1.77 1.30
C GLU A 60 -13.14 -1.32 2.38
N GLY A 61 -12.60 -0.88 3.50
CA GLY A 61 -13.43 -0.42 4.61
C GLY A 61 -12.90 -0.86 5.96
N LYS A 62 -12.10 -1.92 5.96
CA LYS A 62 -11.53 -2.44 7.20
C LYS A 62 -10.38 -1.56 7.67
N PRO A 63 -10.14 -1.55 8.99
CA PRO A 63 -9.07 -0.76 9.60
C PRO A 63 -7.69 -1.31 9.27
N PRO A 64 -6.78 -0.40 8.87
CA PRO A 64 -5.40 -0.76 8.52
C PRO A 64 -4.58 -1.21 9.73
N GLU A 65 -3.27 -1.31 9.54
CA GLU A 65 -2.38 -1.72 10.61
C GLU A 65 -2.74 -1.02 11.93
N ALA A 66 -3.26 0.20 11.81
CA ALA A 66 -3.63 0.97 12.98
C ALA A 66 -2.48 1.10 13.96
N PRO A 67 -1.32 1.57 13.46
CA PRO A 67 -0.12 1.74 14.28
C PRO A 67 -0.26 2.88 15.29
N LYS A 68 0.85 3.26 15.91
CA LYS A 68 0.85 4.33 16.89
C LYS A 68 1.28 5.65 16.25
N GLY A 69 0.34 6.57 16.11
CA GLY A 69 0.65 7.86 15.51
C GLY A 69 -0.05 8.07 14.18
N LYS A 70 -0.87 9.10 14.09
CA LYS A 70 -1.60 9.41 12.87
C LYS A 70 -0.70 10.14 11.86
N LYS A 71 -0.97 9.94 10.58
CA LYS A 71 -0.19 10.57 9.53
C LYS A 71 -1.11 11.13 8.43
N LYS A 72 -0.73 12.28 7.90
CA LYS A 72 -1.52 12.92 6.84
C LYS A 72 -0.66 13.18 5.61
N LYS A 73 -1.31 13.35 4.46
CA LYS A 73 -0.61 13.60 3.21
C LYS A 73 -1.54 14.23 2.19
N SER A 74 -1.34 15.52 1.92
CA SER A 74 -2.17 16.23 0.95
C SER A 74 -1.30 17.07 0.01
N GLY A 75 -1.78 17.24 -1.22
CA GLY A 75 -1.04 18.02 -2.19
C GLY A 75 -1.87 18.36 -3.42
N PRO A 76 -1.79 17.50 -4.44
CA PRO A 76 -2.53 17.69 -5.69
C PRO A 76 -4.03 17.50 -5.51
N SER A 77 -4.74 18.60 -5.30
CA SER A 77 -6.19 18.55 -5.12
C SER A 77 -6.90 18.18 -6.41
N SER A 78 -6.64 18.95 -7.46
CA SER A 78 -7.25 18.71 -8.76
C SER A 78 -6.26 18.97 -9.89
N GLY A 79 -6.44 18.26 -11.01
CA GLY A 79 -5.56 18.44 -12.14
C GLY A 79 -5.56 19.86 -12.66
N GLY A 1 5.56 8.07 -17.91
CA GLY A 1 4.63 7.35 -18.76
C GLY A 1 3.28 8.04 -18.88
N SER A 2 2.21 7.32 -18.55
CA SER A 2 0.87 7.88 -18.63
C SER A 2 0.14 7.71 -17.31
N SER A 3 -0.20 8.84 -16.68
CA SER A 3 -0.90 8.82 -15.40
C SER A 3 -1.99 9.88 -15.35
N GLY A 4 -2.96 9.69 -14.48
CA GLY A 4 -4.05 10.66 -14.35
C GLY A 4 -5.07 10.51 -15.46
N SER A 5 -6.20 9.88 -15.13
CA SER A 5 -7.27 9.68 -16.10
C SER A 5 -8.44 10.62 -15.83
N SER A 6 -8.39 11.80 -16.45
CA SER A 6 -9.44 12.79 -16.26
C SER A 6 -9.59 13.18 -14.79
N GLY A 7 -8.47 13.20 -14.09
CA GLY A 7 -8.49 13.55 -12.67
C GLY A 7 -9.74 13.06 -11.97
N THR A 8 -9.87 11.74 -11.86
CA THR A 8 -11.03 11.15 -11.21
C THR A 8 -10.73 9.73 -10.75
N THR A 9 -11.31 9.35 -9.61
CA THR A 9 -11.10 8.02 -9.05
C THR A 9 -12.42 7.42 -8.56
N ALA A 10 -12.55 6.10 -8.68
CA ALA A 10 -13.75 5.40 -8.25
C ALA A 10 -13.46 4.48 -7.06
N LYS A 11 -14.47 4.19 -6.28
CA LYS A 11 -14.33 3.32 -5.12
C LYS A 11 -14.10 1.87 -5.55
N PRO A 12 -15.07 1.32 -6.29
CA PRO A 12 -14.99 -0.06 -6.78
C PRO A 12 -13.93 -0.23 -7.87
N GLN A 13 -13.44 0.88 -8.39
CA GLN A 13 -12.42 0.86 -9.43
C GLN A 13 -11.02 0.90 -8.82
N GLN A 14 -10.77 1.92 -8.00
CA GLN A 14 -9.47 2.07 -7.37
C GLN A 14 -9.04 0.78 -6.67
N ILE A 15 -9.97 0.22 -5.88
CA ILE A 15 -9.68 -1.02 -5.16
C ILE A 15 -8.90 -2.01 -6.03
N GLN A 16 -9.50 -2.40 -7.15
CA GLN A 16 -8.86 -3.34 -8.06
C GLN A 16 -7.42 -2.92 -8.35
N ALA A 17 -7.20 -1.62 -8.50
CA ALA A 17 -5.87 -1.09 -8.77
C ALA A 17 -4.96 -1.25 -7.56
N LEU A 18 -5.47 -0.88 -6.40
CA LEU A 18 -4.70 -0.98 -5.16
C LEU A 18 -4.24 -2.41 -4.91
N MET A 19 -5.21 -3.33 -4.87
CA MET A 19 -4.90 -4.74 -4.64
C MET A 19 -3.65 -5.15 -5.40
N ASP A 20 -3.58 -4.78 -6.68
CA ASP A 20 -2.43 -5.12 -7.51
C ASP A 20 -1.16 -4.47 -6.97
N GLU A 21 -1.25 -3.19 -6.63
CA GLU A 21 -0.11 -2.46 -6.10
C GLU A 21 0.55 -3.23 -4.95
N VAL A 22 -0.27 -3.64 -3.98
CA VAL A 22 0.24 -4.39 -2.84
C VAL A 22 0.79 -5.74 -3.26
N THR A 23 -0.03 -6.51 -3.98
CA THR A 23 0.37 -7.83 -4.44
C THR A 23 1.74 -7.77 -5.12
N LYS A 24 1.90 -6.83 -6.04
CA LYS A 24 3.16 -6.68 -6.77
C LYS A 24 4.27 -6.22 -5.83
N GLN A 25 4.01 -5.15 -5.08
CA GLN A 25 4.99 -4.63 -4.14
C GLN A 25 5.55 -5.73 -3.24
N GLY A 26 4.65 -6.38 -2.50
CA GLY A 26 5.07 -7.45 -1.61
C GLY A 26 6.04 -8.41 -2.27
N ASN A 27 5.78 -8.74 -3.54
CA ASN A 27 6.63 -9.66 -4.28
C ASN A 27 7.97 -9.00 -4.62
N ILE A 28 7.93 -7.72 -4.98
CA ILE A 28 9.13 -6.98 -5.32
C ILE A 28 10.07 -6.87 -4.12
N VAL A 29 9.49 -6.66 -2.94
CA VAL A 29 10.27 -6.55 -1.72
C VAL A 29 10.91 -7.88 -1.34
N ARG A 30 10.17 -8.96 -1.55
CA ARG A 30 10.67 -10.30 -1.23
C ARG A 30 11.89 -10.64 -2.06
N GLU A 31 11.77 -10.52 -3.38
CA GLU A 31 12.86 -10.81 -4.29
C GLU A 31 14.05 -9.90 -4.02
N LEU A 32 13.76 -8.62 -3.79
CA LEU A 32 14.81 -7.64 -3.52
C LEU A 32 15.81 -8.18 -2.51
N LYS A 33 15.31 -8.71 -1.40
CA LYS A 33 16.16 -9.26 -0.36
C LYS A 33 16.91 -10.49 -0.86
N ALA A 34 16.20 -11.35 -1.58
CA ALA A 34 16.80 -12.57 -2.12
C ALA A 34 17.97 -12.23 -3.04
N GLN A 35 17.80 -11.21 -3.86
CA GLN A 35 18.84 -10.79 -4.79
C GLN A 35 19.83 -9.83 -4.11
N LYS A 36 19.95 -9.97 -2.79
CA LYS A 36 20.86 -9.12 -2.03
C LYS A 36 20.80 -7.68 -2.51
N ALA A 37 19.59 -7.19 -2.78
CA ALA A 37 19.40 -5.83 -3.25
C ALA A 37 20.05 -4.83 -2.31
N ASP A 38 20.19 -3.59 -2.76
CA ASP A 38 20.81 -2.54 -1.96
C ASP A 38 19.84 -2.05 -0.87
N LYS A 39 20.30 -2.11 0.37
CA LYS A 39 19.48 -1.69 1.51
C LYS A 39 18.68 -0.44 1.16
N ASN A 40 19.37 0.58 0.67
CA ASN A 40 18.72 1.83 0.30
C ASN A 40 17.66 1.60 -0.77
N GLU A 41 18.03 0.87 -1.81
CA GLU A 41 17.12 0.58 -2.90
C GLU A 41 15.81 -0.03 -2.38
N VAL A 42 15.95 -1.05 -1.52
CA VAL A 42 14.78 -1.71 -0.94
C VAL A 42 13.98 -0.75 -0.07
N ALA A 43 14.69 0.00 0.78
CA ALA A 43 14.04 0.96 1.67
C ALA A 43 12.95 1.74 0.93
N ALA A 44 13.25 2.13 -0.30
CA ALA A 44 12.29 2.88 -1.11
C ALA A 44 10.99 2.11 -1.29
N GLU A 45 11.10 0.90 -1.82
CA GLU A 45 9.93 0.05 -2.04
C GLU A 45 9.19 -0.21 -0.74
N VAL A 46 9.93 -0.32 0.35
CA VAL A 46 9.35 -0.57 1.67
C VAL A 46 8.50 0.63 2.12
N ALA A 47 9.05 1.82 1.98
CA ALA A 47 8.36 3.03 2.38
C ALA A 47 6.95 3.08 1.77
N LYS A 48 6.89 2.96 0.45
CA LYS A 48 5.62 2.99 -0.26
C LYS A 48 4.72 1.83 0.19
N LEU A 49 5.34 0.69 0.47
CA LEU A 49 4.60 -0.49 0.91
C LEU A 49 3.91 -0.24 2.25
N LEU A 50 4.71 -0.15 3.31
CA LEU A 50 4.19 0.09 4.65
C LEU A 50 2.97 1.02 4.60
N ASP A 51 3.00 1.97 3.67
CA ASP A 51 1.91 2.92 3.52
C ASP A 51 0.77 2.32 2.69
N LEU A 52 1.13 1.65 1.60
CA LEU A 52 0.14 1.03 0.73
C LEU A 52 -0.78 0.11 1.52
N LYS A 53 -0.23 -0.54 2.54
CA LYS A 53 -1.00 -1.45 3.38
C LYS A 53 -2.20 -0.73 4.00
N LYS A 54 -1.98 0.50 4.46
CA LYS A 54 -3.04 1.30 5.07
C LYS A 54 -4.01 1.80 4.01
N GLN A 55 -3.50 2.07 2.81
CA GLN A 55 -4.33 2.56 1.72
C GLN A 55 -5.27 1.47 1.24
N LEU A 56 -4.74 0.29 0.97
CA LEU A 56 -5.53 -0.83 0.51
C LEU A 56 -6.75 -1.06 1.40
N ALA A 57 -6.50 -1.16 2.70
CA ALA A 57 -7.58 -1.36 3.67
C ALA A 57 -8.62 -0.25 3.58
N VAL A 58 -8.16 0.99 3.66
CA VAL A 58 -9.05 2.15 3.60
C VAL A 58 -9.93 2.08 2.36
N ALA A 59 -9.31 1.96 1.20
CA ALA A 59 -10.04 1.88 -0.06
C ALA A 59 -11.26 0.98 0.07
N GLU A 60 -11.05 -0.21 0.64
CA GLU A 60 -12.13 -1.17 0.82
C GLU A 60 -13.18 -0.64 1.81
N GLY A 61 -12.71 -0.04 2.90
CA GLY A 61 -13.61 0.50 3.89
C GLY A 61 -13.05 0.39 5.30
N LYS A 62 -12.37 -0.72 5.58
CA LYS A 62 -11.79 -0.94 6.89
C LYS A 62 -10.98 0.27 7.35
N PRO A 63 -11.03 0.56 8.66
CA PRO A 63 -10.31 1.69 9.25
C PRO A 63 -8.80 1.48 9.25
N PRO A 64 -8.06 2.59 9.40
CA PRO A 64 -6.59 2.56 9.41
C PRO A 64 -6.04 1.90 10.68
N GLU A 65 -4.73 1.98 10.86
CA GLU A 65 -4.07 1.39 12.03
C GLU A 65 -4.97 1.51 13.25
N ALA A 66 -5.50 2.70 13.48
CA ALA A 66 -6.38 2.94 14.63
C ALA A 66 -5.58 2.95 15.93
N PRO A 67 -4.53 3.80 15.98
CA PRO A 67 -3.67 3.93 17.15
C PRO A 67 -4.39 4.61 18.32
N LYS A 68 -3.86 4.41 19.52
CA LYS A 68 -4.44 5.01 20.72
C LYS A 68 -4.37 6.53 20.65
N GLY A 69 -5.33 7.19 21.31
CA GLY A 69 -5.35 8.64 21.32
C GLY A 69 -6.76 9.20 21.17
N LYS A 70 -7.51 8.63 20.24
CA LYS A 70 -8.88 9.08 20.00
C LYS A 70 -9.88 8.10 20.62
N LYS A 71 -10.73 8.62 21.52
CA LYS A 71 -11.74 7.81 22.17
C LYS A 71 -12.73 7.22 21.17
N LYS A 72 -12.35 6.09 20.57
CA LYS A 72 -13.20 5.43 19.58
C LYS A 72 -14.34 4.68 20.26
N LYS A 73 -15.58 5.02 19.88
CA LYS A 73 -16.75 4.39 20.46
C LYS A 73 -16.45 2.93 20.83
N SER A 74 -16.85 2.54 22.04
CA SER A 74 -16.63 1.18 22.51
C SER A 74 -17.34 0.17 21.63
N GLY A 75 -18.61 0.44 21.32
CA GLY A 75 -19.38 -0.44 20.48
C GLY A 75 -19.30 -1.89 20.95
N PRO A 76 -20.13 -2.23 21.94
CA PRO A 76 -20.18 -3.60 22.49
C PRO A 76 -20.77 -4.60 21.51
N SER A 77 -21.87 -4.23 20.88
CA SER A 77 -22.54 -5.10 19.92
C SER A 77 -22.46 -4.52 18.51
N SER A 78 -21.63 -5.13 17.66
CA SER A 78 -21.46 -4.68 16.29
C SER A 78 -21.91 -5.75 15.30
N GLY A 79 -22.96 -5.45 14.55
CA GLY A 79 -23.48 -6.40 13.58
C GLY A 79 -23.65 -7.78 14.15
N GLY A 1 -2.11 -1.05 -21.97
CA GLY A 1 -2.36 0.38 -22.14
C GLY A 1 -3.76 0.66 -22.64
N SER A 2 -4.47 1.53 -21.93
CA SER A 2 -5.84 1.89 -22.30
C SER A 2 -5.84 3.02 -23.32
N SER A 3 -7.03 3.44 -23.73
CA SER A 3 -7.18 4.51 -24.71
C SER A 3 -8.53 5.21 -24.55
N GLY A 4 -8.50 6.54 -24.51
CA GLY A 4 -9.72 7.30 -24.36
C GLY A 4 -9.56 8.49 -23.44
N SER A 5 -10.66 9.20 -23.18
CA SER A 5 -10.62 10.37 -22.31
C SER A 5 -11.53 10.18 -21.10
N SER A 6 -11.50 8.97 -20.54
CA SER A 6 -12.32 8.65 -19.37
C SER A 6 -11.45 8.47 -18.13
N GLY A 7 -11.53 9.44 -17.23
CA GLY A 7 -10.74 9.37 -16.01
C GLY A 7 -10.90 8.05 -15.29
N THR A 8 -9.91 7.70 -14.47
CA THR A 8 -9.95 6.44 -13.73
C THR A 8 -10.22 6.69 -12.25
N THR A 9 -11.12 7.62 -11.96
CA THR A 9 -11.47 7.96 -10.58
C THR A 9 -12.75 7.23 -10.15
N ALA A 10 -12.59 6.23 -9.30
CA ALA A 10 -13.73 5.46 -8.80
C ALA A 10 -13.36 4.68 -7.54
N LYS A 11 -14.23 4.74 -6.55
CA LYS A 11 -13.99 4.03 -5.29
C LYS A 11 -13.93 2.53 -5.51
N PRO A 12 -15.03 1.96 -6.04
CA PRO A 12 -15.12 0.52 -6.31
C PRO A 12 -14.23 0.10 -7.47
N GLN A 13 -13.54 1.06 -8.07
CA GLN A 13 -12.65 0.79 -9.19
C GLN A 13 -11.19 0.74 -8.73
N GLN A 14 -10.75 1.82 -8.11
CA GLN A 14 -9.37 1.90 -7.62
C GLN A 14 -9.00 0.66 -6.83
N ILE A 15 -9.91 0.22 -5.96
CA ILE A 15 -9.68 -0.96 -5.14
C ILE A 15 -8.97 -2.05 -5.94
N GLN A 16 -9.57 -2.46 -7.04
CA GLN A 16 -9.00 -3.50 -7.89
C GLN A 16 -7.56 -3.16 -8.26
N ALA A 17 -7.32 -1.90 -8.59
CA ALA A 17 -5.98 -1.45 -8.97
C ALA A 17 -5.02 -1.56 -7.78
N LEU A 18 -5.39 -0.94 -6.67
CA LEU A 18 -4.55 -0.97 -5.47
C LEU A 18 -4.17 -2.40 -5.10
N MET A 19 -5.19 -3.26 -4.93
CA MET A 19 -4.95 -4.65 -4.58
C MET A 19 -3.71 -5.19 -5.28
N ASP A 20 -3.71 -5.12 -6.60
CA ASP A 20 -2.57 -5.60 -7.39
C ASP A 20 -1.26 -5.02 -6.86
N GLU A 21 -1.28 -3.73 -6.55
CA GLU A 21 -0.08 -3.05 -6.04
C GLU A 21 0.40 -3.71 -4.74
N VAL A 22 -0.52 -3.85 -3.79
CA VAL A 22 -0.18 -4.46 -2.50
C VAL A 22 0.43 -5.84 -2.70
N THR A 23 -0.13 -6.62 -3.62
CA THR A 23 0.35 -7.96 -3.89
C THR A 23 1.74 -7.91 -4.52
N LYS A 24 1.86 -7.22 -5.65
CA LYS A 24 3.14 -7.10 -6.34
C LYS A 24 4.21 -6.50 -5.42
N GLN A 25 3.94 -5.30 -4.93
CA GLN A 25 4.87 -4.62 -4.04
C GLN A 25 5.53 -5.61 -3.08
N GLY A 26 4.73 -6.32 -2.31
CA GLY A 26 5.25 -7.29 -1.38
C GLY A 26 6.27 -8.22 -2.01
N ASN A 27 5.99 -8.65 -3.24
CA ASN A 27 6.89 -9.55 -3.95
C ASN A 27 8.20 -8.85 -4.29
N ILE A 28 8.10 -7.62 -4.78
CA ILE A 28 9.29 -6.85 -5.14
C ILE A 28 10.30 -6.82 -4.00
N VAL A 29 9.80 -6.63 -2.78
CA VAL A 29 10.65 -6.59 -1.60
C VAL A 29 11.36 -7.92 -1.38
N ARG A 30 10.63 -9.01 -1.58
CA ARG A 30 11.19 -10.35 -1.40
C ARG A 30 12.33 -10.58 -2.39
N GLU A 31 12.05 -10.37 -3.67
CA GLU A 31 13.05 -10.57 -4.71
C GLU A 31 14.25 -9.63 -4.52
N LEU A 32 13.95 -8.39 -4.12
CA LEU A 32 14.99 -7.40 -3.89
C LEU A 32 16.11 -7.97 -3.01
N LYS A 33 15.74 -8.42 -1.82
CA LYS A 33 16.72 -8.99 -0.88
C LYS A 33 17.51 -10.11 -1.56
N ALA A 34 16.81 -10.99 -2.27
CA ALA A 34 17.45 -12.10 -2.96
C ALA A 34 18.42 -11.60 -4.02
N GLN A 35 18.10 -10.45 -4.62
CA GLN A 35 18.95 -9.88 -5.65
C GLN A 35 20.04 -9.01 -5.04
N LYS A 36 20.41 -9.31 -3.79
CA LYS A 36 21.43 -8.55 -3.10
C LYS A 36 21.28 -7.06 -3.35
N ALA A 37 20.04 -6.58 -3.32
CA ALA A 37 19.76 -5.17 -3.55
C ALA A 37 20.24 -4.32 -2.37
N ASP A 38 20.75 -3.13 -2.68
CA ASP A 38 21.25 -2.22 -1.66
C ASP A 38 20.16 -1.91 -0.63
N LYS A 39 20.53 -1.95 0.64
CA LYS A 39 19.59 -1.67 1.72
C LYS A 39 18.75 -0.45 1.40
N ASN A 40 19.36 0.54 0.76
CA ASN A 40 18.65 1.76 0.40
C ASN A 40 17.58 1.49 -0.65
N GLU A 41 17.94 0.76 -1.69
CA GLU A 41 17.01 0.43 -2.76
C GLU A 41 15.76 -0.26 -2.19
N VAL A 42 15.97 -1.15 -1.23
CA VAL A 42 14.87 -1.87 -0.60
C VAL A 42 14.02 -0.94 0.26
N ALA A 43 14.70 -0.14 1.09
CA ALA A 43 14.01 0.79 1.97
C ALA A 43 12.92 1.54 1.22
N ALA A 44 13.25 2.03 0.04
CA ALA A 44 12.28 2.77 -0.78
C ALA A 44 11.01 1.96 -1.00
N GLU A 45 11.16 0.79 -1.63
CA GLU A 45 10.03 -0.07 -1.90
C GLU A 45 9.24 -0.36 -0.62
N VAL A 46 9.97 -0.65 0.45
CA VAL A 46 9.34 -0.94 1.73
C VAL A 46 8.49 0.23 2.22
N ALA A 47 9.09 1.42 2.20
CA ALA A 47 8.39 2.62 2.64
C ALA A 47 7.03 2.73 1.97
N LYS A 48 7.01 2.69 0.65
CA LYS A 48 5.76 2.79 -0.10
C LYS A 48 4.83 1.62 0.23
N LEU A 49 5.42 0.45 0.44
CA LEU A 49 4.64 -0.74 0.77
C LEU A 49 3.82 -0.53 2.03
N LEU A 50 4.41 0.16 3.00
CA LEU A 50 3.73 0.44 4.27
C LEU A 50 2.45 1.23 4.03
N ASP A 51 2.53 2.25 3.19
CA ASP A 51 1.38 3.08 2.88
C ASP A 51 0.36 2.31 2.04
N LEU A 52 0.85 1.40 1.21
CA LEU A 52 0.00 0.60 0.35
C LEU A 52 -0.86 -0.36 1.17
N LYS A 53 -0.32 -0.80 2.31
CA LYS A 53 -1.04 -1.71 3.20
C LYS A 53 -2.24 -1.02 3.83
N LYS A 54 -2.07 0.26 4.16
CA LYS A 54 -3.14 1.04 4.78
C LYS A 54 -4.06 1.63 3.72
N GLN A 55 -3.47 2.03 2.58
CA GLN A 55 -4.25 2.62 1.50
C GLN A 55 -5.30 1.64 0.99
N LEU A 56 -4.92 0.36 0.89
CA LEU A 56 -5.84 -0.67 0.41
C LEU A 56 -7.07 -0.75 1.31
N ALA A 57 -6.85 -0.97 2.60
CA ALA A 57 -7.94 -1.06 3.56
C ALA A 57 -8.86 0.15 3.47
N VAL A 58 -8.28 1.35 3.62
CA VAL A 58 -9.04 2.59 3.56
C VAL A 58 -10.05 2.55 2.43
N ALA A 59 -9.55 2.40 1.20
CA ALA A 59 -10.42 2.34 0.03
C ALA A 59 -11.65 1.47 0.28
N GLU A 60 -11.41 0.23 0.71
CA GLU A 60 -12.49 -0.70 0.99
C GLU A 60 -13.38 -0.18 2.12
N GLY A 61 -12.76 0.47 3.09
CA GLY A 61 -13.51 1.01 4.21
C GLY A 61 -13.45 0.11 5.43
N LYS A 62 -12.35 -0.60 5.58
CA LYS A 62 -12.17 -1.51 6.72
C LYS A 62 -11.27 -0.90 7.78
N PRO A 63 -11.33 -1.43 9.00
CA PRO A 63 -10.53 -0.95 10.13
C PRO A 63 -9.05 -1.28 9.96
N PRO A 64 -8.23 -0.24 9.73
CA PRO A 64 -6.78 -0.39 9.53
C PRO A 64 -6.08 -0.78 10.82
N GLU A 65 -5.63 -2.04 10.90
CA GLU A 65 -4.94 -2.53 12.08
C GLU A 65 -5.49 -1.88 13.35
N ALA A 66 -6.79 -1.59 13.34
CA ALA A 66 -7.43 -0.97 14.49
C ALA A 66 -7.45 -1.92 15.69
N PRO A 67 -8.12 -3.07 15.52
CA PRO A 67 -8.23 -4.08 16.57
C PRO A 67 -6.90 -4.78 16.85
N LYS A 68 -6.18 -5.12 15.79
CA LYS A 68 -4.89 -5.79 15.93
C LYS A 68 -3.90 -5.26 14.89
N GLY A 69 -2.67 -5.03 15.32
CA GLY A 69 -1.64 -4.54 14.42
C GLY A 69 -0.24 -4.75 14.96
N LYS A 70 0.75 -4.64 14.08
CA LYS A 70 2.14 -4.82 14.47
C LYS A 70 2.42 -4.15 15.81
N LYS A 71 3.35 -4.74 16.57
CA LYS A 71 3.71 -4.20 17.88
C LYS A 71 5.20 -3.89 17.95
N LYS A 72 5.55 -2.61 17.83
CA LYS A 72 6.94 -2.19 17.88
C LYS A 72 7.05 -0.69 18.12
N LYS A 73 8.23 -0.24 18.52
CA LYS A 73 8.47 1.18 18.77
C LYS A 73 8.63 1.95 17.47
N SER A 74 7.64 2.76 17.13
CA SER A 74 7.67 3.56 15.91
C SER A 74 8.24 4.94 16.17
N GLY A 75 8.94 5.48 15.18
CA GLY A 75 9.54 6.79 15.32
C GLY A 75 8.74 7.88 14.61
N PRO A 76 8.73 9.09 15.18
CA PRO A 76 8.01 10.23 14.62
C PRO A 76 8.62 10.73 13.33
N SER A 77 7.81 10.84 12.29
CA SER A 77 8.28 11.32 10.99
C SER A 77 7.83 12.75 10.74
N SER A 78 8.58 13.70 11.28
CA SER A 78 8.25 15.11 11.12
C SER A 78 8.58 15.59 9.70
N GLY A 79 7.59 15.52 8.81
CA GLY A 79 7.79 15.94 7.44
C GLY A 79 6.62 16.76 6.91
N GLY A 1 -4.91 -0.55 -17.16
CA GLY A 1 -4.11 -0.80 -18.35
C GLY A 1 -4.66 -0.09 -19.57
N SER A 2 -4.69 1.24 -19.52
CA SER A 2 -5.19 2.04 -20.63
C SER A 2 -4.88 3.53 -20.41
N SER A 3 -4.25 4.14 -21.40
CA SER A 3 -3.90 5.55 -21.32
C SER A 3 -4.72 6.38 -22.29
N GLY A 4 -4.70 7.70 -22.11
CA GLY A 4 -5.46 8.58 -22.98
C GLY A 4 -5.88 9.86 -22.28
N SER A 5 -6.78 10.61 -22.92
CA SER A 5 -7.25 11.87 -22.36
C SER A 5 -8.37 11.62 -21.34
N SER A 6 -9.40 10.88 -21.78
CA SER A 6 -10.53 10.57 -20.92
C SER A 6 -10.08 9.81 -19.67
N GLY A 7 -10.66 10.16 -18.53
CA GLY A 7 -10.30 9.50 -17.29
C GLY A 7 -11.42 9.54 -16.27
N THR A 8 -11.73 8.38 -15.68
CA THR A 8 -12.79 8.30 -14.67
C THR A 8 -12.32 7.51 -13.45
N THR A 9 -12.09 8.23 -12.36
CA THR A 9 -11.65 7.60 -11.11
C THR A 9 -12.81 7.40 -10.15
N ALA A 10 -12.98 6.16 -9.69
CA ALA A 10 -14.06 5.84 -8.77
C ALA A 10 -13.51 5.17 -7.51
N LYS A 11 -14.27 5.24 -6.42
CA LYS A 11 -13.87 4.63 -5.16
C LYS A 11 -13.82 3.11 -5.28
N PRO A 12 -14.98 2.52 -5.60
CA PRO A 12 -15.11 1.06 -5.76
C PRO A 12 -14.38 0.54 -7.00
N GLN A 13 -13.77 1.45 -7.74
CA GLN A 13 -13.04 1.09 -8.95
C GLN A 13 -11.54 1.02 -8.68
N GLN A 14 -11.02 2.03 -7.99
CA GLN A 14 -9.60 2.09 -7.67
C GLN A 14 -9.22 0.95 -6.73
N ILE A 15 -10.12 0.61 -5.82
CA ILE A 15 -9.87 -0.47 -4.88
C ILE A 15 -9.31 -1.71 -5.57
N GLN A 16 -10.10 -2.28 -6.46
CA GLN A 16 -9.69 -3.47 -7.21
C GLN A 16 -8.22 -3.37 -7.62
N ALA A 17 -7.81 -2.19 -8.05
CA ALA A 17 -6.43 -1.95 -8.47
C ALA A 17 -5.48 -2.03 -7.29
N LEU A 18 -5.90 -1.45 -6.17
CA LEU A 18 -5.08 -1.45 -4.96
C LEU A 18 -4.69 -2.86 -4.56
N MET A 19 -5.67 -3.76 -4.58
CA MET A 19 -5.43 -5.16 -4.22
C MET A 19 -4.32 -5.76 -5.06
N ASP A 20 -4.27 -5.37 -6.34
CA ASP A 20 -3.26 -5.87 -7.25
C ASP A 20 -1.87 -5.35 -6.87
N GLU A 21 -1.78 -4.05 -6.63
CA GLU A 21 -0.51 -3.43 -6.25
C GLU A 21 0.17 -4.23 -5.14
N VAL A 22 -0.53 -4.39 -4.02
CA VAL A 22 0.02 -5.13 -2.89
C VAL A 22 0.78 -6.37 -3.35
N THR A 23 0.19 -7.11 -4.30
CA THR A 23 0.81 -8.30 -4.82
C THR A 23 2.18 -8.00 -5.43
N LYS A 24 2.17 -7.28 -6.55
CA LYS A 24 3.40 -6.92 -7.22
C LYS A 24 4.43 -6.36 -6.23
N GLN A 25 4.01 -5.39 -5.44
CA GLN A 25 4.88 -4.78 -4.45
C GLN A 25 5.55 -5.84 -3.59
N GLY A 26 4.73 -6.70 -2.99
CA GLY A 26 5.26 -7.75 -2.13
C GLY A 26 6.41 -8.50 -2.78
N ASN A 27 6.23 -8.87 -4.05
CA ASN A 27 7.26 -9.60 -4.79
C ASN A 27 8.54 -8.79 -4.88
N ILE A 28 8.40 -7.53 -5.27
CA ILE A 28 9.55 -6.64 -5.40
C ILE A 28 10.44 -6.71 -4.16
N VAL A 29 9.85 -6.47 -3.00
CA VAL A 29 10.59 -6.51 -1.74
C VAL A 29 11.36 -7.82 -1.60
N ARG A 30 10.67 -8.93 -1.83
CA ARG A 30 11.29 -10.25 -1.73
C ARG A 30 12.57 -10.32 -2.54
N GLU A 31 12.54 -9.72 -3.73
CA GLU A 31 13.70 -9.71 -4.62
C GLU A 31 14.85 -8.92 -4.00
N LEU A 32 14.53 -7.75 -3.46
CA LEU A 32 15.53 -6.90 -2.84
C LEU A 32 16.31 -7.66 -1.77
N LYS A 33 15.59 -8.19 -0.78
CA LYS A 33 16.22 -8.94 0.30
C LYS A 33 16.81 -10.25 -0.22
N ALA A 34 16.38 -10.66 -1.41
CA ALA A 34 16.87 -11.89 -2.02
C ALA A 34 18.15 -11.63 -2.81
N GLN A 35 18.31 -10.40 -3.28
CA GLN A 35 19.49 -10.03 -4.05
C GLN A 35 20.37 -9.06 -3.27
N LYS A 36 20.14 -8.98 -1.96
CA LYS A 36 20.91 -8.09 -1.10
C LYS A 36 21.03 -6.70 -1.72
N ALA A 37 19.92 -6.18 -2.21
CA ALA A 37 19.89 -4.86 -2.82
C ALA A 37 20.43 -3.80 -1.86
N ASP A 38 20.81 -2.64 -2.41
CA ASP A 38 21.34 -1.55 -1.59
C ASP A 38 20.36 -1.17 -0.48
N LYS A 39 20.89 -0.96 0.71
CA LYS A 39 20.07 -0.59 1.86
C LYS A 39 18.96 0.38 1.45
N ASN A 40 19.35 1.48 0.81
CA ASN A 40 18.39 2.48 0.36
C ASN A 40 17.45 1.90 -0.69
N GLU A 41 18.01 1.09 -1.58
CA GLU A 41 17.21 0.47 -2.64
C GLU A 41 16.11 -0.41 -2.05
N VAL A 42 16.44 -1.15 -1.00
CA VAL A 42 15.47 -2.03 -0.34
C VAL A 42 14.39 -1.22 0.35
N ALA A 43 14.80 -0.27 1.19
CA ALA A 43 13.86 0.57 1.92
C ALA A 43 12.88 1.25 0.97
N ALA A 44 13.43 1.90 -0.06
CA ALA A 44 12.59 2.60 -1.03
C ALA A 44 11.32 1.82 -1.34
N GLU A 45 11.46 0.50 -1.43
CA GLU A 45 10.31 -0.36 -1.71
C GLU A 45 9.52 -0.66 -0.45
N VAL A 46 10.23 -1.10 0.60
CA VAL A 46 9.61 -1.42 1.87
C VAL A 46 8.63 -0.32 2.29
N ALA A 47 9.13 0.92 2.35
CA ALA A 47 8.31 2.05 2.74
C ALA A 47 6.98 2.05 1.98
N LYS A 48 7.06 2.12 0.65
CA LYS A 48 5.87 2.13 -0.19
C LYS A 48 4.92 1.00 0.21
N LEU A 49 5.45 -0.22 0.26
CA LEU A 49 4.64 -1.38 0.63
C LEU A 49 3.77 -1.08 1.83
N LEU A 50 4.40 -0.59 2.90
CA LEU A 50 3.68 -0.27 4.13
C LEU A 50 2.58 0.76 3.86
N ASP A 51 2.81 1.62 2.88
CA ASP A 51 1.84 2.64 2.52
C ASP A 51 0.71 2.06 1.70
N LEU A 52 0.98 0.93 1.05
CA LEU A 52 -0.03 0.25 0.22
C LEU A 52 -1.06 -0.46 1.09
N LYS A 53 -0.66 -0.81 2.30
CA LYS A 53 -1.55 -1.50 3.23
C LYS A 53 -2.57 -0.52 3.82
N LYS A 54 -2.18 0.73 3.94
CA LYS A 54 -3.06 1.76 4.48
C LYS A 54 -3.91 2.39 3.38
N GLN A 55 -3.33 2.53 2.20
CA GLN A 55 -4.03 3.12 1.07
C GLN A 55 -5.15 2.20 0.59
N LEU A 56 -4.93 0.90 0.72
CA LEU A 56 -5.92 -0.09 0.29
C LEU A 56 -7.10 -0.13 1.26
N ALA A 57 -6.85 -0.60 2.48
CA ALA A 57 -7.89 -0.67 3.49
C ALA A 57 -8.83 0.53 3.41
N VAL A 58 -8.27 1.72 3.60
CA VAL A 58 -9.06 2.95 3.55
C VAL A 58 -10.07 2.91 2.39
N ALA A 59 -9.60 2.48 1.22
CA ALA A 59 -10.45 2.39 0.05
C ALA A 59 -11.54 1.34 0.23
N GLU A 60 -11.13 0.10 0.48
CA GLU A 60 -12.08 -1.00 0.68
C GLU A 60 -13.14 -0.61 1.70
N GLY A 61 -12.75 0.19 2.69
CA GLY A 61 -13.68 0.61 3.72
C GLY A 61 -13.47 -0.12 5.03
N LYS A 62 -12.32 -0.78 5.16
CA LYS A 62 -11.99 -1.51 6.36
C LYS A 62 -11.44 -0.59 7.44
N PRO A 63 -11.65 -0.96 8.72
CA PRO A 63 -11.17 -0.17 9.85
C PRO A 63 -9.64 -0.19 9.99
N PRO A 64 -9.01 0.95 9.71
CA PRO A 64 -7.56 1.08 9.80
C PRO A 64 -7.05 1.03 11.23
N GLU A 65 -6.46 -0.10 11.61
CA GLU A 65 -5.92 -0.28 12.95
C GLU A 65 -6.83 0.38 13.98
N ALA A 66 -8.12 0.48 13.65
CA ALA A 66 -9.10 1.08 14.55
C ALA A 66 -9.34 0.20 15.77
N PRO A 67 -9.98 -0.96 15.53
CA PRO A 67 -10.29 -1.92 16.61
C PRO A 67 -9.04 -2.59 17.16
N LYS A 68 -7.88 -2.20 16.64
CA LYS A 68 -6.62 -2.77 17.09
C LYS A 68 -6.32 -2.37 18.53
N GLY A 69 -6.12 -1.09 18.77
CA GLY A 69 -5.83 -0.61 20.11
C GLY A 69 -6.25 0.83 20.32
N LYS A 70 -5.69 1.72 19.51
CA LYS A 70 -6.00 3.15 19.60
C LYS A 70 -7.51 3.38 19.47
N LYS A 71 -8.00 4.37 20.20
CA LYS A 71 -9.43 4.70 20.17
C LYS A 71 -9.64 6.19 20.42
N LYS A 72 -10.52 6.80 19.64
CA LYS A 72 -10.82 8.22 19.77
C LYS A 72 -9.56 9.06 19.63
N LYS A 73 -8.76 8.74 18.61
CA LYS A 73 -7.53 9.46 18.35
C LYS A 73 -7.80 10.78 17.62
N SER A 74 -8.12 11.82 18.37
CA SER A 74 -8.41 13.13 17.79
C SER A 74 -7.23 14.08 17.97
N GLY A 75 -6.99 14.90 16.95
CA GLY A 75 -5.90 15.85 17.01
C GLY A 75 -5.15 15.94 15.68
N PRO A 76 -5.68 16.76 14.76
CA PRO A 76 -5.07 16.95 13.44
C PRO A 76 -3.76 17.73 13.52
N SER A 77 -3.77 18.83 14.25
CA SER A 77 -2.58 19.67 14.40
C SER A 77 -1.77 19.70 13.11
N SER A 78 -2.47 19.83 11.98
CA SER A 78 -1.81 19.86 10.68
C SER A 78 -1.18 21.23 10.42
N GLY A 79 -2.01 22.27 10.38
CA GLY A 79 -1.52 23.61 10.15
C GLY A 79 -2.63 24.60 9.90
N GLY A 1 -6.56 -7.93 -27.03
CA GLY A 1 -6.89 -6.77 -27.84
C GLY A 1 -7.22 -5.56 -26.99
N SER A 2 -8.23 -5.69 -26.13
CA SER A 2 -8.65 -4.60 -25.27
C SER A 2 -7.45 -3.77 -24.82
N SER A 3 -7.36 -2.54 -25.33
CA SER A 3 -6.27 -1.65 -24.98
C SER A 3 -6.50 -1.01 -23.62
N GLY A 4 -7.67 -0.43 -23.44
CA GLY A 4 -8.00 0.22 -22.17
C GLY A 4 -8.87 1.45 -22.37
N SER A 5 -9.01 2.23 -21.30
CA SER A 5 -9.83 3.45 -21.35
C SER A 5 -9.64 4.28 -20.08
N SER A 6 -10.09 5.53 -20.13
CA SER A 6 -9.97 6.43 -18.99
C SER A 6 -11.00 6.08 -17.91
N GLY A 7 -10.51 5.75 -16.73
CA GLY A 7 -11.41 5.41 -15.64
C GLY A 7 -11.57 6.54 -14.64
N THR A 8 -12.82 6.97 -14.44
CA THR A 8 -13.11 8.05 -13.51
C THR A 8 -12.68 7.70 -12.10
N THR A 9 -12.48 8.73 -11.27
CA THR A 9 -12.05 8.53 -9.89
C THR A 9 -13.16 7.88 -9.07
N ALA A 10 -13.21 6.55 -9.09
CA ALA A 10 -14.23 5.81 -8.35
C ALA A 10 -13.62 5.14 -7.12
N LYS A 11 -14.41 5.03 -6.06
CA LYS A 11 -13.95 4.40 -4.82
C LYS A 11 -13.81 2.90 -5.00
N PRO A 12 -14.92 2.23 -5.33
CA PRO A 12 -14.94 0.78 -5.54
C PRO A 12 -14.19 0.36 -6.80
N GLN A 13 -13.59 1.34 -7.48
CA GLN A 13 -12.84 1.07 -8.71
C GLN A 13 -11.34 0.99 -8.41
N GLN A 14 -10.79 2.07 -7.86
CA GLN A 14 -9.37 2.13 -7.54
C GLN A 14 -8.94 0.88 -6.77
N ILE A 15 -9.82 0.39 -5.90
CA ILE A 15 -9.52 -0.79 -5.11
C ILE A 15 -8.75 -1.83 -5.93
N GLN A 16 -9.40 -2.35 -6.97
CA GLN A 16 -8.79 -3.34 -7.83
C GLN A 16 -7.34 -2.97 -8.14
N ALA A 17 -7.14 -1.73 -8.55
CA ALA A 17 -5.80 -1.24 -8.87
C ALA A 17 -4.84 -1.39 -7.70
N LEU A 18 -5.22 -0.81 -6.57
CA LEU A 18 -4.40 -0.89 -5.36
C LEU A 18 -4.05 -2.33 -5.03
N MET A 19 -5.06 -3.18 -4.98
CA MET A 19 -4.86 -4.60 -4.69
C MET A 19 -3.62 -5.14 -5.39
N ASP A 20 -3.55 -4.91 -6.70
CA ASP A 20 -2.43 -5.38 -7.50
C ASP A 20 -1.11 -4.83 -6.95
N GLU A 21 -1.14 -3.58 -6.49
CA GLU A 21 0.04 -2.94 -5.94
C GLU A 21 0.58 -3.72 -4.75
N VAL A 22 -0.33 -4.08 -3.83
CA VAL A 22 0.05 -4.84 -2.64
C VAL A 22 0.75 -6.13 -3.01
N THR A 23 0.15 -6.89 -3.92
CA THR A 23 0.71 -8.15 -4.36
C THR A 23 2.01 -7.95 -5.11
N LYS A 24 1.98 -7.16 -6.18
CA LYS A 24 3.16 -6.87 -6.97
C LYS A 24 4.31 -6.39 -6.09
N GLN A 25 4.02 -5.40 -5.24
CA GLN A 25 5.03 -4.85 -4.34
C GLN A 25 5.59 -5.93 -3.43
N GLY A 26 4.70 -6.65 -2.75
CA GLY A 26 5.12 -7.71 -1.85
C GLY A 26 6.21 -8.58 -2.45
N ASN A 27 6.05 -8.94 -3.72
CA ASN A 27 7.02 -9.77 -4.40
C ASN A 27 8.33 -9.02 -4.61
N ILE A 28 8.24 -7.78 -5.09
CA ILE A 28 9.41 -6.96 -5.34
C ILE A 28 10.22 -6.76 -4.06
N VAL A 29 9.51 -6.57 -2.95
CA VAL A 29 10.16 -6.36 -1.66
C VAL A 29 10.83 -7.64 -1.18
N ARG A 30 10.17 -8.77 -1.38
CA ARG A 30 10.70 -10.06 -0.97
C ARG A 30 11.94 -10.42 -1.79
N GLU A 31 11.81 -10.32 -3.11
CA GLU A 31 12.91 -10.65 -4.01
C GLU A 31 14.07 -9.68 -3.82
N LEU A 32 13.75 -8.40 -3.62
CA LEU A 32 14.76 -7.37 -3.42
C LEU A 32 15.75 -7.79 -2.33
N LYS A 33 15.23 -8.23 -1.20
CA LYS A 33 16.05 -8.67 -0.08
C LYS A 33 16.81 -9.95 -0.43
N ALA A 34 16.10 -10.89 -1.05
CA ALA A 34 16.71 -12.16 -1.44
C ALA A 34 17.87 -11.95 -2.40
N GLN A 35 17.74 -10.95 -3.27
CA GLN A 35 18.78 -10.64 -4.24
C GLN A 35 19.79 -9.66 -3.66
N LYS A 36 19.94 -9.66 -2.34
CA LYS A 36 20.87 -8.78 -1.67
C LYS A 36 21.02 -7.47 -2.43
N ALA A 37 19.90 -6.88 -2.82
CA ALA A 37 19.91 -5.62 -3.56
C ALA A 37 20.41 -4.47 -2.69
N ASP A 38 20.62 -3.32 -3.31
CA ASP A 38 21.10 -2.14 -2.58
C ASP A 38 20.17 -1.81 -1.42
N LYS A 39 20.75 -1.67 -0.24
CA LYS A 39 19.97 -1.35 0.97
C LYS A 39 19.03 -0.18 0.71
N ASN A 40 19.55 0.87 0.07
CA ASN A 40 18.76 2.04 -0.24
C ASN A 40 17.55 1.68 -1.10
N GLU A 41 17.80 0.96 -2.19
CA GLU A 41 16.74 0.54 -3.10
C GLU A 41 15.64 -0.21 -2.34
N VAL A 42 16.06 -1.15 -1.49
CA VAL A 42 15.11 -1.94 -0.71
C VAL A 42 14.23 -1.05 0.16
N ALA A 43 14.87 -0.17 0.93
CA ALA A 43 14.14 0.75 1.80
C ALA A 43 13.11 1.55 1.02
N ALA A 44 13.55 2.19 -0.05
CA ALA A 44 12.66 2.98 -0.89
C ALA A 44 11.32 2.29 -1.09
N GLU A 45 11.38 0.99 -1.38
CA GLU A 45 10.17 0.20 -1.60
C GLU A 45 9.40 0.03 -0.30
N VAL A 46 10.11 -0.23 0.78
CA VAL A 46 9.50 -0.43 2.09
C VAL A 46 8.45 0.65 2.37
N ALA A 47 8.88 1.91 2.31
CA ALA A 47 7.98 3.03 2.55
C ALA A 47 6.68 2.86 1.78
N LYS A 48 6.78 2.79 0.46
CA LYS A 48 5.60 2.63 -0.38
C LYS A 48 4.74 1.48 0.09
N LEU A 49 5.28 0.26 0.03
CA LEU A 49 4.56 -0.92 0.45
C LEU A 49 3.78 -0.66 1.74
N LEU A 50 4.52 -0.31 2.80
CA LEU A 50 3.90 -0.01 4.09
C LEU A 50 2.60 0.75 3.91
N ASP A 51 2.58 1.67 2.95
CA ASP A 51 1.38 2.46 2.68
C ASP A 51 0.36 1.66 1.89
N LEU A 52 0.85 0.80 1.01
CA LEU A 52 -0.02 -0.02 0.18
C LEU A 52 -0.84 -0.98 1.04
N LYS A 53 -0.54 -1.01 2.33
CA LYS A 53 -1.25 -1.87 3.26
C LYS A 53 -2.38 -1.11 3.95
N LYS A 54 -2.16 0.18 4.16
CA LYS A 54 -3.16 1.04 4.81
C LYS A 54 -4.09 1.65 3.78
N GLN A 55 -3.54 2.05 2.64
CA GLN A 55 -4.32 2.66 1.57
C GLN A 55 -5.33 1.66 1.00
N LEU A 56 -4.90 0.40 0.88
CA LEU A 56 -5.78 -0.64 0.35
C LEU A 56 -7.03 -0.79 1.20
N ALA A 57 -6.86 -1.25 2.42
CA ALA A 57 -7.98 -1.43 3.34
C ALA A 57 -8.89 -0.21 3.35
N VAL A 58 -8.29 0.96 3.54
CA VAL A 58 -9.06 2.21 3.57
C VAL A 58 -10.04 2.28 2.42
N ALA A 59 -9.53 2.16 1.19
CA ALA A 59 -10.36 2.21 0.00
C ALA A 59 -11.51 1.21 0.10
N GLU A 60 -11.18 -0.03 0.49
CA GLU A 60 -12.18 -1.07 0.62
C GLU A 60 -13.28 -0.66 1.60
N GLY A 61 -12.88 0.00 2.68
CA GLY A 61 -13.84 0.43 3.68
C GLY A 61 -13.81 -0.41 4.94
N LYS A 62 -12.63 -0.96 5.24
CA LYS A 62 -12.47 -1.80 6.42
C LYS A 62 -11.60 -1.10 7.47
N PRO A 63 -11.77 -1.49 8.74
CA PRO A 63 -11.00 -0.91 9.85
C PRO A 63 -9.54 -1.32 9.83
N PRO A 64 -8.64 -0.32 9.88
CA PRO A 64 -7.20 -0.55 9.86
C PRO A 64 -6.70 -1.20 11.14
N GLU A 65 -5.37 -1.30 11.28
CA GLU A 65 -4.78 -1.91 12.46
C GLU A 65 -5.51 -1.49 13.73
N ALA A 66 -5.82 -0.20 13.83
CA ALA A 66 -6.53 0.33 14.99
C ALA A 66 -5.77 0.04 16.28
N PRO A 67 -4.49 0.47 16.31
CA PRO A 67 -3.63 0.26 17.48
C PRO A 67 -4.04 1.13 18.66
N LYS A 68 -4.28 0.49 19.80
CA LYS A 68 -4.67 1.20 21.01
C LYS A 68 -3.51 2.00 21.59
N GLY A 69 -3.83 3.05 22.32
CA GLY A 69 -2.80 3.87 22.93
C GLY A 69 -3.02 5.36 22.68
N LYS A 70 -3.01 6.15 23.74
CA LYS A 70 -3.21 7.59 23.63
C LYS A 70 -2.60 8.12 22.33
N LYS A 71 -3.31 9.04 21.69
CA LYS A 71 -2.84 9.64 20.44
C LYS A 71 -3.70 10.84 20.06
N LYS A 72 -3.05 11.87 19.51
CA LYS A 72 -3.74 13.08 19.10
C LYS A 72 -3.77 13.20 17.58
N LYS A 73 -4.83 13.81 17.04
CA LYS A 73 -4.96 13.99 15.61
C LYS A 73 -4.55 15.41 15.20
N SER A 74 -4.34 15.61 13.91
CA SER A 74 -3.95 16.90 13.39
C SER A 74 -2.69 17.42 14.08
N GLY A 75 -1.72 16.53 14.25
CA GLY A 75 -0.48 16.90 14.91
C GLY A 75 0.60 17.31 13.92
N PRO A 76 1.57 18.11 14.40
CA PRO A 76 2.67 18.59 13.56
C PRO A 76 3.64 17.48 13.18
N SER A 77 3.34 16.26 13.62
CA SER A 77 4.19 15.12 13.33
C SER A 77 4.58 15.09 11.86
N SER A 78 5.89 15.02 11.60
CA SER A 78 6.39 14.99 10.23
C SER A 78 6.44 13.57 9.70
N GLY A 79 6.95 12.65 10.51
CA GLY A 79 7.04 11.26 10.10
C GLY A 79 7.57 10.37 11.20
N GLY A 1 -10.40 -10.31 -13.40
CA GLY A 1 -9.26 -9.43 -13.31
C GLY A 1 -8.74 -9.00 -14.67
N SER A 2 -9.15 -7.82 -15.11
CA SER A 2 -8.74 -7.30 -16.41
C SER A 2 -8.63 -5.78 -16.38
N SER A 3 -7.75 -5.24 -17.21
CA SER A 3 -7.55 -3.79 -17.28
C SER A 3 -8.24 -3.21 -18.52
N GLY A 4 -9.47 -2.76 -18.36
CA GLY A 4 -10.21 -2.19 -19.47
C GLY A 4 -9.94 -0.70 -19.63
N SER A 5 -10.97 0.05 -19.98
CA SER A 5 -10.83 1.49 -20.18
C SER A 5 -11.40 2.27 -18.99
N SER A 6 -10.52 2.83 -18.19
CA SER A 6 -10.92 3.59 -17.01
C SER A 6 -11.44 4.97 -17.42
N GLY A 7 -12.47 5.44 -16.70
CA GLY A 7 -13.04 6.74 -17.00
C GLY A 7 -13.67 7.38 -15.78
N THR A 8 -14.97 7.15 -15.60
CA THR A 8 -15.70 7.72 -14.47
C THR A 8 -15.21 7.12 -13.15
N THR A 9 -14.50 7.93 -12.37
CA THR A 9 -13.97 7.48 -11.09
C THR A 9 -14.99 6.63 -10.35
N ALA A 10 -14.50 5.59 -9.68
CA ALA A 10 -15.37 4.69 -8.92
C ALA A 10 -14.68 4.19 -7.65
N LYS A 11 -15.38 4.29 -6.53
CA LYS A 11 -14.84 3.86 -5.25
C LYS A 11 -14.57 2.35 -5.26
N PRO A 12 -15.63 1.57 -5.49
CA PRO A 12 -15.53 0.11 -5.53
C PRO A 12 -14.77 -0.39 -6.75
N GLN A 13 -14.25 0.55 -7.55
CA GLN A 13 -13.50 0.21 -8.75
C GLN A 13 -12.00 0.29 -8.50
N GLN A 14 -11.55 1.45 -8.02
CA GLN A 14 -10.14 1.66 -7.73
C GLN A 14 -9.58 0.53 -6.87
N ILE A 15 -10.40 0.03 -5.95
CA ILE A 15 -9.99 -1.05 -5.06
C ILE A 15 -9.23 -2.13 -5.82
N GLN A 16 -9.80 -2.56 -6.95
CA GLN A 16 -9.18 -3.59 -7.77
C GLN A 16 -7.75 -3.19 -8.16
N ALA A 17 -7.60 -1.97 -8.65
CA ALA A 17 -6.29 -1.47 -9.04
C ALA A 17 -5.31 -1.46 -7.86
N LEU A 18 -5.77 -0.92 -6.74
CA LEU A 18 -4.94 -0.85 -5.54
C LEU A 18 -4.43 -2.24 -5.14
N MET A 19 -5.35 -3.21 -5.10
CA MET A 19 -5.00 -4.58 -4.74
C MET A 19 -3.88 -5.10 -5.63
N ASP A 20 -3.87 -4.64 -6.89
CA ASP A 20 -2.85 -5.07 -7.84
C ASP A 20 -1.50 -4.47 -7.51
N GLU A 21 -1.44 -3.14 -7.48
CA GLU A 21 -0.19 -2.43 -7.18
C GLU A 21 0.35 -2.87 -5.82
N VAL A 22 -0.52 -2.88 -4.81
CA VAL A 22 -0.13 -3.28 -3.46
C VAL A 22 0.53 -4.65 -3.46
N THR A 23 -0.17 -5.64 -4.01
CA THR A 23 0.35 -7.00 -4.07
C THR A 23 1.72 -7.03 -4.73
N LYS A 24 1.78 -6.58 -5.98
CA LYS A 24 3.03 -6.56 -6.73
C LYS A 24 4.18 -6.08 -5.84
N GLN A 25 3.94 -5.00 -5.10
CA GLN A 25 4.95 -4.43 -4.22
C GLN A 25 5.52 -5.50 -3.28
N GLY A 26 4.64 -6.06 -2.46
CA GLY A 26 5.08 -7.09 -1.52
C GLY A 26 6.07 -8.05 -2.13
N ASN A 27 5.79 -8.49 -3.35
CA ASN A 27 6.68 -9.43 -4.05
C ASN A 27 8.04 -8.79 -4.31
N ILE A 28 8.03 -7.60 -4.88
CA ILE A 28 9.26 -6.88 -5.19
C ILE A 28 10.22 -6.90 -3.99
N VAL A 29 9.70 -6.51 -2.83
CA VAL A 29 10.50 -6.50 -1.62
C VAL A 29 11.17 -7.85 -1.37
N ARG A 30 10.39 -8.92 -1.52
CA ARG A 30 10.90 -10.26 -1.32
C ARG A 30 12.06 -10.55 -2.26
N GLU A 31 11.97 -10.05 -3.48
CA GLU A 31 13.02 -10.26 -4.48
C GLU A 31 14.31 -9.59 -4.05
N LEU A 32 14.22 -8.38 -3.55
CA LEU A 32 15.39 -7.63 -3.10
C LEU A 32 16.16 -8.42 -2.03
N LYS A 33 15.47 -8.76 -0.95
CA LYS A 33 16.08 -9.51 0.14
C LYS A 33 16.68 -10.82 -0.37
N ALA A 34 16.01 -11.42 -1.35
CA ALA A 34 16.47 -12.67 -1.94
C ALA A 34 17.70 -12.45 -2.83
N GLN A 35 17.72 -11.32 -3.53
CA GLN A 35 18.84 -11.00 -4.41
C GLN A 35 19.83 -10.06 -3.71
N LYS A 36 19.83 -10.10 -2.38
CA LYS A 36 20.72 -9.26 -1.60
C LYS A 36 20.86 -7.87 -2.22
N ALA A 37 19.73 -7.31 -2.63
CA ALA A 37 19.72 -5.98 -3.24
C ALA A 37 20.37 -4.95 -2.33
N ASP A 38 20.55 -3.74 -2.84
CA ASP A 38 21.16 -2.66 -2.06
C ASP A 38 20.20 -2.15 -0.99
N LYS A 39 20.71 -2.04 0.24
CA LYS A 39 19.89 -1.58 1.36
C LYS A 39 19.10 -0.34 0.97
N ASN A 40 19.79 0.67 0.47
CA ASN A 40 19.13 1.91 0.06
C ASN A 40 17.94 1.63 -0.84
N GLU A 41 18.12 0.72 -1.81
CA GLU A 41 17.06 0.35 -2.73
C GLU A 41 15.89 -0.30 -1.98
N VAL A 42 16.19 -1.35 -1.23
CA VAL A 42 15.16 -2.05 -0.47
C VAL A 42 14.38 -1.09 0.42
N ALA A 43 15.09 -0.24 1.14
CA ALA A 43 14.46 0.73 2.02
C ALA A 43 13.37 1.51 1.30
N ALA A 44 13.69 2.03 0.12
CA ALA A 44 12.74 2.79 -0.67
C ALA A 44 11.44 2.02 -0.86
N GLU A 45 11.57 0.74 -1.21
CA GLU A 45 10.40 -0.10 -1.43
C GLU A 45 9.66 -0.35 -0.11
N VAL A 46 10.42 -0.68 0.93
CA VAL A 46 9.84 -0.94 2.24
C VAL A 46 8.86 0.15 2.64
N ALA A 47 9.38 1.36 2.83
CA ALA A 47 8.56 2.50 3.21
C ALA A 47 7.30 2.58 2.34
N LYS A 48 7.49 2.54 1.03
CA LYS A 48 6.37 2.60 0.10
C LYS A 48 5.32 1.54 0.41
N LEU A 49 5.76 0.29 0.49
CA LEU A 49 4.86 -0.82 0.79
C LEU A 49 3.86 -0.42 1.87
N LEU A 50 4.37 0.16 2.95
CA LEU A 50 3.52 0.59 4.07
C LEU A 50 2.31 1.37 3.55
N ASP A 51 2.57 2.47 2.87
CA ASP A 51 1.52 3.32 2.33
C ASP A 51 0.56 2.49 1.47
N LEU A 52 1.10 1.47 0.80
CA LEU A 52 0.30 0.61 -0.06
C LEU A 52 -0.58 -0.33 0.78
N LYS A 53 -0.04 -0.77 1.91
CA LYS A 53 -0.77 -1.66 2.80
C LYS A 53 -1.84 -0.90 3.58
N LYS A 54 -1.58 0.36 3.86
CA LYS A 54 -2.52 1.20 4.59
C LYS A 54 -3.58 1.79 3.66
N GLN A 55 -3.18 2.06 2.43
CA GLN A 55 -4.09 2.62 1.43
C GLN A 55 -5.14 1.60 1.03
N LEU A 56 -4.71 0.37 0.80
CA LEU A 56 -5.62 -0.71 0.41
C LEU A 56 -6.79 -0.80 1.36
N ALA A 57 -6.51 -1.16 2.62
CA ALA A 57 -7.53 -1.28 3.64
C ALA A 57 -8.56 -0.15 3.53
N VAL A 58 -8.06 1.08 3.56
CA VAL A 58 -8.92 2.25 3.47
C VAL A 58 -9.89 2.13 2.29
N ALA A 59 -9.34 1.89 1.11
CA ALA A 59 -10.15 1.75 -0.09
C ALA A 59 -11.30 0.77 0.13
N GLU A 60 -10.97 -0.40 0.66
CA GLU A 60 -11.97 -1.44 0.92
C GLU A 60 -12.97 -0.96 1.98
N GLY A 61 -12.48 -0.30 3.00
CA GLY A 61 -13.34 0.19 4.06
C GLY A 61 -12.64 0.26 5.40
N LYS A 62 -11.77 -0.71 5.67
CA LYS A 62 -11.03 -0.76 6.93
C LYS A 62 -10.33 0.56 7.19
N PRO A 63 -10.28 0.96 8.48
CA PRO A 63 -9.64 2.21 8.90
C PRO A 63 -8.11 2.15 8.75
N PRO A 64 -7.48 3.33 8.85
CA PRO A 64 -6.02 3.44 8.73
C PRO A 64 -5.29 2.83 9.92
N GLU A 65 -4.01 3.17 10.07
CA GLU A 65 -3.20 2.64 11.17
C GLU A 65 -3.52 3.37 12.47
N ALA A 66 -4.80 3.55 12.75
CA ALA A 66 -5.23 4.23 13.97
C ALA A 66 -4.19 4.11 15.06
N PRO A 67 -3.27 5.09 15.12
CA PRO A 67 -2.20 5.11 16.12
C PRO A 67 -2.72 5.39 17.52
N LYS A 68 -1.89 5.12 18.53
CA LYS A 68 -2.26 5.34 19.92
C LYS A 68 -1.51 6.53 20.50
N GLY A 69 -2.13 7.70 20.46
CA GLY A 69 -1.51 8.90 20.99
C GLY A 69 -0.99 9.81 19.90
N LYS A 70 -1.82 10.77 19.49
CA LYS A 70 -1.44 11.71 18.45
C LYS A 70 -1.72 13.15 18.89
N LYS A 71 -1.01 14.09 18.29
CA LYS A 71 -1.17 15.51 18.62
C LYS A 71 -2.63 15.82 18.96
N LYS A 72 -2.82 16.73 19.91
CA LYS A 72 -4.16 17.11 20.34
C LYS A 72 -5.10 17.24 19.14
N LYS A 73 -6.30 16.66 19.27
CA LYS A 73 -7.29 16.71 18.21
C LYS A 73 -7.30 18.08 17.52
N SER A 74 -7.24 18.08 16.20
CA SER A 74 -7.25 19.32 15.44
C SER A 74 -8.66 19.89 15.32
N GLY A 75 -8.80 21.16 15.65
CA GLY A 75 -10.10 21.80 15.58
C GLY A 75 -10.15 22.91 14.53
N PRO A 76 -10.04 22.51 13.25
CA PRO A 76 -10.05 23.46 12.13
C PRO A 76 -11.44 24.07 11.93
N SER A 77 -11.57 24.89 10.89
CA SER A 77 -12.84 25.55 10.58
C SER A 77 -13.75 24.61 9.79
N SER A 78 -14.89 24.28 10.36
CA SER A 78 -15.85 23.40 9.70
C SER A 78 -16.72 24.17 8.72
N GLY A 79 -17.05 25.40 9.09
CA GLY A 79 -17.88 26.23 8.23
C GLY A 79 -19.27 25.67 8.05
N GLY A 1 -12.48 -10.48 -15.76
CA GLY A 1 -11.98 -9.17 -15.42
C GLY A 1 -12.28 -8.13 -16.47
N SER A 2 -13.55 -8.07 -16.89
CA SER A 2 -13.98 -7.11 -17.91
C SER A 2 -13.42 -5.72 -17.61
N SER A 3 -13.23 -4.94 -18.67
CA SER A 3 -12.70 -3.59 -18.53
C SER A 3 -13.51 -2.78 -17.51
N GLY A 4 -14.83 -2.84 -17.65
CA GLY A 4 -15.70 -2.11 -16.74
C GLY A 4 -16.43 -0.98 -17.42
N SER A 5 -15.96 0.25 -17.19
CA SER A 5 -16.58 1.42 -17.78
C SER A 5 -15.66 2.08 -18.80
N SER A 6 -16.15 3.13 -19.44
CA SER A 6 -15.36 3.85 -20.45
C SER A 6 -14.06 4.36 -19.85
N GLY A 7 -14.17 5.07 -18.73
CA GLY A 7 -12.99 5.61 -18.07
C GLY A 7 -12.55 4.76 -16.89
N THR A 8 -11.25 4.76 -16.62
CA THR A 8 -10.70 3.99 -15.51
C THR A 8 -10.22 4.91 -14.39
N THR A 9 -11.16 5.31 -13.54
CA THR A 9 -10.84 6.19 -12.42
C THR A 9 -12.05 6.41 -11.53
N ALA A 10 -12.03 5.82 -10.34
CA ALA A 10 -13.13 5.95 -9.39
C ALA A 10 -12.74 5.45 -8.01
N LYS A 11 -13.48 5.86 -6.99
CA LYS A 11 -13.20 5.45 -5.62
C LYS A 11 -13.32 3.93 -5.48
N PRO A 12 -14.51 3.39 -5.78
CA PRO A 12 -14.76 1.95 -5.69
C PRO A 12 -14.02 1.16 -6.77
N GLN A 13 -13.44 1.89 -7.73
CA GLN A 13 -12.70 1.24 -8.82
C GLN A 13 -11.23 1.08 -8.45
N GLN A 14 -10.59 2.20 -8.09
CA GLN A 14 -9.18 2.18 -7.72
C GLN A 14 -8.87 1.02 -6.77
N ILE A 15 -9.90 0.57 -6.05
CA ILE A 15 -9.75 -0.53 -5.11
C ILE A 15 -9.13 -1.75 -5.79
N GLN A 16 -9.78 -2.21 -6.85
CA GLN A 16 -9.30 -3.38 -7.59
C GLN A 16 -7.84 -3.19 -7.99
N ALA A 17 -7.51 -2.03 -8.53
CA ALA A 17 -6.16 -1.73 -8.95
C ALA A 17 -5.17 -1.89 -7.80
N LEU A 18 -5.51 -1.30 -6.66
CA LEU A 18 -4.65 -1.37 -5.48
C LEU A 18 -4.29 -2.82 -5.16
N MET A 19 -5.31 -3.66 -4.98
CA MET A 19 -5.10 -5.06 -4.67
C MET A 19 -3.92 -5.62 -5.47
N ASP A 20 -3.83 -5.25 -6.75
CA ASP A 20 -2.76 -5.71 -7.61
C ASP A 20 -1.42 -5.18 -7.13
N GLU A 21 -1.39 -3.91 -6.74
CA GLU A 21 -0.16 -3.28 -6.26
C GLU A 21 0.35 -3.98 -5.00
N VAL A 22 -0.54 -4.19 -4.04
CA VAL A 22 -0.19 -4.85 -2.79
C VAL A 22 0.46 -6.20 -3.04
N THR A 23 -0.10 -6.95 -3.99
CA THR A 23 0.43 -8.26 -4.34
C THR A 23 1.82 -8.16 -4.95
N LYS A 24 1.91 -7.43 -6.05
CA LYS A 24 3.19 -7.24 -6.74
C LYS A 24 4.24 -6.64 -5.81
N GLN A 25 3.94 -5.46 -5.28
CA GLN A 25 4.85 -4.78 -4.37
C GLN A 25 5.56 -5.78 -3.47
N GLY A 26 4.79 -6.50 -2.67
CA GLY A 26 5.36 -7.48 -1.76
C GLY A 26 6.43 -8.32 -2.42
N ASN A 27 6.06 -8.99 -3.52
CA ASN A 27 7.00 -9.83 -4.25
C ASN A 27 8.33 -9.11 -4.47
N ILE A 28 8.25 -7.91 -5.05
CA ILE A 28 9.43 -7.11 -5.32
C ILE A 28 10.32 -7.00 -4.09
N VAL A 29 9.68 -6.75 -2.94
CA VAL A 29 10.42 -6.61 -1.69
C VAL A 29 11.10 -7.92 -1.30
N ARG A 30 10.36 -9.03 -1.43
CA ARG A 30 10.89 -10.34 -1.10
C ARG A 30 12.13 -10.65 -1.93
N GLU A 31 12.03 -10.46 -3.24
CA GLU A 31 13.14 -10.73 -4.13
C GLU A 31 14.29 -9.76 -3.87
N LEU A 32 13.95 -8.51 -3.60
CA LEU A 32 14.95 -7.47 -3.34
C LEU A 32 15.96 -7.97 -2.30
N LYS A 33 15.46 -8.45 -1.18
CA LYS A 33 16.32 -8.95 -0.10
C LYS A 33 17.16 -10.13 -0.59
N ALA A 34 16.51 -11.05 -1.31
CA ALA A 34 17.19 -12.23 -1.83
C ALA A 34 18.30 -11.84 -2.79
N GLN A 35 18.10 -10.75 -3.53
CA GLN A 35 19.08 -10.27 -4.49
C GLN A 35 20.09 -9.34 -3.81
N LYS A 36 20.29 -9.55 -2.52
CA LYS A 36 21.23 -8.73 -1.76
C LYS A 36 21.23 -7.29 -2.25
N ALA A 37 20.05 -6.77 -2.53
CA ALA A 37 19.91 -5.39 -3.02
C ALA A 37 20.35 -4.40 -1.95
N ASP A 38 20.74 -3.21 -2.39
CA ASP A 38 21.19 -2.16 -1.47
C ASP A 38 20.07 -1.77 -0.51
N LYS A 39 20.39 -1.73 0.79
CA LYS A 39 19.43 -1.38 1.81
C LYS A 39 18.67 -0.11 1.44
N ASN A 40 19.39 0.87 0.91
CA ASN A 40 18.79 2.13 0.51
C ASN A 40 17.74 1.92 -0.59
N GLU A 41 18.13 1.19 -1.62
CA GLU A 41 17.23 0.91 -2.73
C GLU A 41 15.97 0.18 -2.24
N VAL A 42 16.16 -0.78 -1.35
CA VAL A 42 15.05 -1.55 -0.80
C VAL A 42 14.09 -0.65 -0.04
N ALA A 43 14.62 0.17 0.85
CA ALA A 43 13.80 1.09 1.65
C ALA A 43 12.77 1.79 0.78
N ALA A 44 13.23 2.40 -0.31
CA ALA A 44 12.35 3.11 -1.22
C ALA A 44 11.08 2.31 -1.48
N GLU A 45 11.24 1.03 -1.78
CA GLU A 45 10.10 0.16 -2.04
C GLU A 45 9.25 -0.04 -0.78
N VAL A 46 9.93 -0.32 0.33
CA VAL A 46 9.24 -0.53 1.60
C VAL A 46 8.38 0.67 1.97
N ALA A 47 8.91 1.87 1.73
CA ALA A 47 8.18 3.09 2.03
C ALA A 47 6.81 3.10 1.37
N LYS A 48 6.78 2.79 0.07
CA LYS A 48 5.53 2.76 -0.68
C LYS A 48 4.69 1.55 -0.27
N LEU A 49 5.35 0.47 0.12
CA LEU A 49 4.66 -0.74 0.54
C LEU A 49 3.87 -0.50 1.82
N LEU A 50 4.55 0.02 2.84
CA LEU A 50 3.91 0.30 4.12
C LEU A 50 2.60 1.06 3.93
N ASP A 51 2.62 2.05 3.04
CA ASP A 51 1.45 2.86 2.76
C ASP A 51 0.36 2.02 2.09
N LEU A 52 0.70 1.41 0.96
CA LEU A 52 -0.25 0.58 0.23
C LEU A 52 -1.04 -0.32 1.17
N LYS A 53 -0.39 -0.76 2.24
CA LYS A 53 -1.02 -1.62 3.23
C LYS A 53 -2.22 -0.93 3.86
N LYS A 54 -2.08 0.37 4.14
CA LYS A 54 -3.15 1.15 4.75
C LYS A 54 -4.17 1.58 3.69
N GLN A 55 -3.67 1.90 2.50
CA GLN A 55 -4.54 2.33 1.41
C GLN A 55 -5.55 1.25 1.05
N LEU A 56 -5.06 0.02 0.91
CA LEU A 56 -5.92 -1.11 0.57
C LEU A 56 -7.05 -1.27 1.59
N ALA A 57 -6.69 -1.64 2.81
CA ALA A 57 -7.67 -1.82 3.88
C ALA A 57 -8.65 -0.66 3.91
N VAL A 58 -8.14 0.54 4.18
CA VAL A 58 -8.98 1.73 4.24
C VAL A 58 -9.87 1.85 3.02
N ALA A 59 -9.27 1.76 1.84
CA ALA A 59 -10.02 1.85 0.59
C ALA A 59 -11.26 0.98 0.63
N GLU A 60 -11.06 -0.33 0.77
CA GLU A 60 -12.16 -1.28 0.83
C GLU A 60 -13.20 -0.85 1.86
N GLY A 61 -12.73 -0.35 3.00
CA GLY A 61 -13.62 0.09 4.05
C GLY A 61 -13.64 -0.86 5.23
N LYS A 62 -12.54 -1.57 5.44
CA LYS A 62 -12.43 -2.51 6.53
C LYS A 62 -11.62 -1.92 7.68
N PRO A 63 -11.76 -2.51 8.88
CA PRO A 63 -11.05 -2.05 10.08
C PRO A 63 -9.55 -2.36 10.01
N PRO A 64 -8.73 -1.45 10.56
CA PRO A 64 -7.27 -1.61 10.56
C PRO A 64 -6.82 -2.72 11.50
N GLU A 65 -5.53 -2.72 11.83
CA GLU A 65 -4.97 -3.73 12.71
C GLU A 65 -5.30 -3.43 14.17
N ALA A 66 -6.57 -3.11 14.42
CA ALA A 66 -7.02 -2.79 15.78
C ALA A 66 -6.15 -3.48 16.82
N PRO A 67 -5.09 -2.78 17.26
CA PRO A 67 -4.15 -3.30 18.27
C PRO A 67 -4.79 -3.41 19.65
N LYS A 68 -6.07 -3.06 19.74
CA LYS A 68 -6.80 -3.13 20.99
C LYS A 68 -7.93 -4.14 20.93
N GLY A 69 -8.40 -4.59 22.10
CA GLY A 69 -9.47 -5.56 22.14
C GLY A 69 -10.76 -4.96 22.66
N LYS A 70 -11.43 -5.69 23.56
CA LYS A 70 -12.69 -5.22 24.14
C LYS A 70 -12.56 -5.06 25.65
N LYS A 71 -11.46 -4.46 26.08
CA LYS A 71 -11.22 -4.24 27.50
C LYS A 71 -12.42 -3.59 28.17
N LYS A 72 -12.82 -2.42 27.67
CA LYS A 72 -13.95 -1.69 28.20
C LYS A 72 -15.12 -1.70 27.22
N LYS A 73 -16.33 -1.55 27.74
CA LYS A 73 -17.53 -1.54 26.91
C LYS A 73 -17.67 -0.20 26.19
N SER A 74 -18.45 -0.20 25.11
CA SER A 74 -18.67 1.01 24.33
C SER A 74 -20.15 1.41 24.35
N GLY A 75 -20.41 2.67 24.65
CA GLY A 75 -21.78 3.16 24.70
C GLY A 75 -21.96 4.47 23.95
N PRO A 76 -21.81 4.42 22.62
CA PRO A 76 -21.95 5.59 21.76
C PRO A 76 -23.39 6.08 21.68
N SER A 77 -24.28 5.41 22.39
CA SER A 77 -25.69 5.77 22.40
C SER A 77 -25.87 7.29 22.33
N SER A 78 -25.21 8.00 23.25
CA SER A 78 -25.30 9.45 23.28
C SER A 78 -23.92 10.07 23.51
N GLY A 79 -23.50 10.93 22.57
CA GLY A 79 -22.21 11.56 22.68
C GLY A 79 -22.04 12.71 21.70
N GLY A 1 -12.08 -4.93 -20.43
CA GLY A 1 -11.30 -4.80 -19.20
C GLY A 1 -11.16 -3.35 -18.75
N SER A 2 -10.06 -3.05 -18.07
CA SER A 2 -9.82 -1.71 -17.57
C SER A 2 -8.66 -1.06 -18.33
N SER A 3 -8.98 -0.45 -19.48
CA SER A 3 -7.97 0.21 -20.30
C SER A 3 -8.61 1.25 -21.22
N GLY A 4 -7.93 2.37 -21.40
CA GLY A 4 -8.44 3.42 -22.25
C GLY A 4 -8.02 4.80 -21.79
N SER A 5 -8.93 5.49 -21.11
CA SER A 5 -8.66 6.83 -20.61
C SER A 5 -9.48 7.13 -19.36
N SER A 6 -8.84 7.78 -18.39
CA SER A 6 -9.52 8.12 -17.13
C SER A 6 -9.18 9.55 -16.71
N GLY A 7 -10.11 10.18 -16.00
CA GLY A 7 -9.89 11.54 -15.54
C GLY A 7 -10.10 11.69 -14.05
N THR A 8 -11.14 11.04 -13.52
CA THR A 8 -11.44 11.10 -12.11
C THR A 8 -11.13 9.78 -11.41
N THR A 9 -10.74 9.86 -10.14
CA THR A 9 -10.42 8.67 -9.37
C THR A 9 -11.67 7.96 -8.89
N ALA A 10 -11.86 6.72 -9.35
CA ALA A 10 -13.03 5.94 -8.97
C ALA A 10 -12.76 5.13 -7.70
N LYS A 11 -13.71 5.15 -6.78
CA LYS A 11 -13.58 4.42 -5.52
C LYS A 11 -13.69 2.92 -5.74
N PRO A 12 -14.84 2.48 -6.28
CA PRO A 12 -15.09 1.07 -6.56
C PRO A 12 -14.24 0.54 -7.72
N GLN A 13 -13.38 1.40 -8.24
CA GLN A 13 -12.50 1.02 -9.35
C GLN A 13 -11.06 0.94 -8.90
N GLN A 14 -10.61 1.95 -8.16
CA GLN A 14 -9.24 1.99 -7.66
C GLN A 14 -8.93 0.75 -6.82
N ILE A 15 -9.87 0.39 -5.95
CA ILE A 15 -9.69 -0.77 -5.08
C ILE A 15 -9.05 -1.94 -5.84
N GLN A 16 -9.72 -2.37 -6.90
CA GLN A 16 -9.21 -3.48 -7.71
C GLN A 16 -7.73 -3.28 -8.04
N ALA A 17 -7.37 -2.07 -8.47
CA ALA A 17 -6.00 -1.76 -8.81
C ALA A 17 -5.09 -1.88 -7.59
N LEU A 18 -5.39 -1.10 -6.56
CA LEU A 18 -4.60 -1.12 -5.33
C LEU A 18 -4.33 -2.55 -4.88
N MET A 19 -5.38 -3.36 -4.79
CA MET A 19 -5.27 -4.74 -4.38
C MET A 19 -4.04 -5.39 -5.01
N ASP A 20 -3.96 -5.33 -6.33
CA ASP A 20 -2.84 -5.91 -7.06
C ASP A 20 -1.51 -5.33 -6.57
N GLU A 21 -1.48 -4.02 -6.38
CA GLU A 21 -0.28 -3.34 -5.91
C GLU A 21 0.20 -3.93 -4.59
N VAL A 22 -0.73 -4.06 -3.64
CA VAL A 22 -0.40 -4.62 -2.34
C VAL A 22 0.31 -5.96 -2.46
N THR A 23 -0.20 -6.82 -3.33
CA THR A 23 0.38 -8.13 -3.54
C THR A 23 1.75 -8.02 -4.21
N LYS A 24 1.78 -7.46 -5.40
CA LYS A 24 3.03 -7.29 -6.14
C LYS A 24 4.13 -6.74 -5.23
N GLN A 25 3.81 -5.68 -4.50
CA GLN A 25 4.76 -5.07 -3.59
C GLN A 25 5.52 -6.11 -2.78
N GLY A 26 4.78 -6.84 -1.95
CA GLY A 26 5.40 -7.88 -1.14
C GLY A 26 6.39 -8.72 -1.92
N ASN A 27 6.07 -9.00 -3.18
CA ASN A 27 6.94 -9.80 -4.03
C ASN A 27 8.18 -9.00 -4.44
N ILE A 28 7.97 -7.74 -4.82
CA ILE A 28 9.07 -6.88 -5.23
C ILE A 28 10.12 -6.77 -4.14
N VAL A 29 9.68 -6.64 -2.90
CA VAL A 29 10.59 -6.53 -1.76
C VAL A 29 11.36 -7.83 -1.56
N ARG A 30 10.66 -8.96 -1.69
CA ARG A 30 11.29 -10.26 -1.52
C ARG A 30 12.41 -10.46 -2.52
N GLU A 31 12.12 -10.21 -3.79
CA GLU A 31 13.11 -10.36 -4.86
C GLU A 31 14.25 -9.36 -4.69
N LEU A 32 13.89 -8.11 -4.40
CA LEU A 32 14.88 -7.05 -4.21
C LEU A 32 16.01 -7.53 -3.31
N LYS A 33 15.66 -8.16 -2.20
CA LYS A 33 16.64 -8.67 -1.25
C LYS A 33 17.43 -9.83 -1.85
N ALA A 34 16.73 -10.73 -2.52
CA ALA A 34 17.36 -11.88 -3.14
C ALA A 34 18.36 -11.46 -4.21
N GLN A 35 18.08 -10.32 -4.85
CA GLN A 35 18.96 -9.81 -5.89
C GLN A 35 20.05 -8.92 -5.29
N LYS A 36 20.39 -9.18 -4.04
CA LYS A 36 21.42 -8.41 -3.35
C LYS A 36 21.31 -6.93 -3.69
N ALA A 37 20.09 -6.42 -3.74
CA ALA A 37 19.86 -5.01 -4.05
C ALA A 37 20.40 -4.11 -2.95
N ASP A 38 20.80 -2.90 -3.33
CA ASP A 38 21.33 -1.94 -2.36
C ASP A 38 20.39 -1.79 -1.17
N LYS A 39 20.98 -1.77 0.02
CA LYS A 39 20.19 -1.63 1.25
C LYS A 39 19.20 -0.48 1.14
N ASN A 40 19.72 0.71 0.90
CA ASN A 40 18.88 1.90 0.77
C ASN A 40 17.78 1.67 -0.26
N GLU A 41 18.17 1.21 -1.44
CA GLU A 41 17.21 0.95 -2.52
C GLU A 41 16.04 0.10 -2.01
N VAL A 42 16.37 -1.03 -1.39
CA VAL A 42 15.35 -1.93 -0.86
C VAL A 42 14.41 -1.20 0.09
N ALA A 43 15.00 -0.45 1.02
CA ALA A 43 14.21 0.30 1.99
C ALA A 43 13.18 1.19 1.30
N ALA A 44 13.63 1.91 0.27
CA ALA A 44 12.74 2.80 -0.47
C ALA A 44 11.38 2.16 -0.69
N GLU A 45 11.39 0.90 -1.13
CA GLU A 45 10.15 0.18 -1.38
C GLU A 45 9.45 -0.19 -0.08
N VAL A 46 10.24 -0.65 0.89
CA VAL A 46 9.70 -1.04 2.18
C VAL A 46 8.68 -0.02 2.68
N ALA A 47 9.11 1.23 2.76
CA ALA A 47 8.23 2.30 3.22
C ALA A 47 6.98 2.40 2.36
N LYS A 48 7.17 2.57 1.06
CA LYS A 48 6.06 2.68 0.12
C LYS A 48 5.03 1.58 0.38
N LEU A 49 5.50 0.35 0.56
CA LEU A 49 4.62 -0.77 0.81
C LEU A 49 3.64 -0.46 1.93
N LEU A 50 4.16 0.02 3.05
CA LEU A 50 3.34 0.36 4.20
C LEU A 50 2.17 1.26 3.79
N ASP A 51 2.46 2.23 2.93
CA ASP A 51 1.42 3.15 2.45
C ASP A 51 0.35 2.39 1.68
N LEU A 52 0.77 1.55 0.73
CA LEU A 52 -0.16 0.77 -0.08
C LEU A 52 -1.19 0.08 0.80
N LYS A 53 -0.73 -0.61 1.83
CA LYS A 53 -1.62 -1.31 2.75
C LYS A 53 -2.79 -0.42 3.16
N LYS A 54 -2.49 0.84 3.45
CA LYS A 54 -3.52 1.79 3.85
C LYS A 54 -4.46 2.10 2.69
N GLN A 55 -3.92 2.75 1.66
CA GLN A 55 -4.71 3.10 0.49
C GLN A 55 -5.63 1.95 0.09
N LEU A 56 -5.27 0.74 0.47
CA LEU A 56 -6.06 -0.44 0.15
C LEU A 56 -7.17 -0.65 1.16
N ALA A 57 -6.80 -0.95 2.41
CA ALA A 57 -7.77 -1.16 3.47
C ALA A 57 -8.73 0.01 3.57
N VAL A 58 -8.19 1.21 3.79
CA VAL A 58 -9.01 2.42 3.91
C VAL A 58 -10.08 2.45 2.83
N ALA A 59 -9.74 1.97 1.64
CA ALA A 59 -10.68 1.94 0.53
C ALA A 59 -11.71 0.83 0.70
N GLU A 60 -11.25 -0.34 1.11
CA GLU A 60 -12.14 -1.48 1.31
C GLU A 60 -12.77 -1.44 2.70
N GLY A 61 -12.90 -0.23 3.25
CA GLY A 61 -13.49 -0.08 4.56
C GLY A 61 -13.05 -1.16 5.53
N LYS A 62 -11.75 -1.43 5.56
CA LYS A 62 -11.20 -2.46 6.45
C LYS A 62 -10.79 -1.84 7.79
N PRO A 63 -10.84 -2.66 8.85
CA PRO A 63 -10.47 -2.23 10.20
C PRO A 63 -8.97 -1.99 10.34
N PRO A 64 -8.61 -1.01 11.17
CA PRO A 64 -7.21 -0.65 11.42
C PRO A 64 -6.47 -1.73 12.21
N GLU A 65 -5.30 -1.37 12.73
CA GLU A 65 -4.49 -2.31 13.51
C GLU A 65 -5.06 -2.46 14.92
N ALA A 66 -6.35 -2.71 15.01
CA ALA A 66 -7.01 -2.89 16.30
C ALA A 66 -6.03 -3.39 17.36
N PRO A 67 -5.39 -2.45 18.07
CA PRO A 67 -4.41 -2.76 19.12
C PRO A 67 -5.07 -3.40 20.34
N LYS A 68 -4.25 -4.03 21.19
CA LYS A 68 -4.76 -4.67 22.39
C LYS A 68 -5.73 -3.76 23.13
N GLY A 69 -6.94 -4.25 23.34
CA GLY A 69 -7.95 -3.47 24.03
C GLY A 69 -9.29 -4.17 24.09
N LYS A 70 -10.17 -3.86 23.14
CA LYS A 70 -11.49 -4.47 23.09
C LYS A 70 -12.00 -4.55 21.65
N LYS A 71 -12.65 -5.67 21.32
CA LYS A 71 -13.19 -5.87 19.98
C LYS A 71 -14.55 -5.20 19.84
N LYS A 72 -14.92 -4.88 18.60
CA LYS A 72 -16.20 -4.24 18.33
C LYS A 72 -16.95 -4.99 17.23
N LYS A 73 -17.74 -5.99 17.64
CA LYS A 73 -18.51 -6.77 16.69
C LYS A 73 -20.01 -6.49 16.84
N SER A 74 -20.43 -5.30 16.44
CA SER A 74 -21.83 -4.91 16.53
C SER A 74 -22.66 -5.60 15.46
N GLY A 75 -22.24 -5.46 14.20
CA GLY A 75 -22.95 -6.08 13.10
C GLY A 75 -22.79 -7.59 13.09
N PRO A 76 -23.80 -8.29 12.55
CA PRO A 76 -23.79 -9.76 12.46
C PRO A 76 -22.77 -10.27 11.45
N SER A 77 -22.80 -9.70 10.24
CA SER A 77 -21.88 -10.10 9.18
C SER A 77 -20.92 -8.96 8.84
N SER A 78 -19.64 -9.30 8.69
CA SER A 78 -18.62 -8.32 8.37
C SER A 78 -18.76 -7.84 6.92
N GLY A 79 -19.45 -6.73 6.73
CA GLY A 79 -19.64 -6.20 5.39
C GLY A 79 -21.09 -5.88 5.10
N GLY A 1 -6.59 -1.58 -22.18
CA GLY A 1 -5.69 -1.22 -21.11
C GLY A 1 -5.30 0.25 -21.14
N SER A 2 -5.14 0.85 -19.97
CA SER A 2 -4.77 2.25 -19.86
C SER A 2 -3.30 2.41 -19.46
N SER A 3 -2.70 3.54 -19.82
CA SER A 3 -1.31 3.81 -19.51
C SER A 3 -1.20 4.72 -18.28
N GLY A 4 -1.78 5.91 -18.38
CA GLY A 4 -1.74 6.85 -17.28
C GLY A 4 -1.97 8.27 -17.73
N SER A 5 -2.90 8.46 -18.66
CA SER A 5 -3.22 9.79 -19.17
C SER A 5 -4.73 10.03 -19.18
N SER A 6 -5.13 11.18 -18.64
CA SER A 6 -6.54 11.53 -18.57
C SER A 6 -7.33 10.50 -17.77
N GLY A 7 -6.77 10.08 -16.64
CA GLY A 7 -7.42 9.09 -15.81
C GLY A 7 -8.28 9.72 -14.73
N THR A 8 -9.25 8.96 -14.23
CA THR A 8 -10.15 9.45 -13.19
C THR A 8 -9.92 8.72 -11.88
N THR A 9 -10.08 9.44 -10.76
CA THR A 9 -9.88 8.85 -9.44
C THR A 9 -11.19 8.27 -8.91
N ALA A 10 -11.23 6.94 -8.80
CA ALA A 10 -12.42 6.26 -8.30
C ALA A 10 -12.18 5.69 -6.90
N LYS A 11 -13.26 5.38 -6.21
CA LYS A 11 -13.17 4.83 -4.85
C LYS A 11 -13.24 3.31 -4.89
N PRO A 12 -14.43 2.78 -5.20
CA PRO A 12 -14.66 1.33 -5.26
C PRO A 12 -13.95 0.69 -6.46
N GLN A 13 -13.72 1.47 -7.50
CA GLN A 13 -13.06 0.97 -8.69
C GLN A 13 -11.54 0.90 -8.48
N GLN A 14 -10.96 2.00 -8.02
CA GLN A 14 -9.52 2.06 -7.78
C GLN A 14 -9.06 0.86 -6.96
N ILE A 15 -9.97 0.32 -6.16
CA ILE A 15 -9.66 -0.83 -5.32
C ILE A 15 -8.93 -1.90 -6.11
N GLN A 16 -9.46 -2.25 -7.28
CA GLN A 16 -8.87 -3.26 -8.13
C GLN A 16 -7.41 -2.93 -8.43
N ALA A 17 -7.12 -1.64 -8.54
CA ALA A 17 -5.76 -1.18 -8.82
C ALA A 17 -4.86 -1.34 -7.59
N LEU A 18 -5.35 -0.89 -6.45
CA LEU A 18 -4.59 -0.98 -5.21
C LEU A 18 -4.27 -2.44 -4.87
N MET A 19 -5.30 -3.26 -4.75
CA MET A 19 -5.11 -4.67 -4.45
C MET A 19 -3.86 -5.22 -5.12
N ASP A 20 -3.81 -5.11 -6.44
CA ASP A 20 -2.66 -5.58 -7.20
C ASP A 20 -1.36 -5.09 -6.60
N GLU A 21 -1.31 -3.80 -6.31
CA GLU A 21 -0.11 -3.18 -5.72
C GLU A 21 0.37 -3.99 -4.51
N VAL A 22 -0.55 -4.24 -3.59
CA VAL A 22 -0.22 -5.00 -2.38
C VAL A 22 0.44 -6.33 -2.73
N THR A 23 0.00 -6.93 -3.83
CA THR A 23 0.55 -8.20 -4.27
C THR A 23 1.94 -8.02 -4.89
N LYS A 24 2.01 -7.26 -5.97
CA LYS A 24 3.27 -7.01 -6.65
C LYS A 24 4.33 -6.55 -5.66
N GLN A 25 4.05 -5.45 -4.96
CA GLN A 25 4.99 -4.91 -3.98
C GLN A 25 5.66 -6.02 -3.20
N GLY A 26 4.86 -6.94 -2.67
CA GLY A 26 5.40 -8.05 -1.90
C GLY A 26 6.47 -8.80 -2.65
N ASN A 27 6.18 -9.18 -3.90
CA ASN A 27 7.14 -9.90 -4.72
C ASN A 27 8.45 -9.14 -4.84
N ILE A 28 8.35 -7.85 -5.14
CA ILE A 28 9.53 -7.01 -5.28
C ILE A 28 10.45 -7.12 -4.07
N VAL A 29 9.91 -6.76 -2.90
CA VAL A 29 10.67 -6.82 -1.67
C VAL A 29 11.45 -8.14 -1.55
N ARG A 30 10.76 -9.24 -1.81
CA ARG A 30 11.38 -10.56 -1.75
C ARG A 30 12.62 -10.61 -2.63
N GLU A 31 12.50 -10.14 -3.86
CA GLU A 31 13.61 -10.13 -4.79
C GLU A 31 14.78 -9.32 -4.25
N LEU A 32 14.47 -8.20 -3.61
CA LEU A 32 15.49 -7.33 -3.04
C LEU A 32 16.17 -8.00 -1.85
N LYS A 33 15.37 -8.54 -0.94
CA LYS A 33 15.89 -9.21 0.23
C LYS A 33 16.66 -10.47 -0.15
N ALA A 34 16.36 -11.01 -1.32
CA ALA A 34 17.03 -12.20 -1.80
C ALA A 34 18.22 -11.84 -2.70
N GLN A 35 18.25 -10.60 -3.16
CA GLN A 35 19.33 -10.14 -4.03
C GLN A 35 20.22 -9.14 -3.29
N LYS A 36 20.09 -9.09 -1.98
CA LYS A 36 20.88 -8.18 -1.16
C LYS A 36 20.95 -6.80 -1.80
N ALA A 37 19.92 -6.45 -2.57
CA ALA A 37 19.86 -5.16 -3.24
C ALA A 37 20.27 -4.03 -2.29
N ASP A 38 20.65 -2.90 -2.86
CA ASP A 38 21.07 -1.74 -2.07
C ASP A 38 20.00 -1.37 -1.06
N LYS A 39 20.42 -1.07 0.16
CA LYS A 39 19.50 -0.69 1.23
C LYS A 39 18.64 0.50 0.79
N ASN A 40 19.25 1.46 0.12
CA ASN A 40 18.54 2.65 -0.35
C ASN A 40 17.42 2.26 -1.30
N GLU A 41 17.76 1.50 -2.33
CA GLU A 41 16.77 1.06 -3.32
C GLU A 41 15.62 0.32 -2.64
N VAL A 42 15.96 -0.69 -1.85
CA VAL A 42 14.95 -1.49 -1.15
C VAL A 42 14.07 -0.60 -0.28
N ALA A 43 14.71 0.22 0.56
CA ALA A 43 13.98 1.11 1.45
C ALA A 43 12.74 1.68 0.77
N ALA A 44 12.94 2.32 -0.38
CA ALA A 44 11.83 2.90 -1.15
C ALA A 44 10.67 1.93 -1.23
N GLU A 45 10.96 0.68 -1.61
CA GLU A 45 9.93 -0.33 -1.74
C GLU A 45 9.34 -0.69 -0.38
N VAL A 46 10.21 -0.82 0.62
CA VAL A 46 9.77 -1.16 1.98
C VAL A 46 8.69 -0.19 2.46
N ALA A 47 9.00 1.10 2.43
CA ALA A 47 8.06 2.11 2.87
C ALA A 47 6.75 2.03 2.08
N LYS A 48 6.84 2.25 0.77
CA LYS A 48 5.66 2.20 -0.09
C LYS A 48 4.74 1.05 0.32
N LEU A 49 5.33 -0.09 0.65
CA LEU A 49 4.56 -1.25 1.06
C LEU A 49 3.80 -0.98 2.35
N LEU A 50 4.54 -0.57 3.39
CA LEU A 50 3.93 -0.28 4.68
C LEU A 50 2.78 0.70 4.53
N ASP A 51 2.77 1.44 3.42
CA ASP A 51 1.71 2.41 3.15
C ASP A 51 0.57 1.77 2.39
N LEU A 52 0.89 1.00 1.36
CA LEU A 52 -0.12 0.33 0.55
C LEU A 52 -1.13 -0.39 1.43
N LYS A 53 -0.69 -0.81 2.61
CA LYS A 53 -1.56 -1.51 3.55
C LYS A 53 -2.68 -0.60 4.03
N LYS A 54 -2.38 0.68 4.21
CA LYS A 54 -3.36 1.65 4.66
C LYS A 54 -4.22 2.13 3.50
N GLN A 55 -3.60 2.29 2.34
CA GLN A 55 -4.32 2.74 1.14
C GLN A 55 -5.37 1.71 0.72
N LEU A 56 -4.96 0.45 0.66
CA LEU A 56 -5.86 -0.62 0.26
C LEU A 56 -7.11 -0.64 1.14
N ALA A 57 -6.93 -0.95 2.42
CA ALA A 57 -8.03 -1.00 3.36
C ALA A 57 -9.02 0.14 3.11
N VAL A 58 -8.56 1.37 3.32
CA VAL A 58 -9.39 2.55 3.12
C VAL A 58 -10.26 2.40 1.88
N ALA A 59 -9.61 2.20 0.73
CA ALA A 59 -10.32 2.04 -0.53
C ALA A 59 -11.61 1.24 -0.33
N GLU A 60 -11.51 0.11 0.36
CA GLU A 60 -12.67 -0.74 0.61
C GLU A 60 -13.57 -0.12 1.67
N GLY A 61 -12.95 0.43 2.72
CA GLY A 61 -13.71 1.05 3.79
C GLY A 61 -13.56 0.31 5.11
N LYS A 62 -12.56 -0.58 5.17
CA LYS A 62 -12.32 -1.34 6.38
C LYS A 62 -11.01 -0.91 7.05
N PRO A 63 -10.96 -1.01 8.38
CA PRO A 63 -9.77 -0.64 9.16
C PRO A 63 -8.61 -1.60 8.95
N PRO A 64 -7.38 -1.07 9.03
CA PRO A 64 -6.16 -1.87 8.85
C PRO A 64 -5.93 -2.84 10.00
N GLU A 65 -4.70 -3.36 10.10
CA GLU A 65 -4.36 -4.30 11.15
C GLU A 65 -4.18 -3.58 12.48
N ALA A 66 -5.18 -2.80 12.88
CA ALA A 66 -5.13 -2.06 14.13
C ALA A 66 -4.38 -2.85 15.20
N PRO A 67 -4.93 -4.03 15.56
CA PRO A 67 -4.34 -4.90 16.58
C PRO A 67 -3.04 -5.54 16.10
N LYS A 68 -3.08 -6.15 14.92
CA LYS A 68 -1.91 -6.80 14.35
C LYS A 68 -0.94 -5.77 13.77
N GLY A 69 -0.28 -5.03 14.65
CA GLY A 69 0.67 -4.02 14.22
C GLY A 69 0.39 -2.66 14.82
N LYS A 70 0.34 -2.61 16.15
CA LYS A 70 0.08 -1.35 16.84
C LYS A 70 1.25 -0.39 16.71
N LYS A 71 1.00 0.77 16.12
CA LYS A 71 2.03 1.78 15.94
C LYS A 71 1.83 2.96 16.89
N LYS A 72 2.90 3.70 17.14
CA LYS A 72 2.85 4.86 18.02
C LYS A 72 2.96 6.16 17.23
N LYS A 73 2.48 7.25 17.81
CA LYS A 73 2.54 8.55 17.17
C LYS A 73 2.05 9.65 18.10
N SER A 74 2.49 10.88 17.85
CA SER A 74 2.08 12.01 18.68
C SER A 74 2.62 11.87 20.10
N GLY A 75 3.82 11.30 20.21
CA GLY A 75 4.43 11.12 21.51
C GLY A 75 3.43 10.63 22.56
N PRO A 76 3.20 9.32 22.59
CA PRO A 76 2.26 8.70 23.53
C PRO A 76 2.78 8.75 24.97
N SER A 77 1.86 8.85 25.92
CA SER A 77 2.22 8.90 27.33
C SER A 77 3.36 9.90 27.57
N SER A 78 3.29 11.03 26.88
CA SER A 78 4.31 12.06 27.01
C SER A 78 3.70 13.37 27.52
N GLY A 79 4.21 13.86 28.65
CA GLY A 79 3.70 15.09 29.22
C GLY A 79 4.35 15.42 30.55
N GLY A 1 -2.23 -2.69 -28.48
CA GLY A 1 -1.23 -1.79 -27.95
C GLY A 1 -1.74 -0.93 -26.82
N SER A 2 -1.56 -1.39 -25.59
CA SER A 2 -2.02 -0.66 -24.42
C SER A 2 -0.91 -0.54 -23.38
N SER A 3 -0.40 0.66 -23.21
CA SER A 3 0.68 0.92 -22.25
C SER A 3 0.27 1.99 -21.24
N GLY A 4 -0.98 1.92 -20.79
CA GLY A 4 -1.48 2.89 -19.83
C GLY A 4 -1.47 4.31 -20.38
N SER A 5 -2.64 4.76 -20.83
CA SER A 5 -2.77 6.10 -21.39
C SER A 5 -3.63 6.98 -20.49
N SER A 6 -4.80 6.48 -20.11
CA SER A 6 -5.71 7.21 -19.25
C SER A 6 -6.49 6.27 -18.33
N GLY A 7 -6.37 6.50 -17.03
CA GLY A 7 -7.06 5.66 -16.06
C GLY A 7 -8.08 6.43 -15.25
N THR A 8 -9.32 6.46 -15.73
CA THR A 8 -10.39 7.17 -15.05
C THR A 8 -10.40 6.85 -13.56
N THR A 9 -10.67 7.86 -12.74
CA THR A 9 -10.72 7.68 -11.30
C THR A 9 -12.07 7.14 -10.84
N ALA A 10 -12.03 6.30 -9.81
CA ALA A 10 -13.26 5.71 -9.28
C ALA A 10 -13.00 5.01 -7.95
N LYS A 11 -13.66 5.50 -6.90
CA LYS A 11 -13.51 4.92 -5.57
C LYS A 11 -13.57 3.40 -5.62
N PRO A 12 -14.70 2.86 -6.10
CA PRO A 12 -14.90 1.42 -6.23
C PRO A 12 -14.03 0.79 -7.31
N GLN A 13 -13.19 1.61 -7.93
CA GLN A 13 -12.31 1.14 -8.98
C GLN A 13 -10.87 1.02 -8.48
N GLN A 14 -10.26 2.16 -8.17
CA GLN A 14 -8.89 2.19 -7.67
C GLN A 14 -8.62 1.01 -6.75
N ILE A 15 -9.67 0.54 -6.07
CA ILE A 15 -9.54 -0.58 -5.16
C ILE A 15 -8.89 -1.78 -5.84
N GLN A 16 -9.50 -2.25 -6.91
CA GLN A 16 -8.97 -3.39 -7.67
C GLN A 16 -7.51 -3.16 -8.03
N ALA A 17 -7.19 -1.95 -8.45
CA ALA A 17 -5.82 -1.60 -8.83
C ALA A 17 -4.87 -1.72 -7.64
N LEU A 18 -5.25 -1.10 -6.53
CA LEU A 18 -4.44 -1.14 -5.32
C LEU A 18 -4.09 -2.57 -4.95
N MET A 19 -5.09 -3.43 -4.92
CA MET A 19 -4.89 -4.84 -4.57
C MET A 19 -3.66 -5.39 -5.28
N ASP A 20 -3.58 -5.18 -6.58
CA ASP A 20 -2.46 -5.66 -7.37
C ASP A 20 -1.14 -5.06 -6.88
N GLU A 21 -1.16 -3.77 -6.57
CA GLU A 21 0.02 -3.08 -6.08
C GLU A 21 0.59 -3.77 -4.84
N VAL A 22 -0.30 -4.13 -3.92
CA VAL A 22 0.11 -4.80 -2.69
C VAL A 22 0.78 -6.13 -2.99
N THR A 23 0.16 -6.92 -3.87
CA THR A 23 0.71 -8.22 -4.25
C THR A 23 2.10 -8.08 -4.84
N LYS A 24 2.21 -7.29 -5.91
CA LYS A 24 3.49 -7.08 -6.58
C LYS A 24 4.55 -6.60 -5.59
N GLN A 25 4.29 -5.47 -4.95
CA GLN A 25 5.22 -4.91 -3.98
C GLN A 25 5.70 -5.98 -3.01
N GLY A 26 4.76 -6.65 -2.37
CA GLY A 26 5.10 -7.69 -1.41
C GLY A 26 6.17 -8.63 -1.94
N ASN A 27 6.12 -8.90 -3.24
CA ASN A 27 7.09 -9.79 -3.87
C ASN A 27 8.39 -9.05 -4.19
N ILE A 28 8.26 -7.92 -4.89
CA ILE A 28 9.41 -7.11 -5.26
C ILE A 28 10.31 -6.86 -4.05
N VAL A 29 9.70 -6.72 -2.88
CA VAL A 29 10.44 -6.48 -1.65
C VAL A 29 11.23 -7.72 -1.23
N ARG A 30 10.61 -8.88 -1.38
CA ARG A 30 11.26 -10.14 -1.03
C ARG A 30 12.38 -10.47 -1.99
N GLU A 31 12.08 -10.45 -3.29
CA GLU A 31 13.07 -10.75 -4.31
C GLU A 31 14.24 -9.78 -4.24
N LEU A 32 13.94 -8.51 -3.96
CA LEU A 32 14.97 -7.49 -3.85
C LEU A 32 16.06 -7.90 -2.88
N LYS A 33 15.65 -8.37 -1.70
CA LYS A 33 16.59 -8.81 -0.68
C LYS A 33 17.30 -10.08 -1.10
N ALA A 34 16.55 -10.97 -1.75
CA ALA A 34 17.11 -12.24 -2.21
C ALA A 34 18.30 -12.02 -3.14
N GLN A 35 18.17 -11.04 -4.05
CA GLN A 35 19.23 -10.73 -4.98
C GLN A 35 20.20 -9.72 -4.39
N LYS A 36 20.26 -9.66 -3.06
CA LYS A 36 21.14 -8.73 -2.37
C LYS A 36 21.11 -7.35 -3.02
N ALA A 37 19.91 -6.88 -3.33
CA ALA A 37 19.74 -5.58 -3.94
C ALA A 37 20.25 -4.47 -3.04
N ASP A 38 20.31 -3.25 -3.56
CA ASP A 38 20.78 -2.11 -2.81
C ASP A 38 19.84 -1.78 -1.65
N LYS A 39 20.38 -1.64 -0.45
CA LYS A 39 19.59 -1.33 0.72
C LYS A 39 18.64 -0.17 0.45
N ASN A 40 19.20 0.97 0.04
CA ASN A 40 18.40 2.15 -0.26
C ASN A 40 17.23 1.81 -1.18
N GLU A 41 17.54 1.10 -2.27
CA GLU A 41 16.52 0.70 -3.23
C GLU A 41 15.37 -0.04 -2.54
N VAL A 42 15.71 -1.09 -1.82
CA VAL A 42 14.71 -1.89 -1.11
C VAL A 42 13.90 -1.02 -0.15
N ALA A 43 14.61 -0.33 0.74
CA ALA A 43 13.95 0.54 1.72
C ALA A 43 12.73 1.23 1.11
N ALA A 44 12.96 1.99 0.05
CA ALA A 44 11.87 2.70 -0.62
C ALA A 44 10.64 1.81 -0.77
N GLU A 45 10.81 0.68 -1.43
CA GLU A 45 9.71 -0.26 -1.65
C GLU A 45 9.03 -0.60 -0.32
N VAL A 46 9.80 -0.58 0.76
CA VAL A 46 9.28 -0.89 2.09
C VAL A 46 8.52 0.31 2.66
N ALA A 47 9.09 1.50 2.48
CA ALA A 47 8.46 2.72 2.99
C ALA A 47 7.13 2.98 2.30
N LYS A 48 7.10 2.80 0.98
CA LYS A 48 5.89 3.02 0.20
C LYS A 48 4.87 1.91 0.47
N LEU A 49 5.36 0.68 0.55
CA LEU A 49 4.50 -0.47 0.79
C LEU A 49 3.64 -0.25 2.05
N LEU A 50 4.30 0.08 3.14
CA LEU A 50 3.61 0.31 4.41
C LEU A 50 2.34 1.13 4.19
N ASP A 51 2.44 2.15 3.33
CA ASP A 51 1.30 3.01 3.03
C ASP A 51 0.26 2.26 2.19
N LEU A 52 0.72 1.58 1.15
CA LEU A 52 -0.16 0.84 0.26
C LEU A 52 -1.17 0.03 1.07
N LYS A 53 -0.68 -0.65 2.11
CA LYS A 53 -1.54 -1.46 2.96
C LYS A 53 -2.76 -0.67 3.42
N LYS A 54 -2.54 0.59 3.78
CA LYS A 54 -3.62 1.45 4.24
C LYS A 54 -4.56 1.79 3.08
N GLN A 55 -4.04 2.52 2.10
CA GLN A 55 -4.84 2.91 0.95
C GLN A 55 -5.69 1.75 0.45
N LEU A 56 -5.26 0.54 0.74
CA LEU A 56 -5.99 -0.66 0.33
C LEU A 56 -7.06 -1.02 1.36
N ALA A 57 -6.61 -1.47 2.53
CA ALA A 57 -7.54 -1.85 3.59
C ALA A 57 -8.59 -0.76 3.83
N VAL A 58 -8.14 0.49 3.93
CA VAL A 58 -9.04 1.61 4.15
C VAL A 58 -10.00 1.77 2.99
N ALA A 59 -9.46 1.81 1.77
CA ALA A 59 -10.27 1.96 0.57
C ALA A 59 -11.53 1.11 0.66
N GLU A 60 -11.36 -0.18 0.91
CA GLU A 60 -12.48 -1.11 1.01
C GLU A 60 -13.34 -0.79 2.23
N GLY A 61 -12.67 -0.57 3.36
CA GLY A 61 -13.39 -0.26 4.59
C GLY A 61 -12.67 -0.75 5.83
N LYS A 62 -11.99 -1.88 5.70
CA LYS A 62 -11.25 -2.46 6.82
C LYS A 62 -10.21 -1.47 7.35
N PRO A 63 -10.03 -1.47 8.68
CA PRO A 63 -9.07 -0.57 9.35
C PRO A 63 -7.63 -0.96 9.06
N PRO A 64 -6.74 0.04 9.03
CA PRO A 64 -5.31 -0.16 8.77
C PRO A 64 -4.61 -0.89 9.91
N GLU A 65 -3.30 -1.06 9.79
CA GLU A 65 -2.52 -1.73 10.82
C GLU A 65 -3.00 -1.34 12.21
N ALA A 66 -3.24 -0.04 12.40
CA ALA A 66 -3.71 0.46 13.69
C ALA A 66 -2.67 0.20 14.79
N PRO A 67 -1.44 0.65 14.56
CA PRO A 67 -0.34 0.49 15.51
C PRO A 67 -0.53 1.33 16.76
N LYS A 68 -1.10 0.74 17.80
CA LYS A 68 -1.33 1.44 19.05
C LYS A 68 -0.09 2.22 19.48
N GLY A 69 -0.31 3.43 19.99
CA GLY A 69 0.81 4.26 20.43
C GLY A 69 0.38 5.67 20.75
N LYS A 70 0.87 6.63 19.97
CA LYS A 70 0.54 8.04 20.18
C LYS A 70 0.02 8.67 18.89
N LYS A 71 -1.11 9.35 18.99
CA LYS A 71 -1.71 10.01 17.84
C LYS A 71 -0.90 11.23 17.42
N LYS A 72 -0.96 11.55 16.13
CA LYS A 72 -0.23 12.70 15.61
C LYS A 72 -1.10 13.95 15.62
N LYS A 73 -0.58 15.02 16.22
CA LYS A 73 -1.30 16.28 16.31
C LYS A 73 -1.68 16.79 14.92
N SER A 74 -2.88 17.34 14.80
CA SER A 74 -3.36 17.87 13.53
C SER A 74 -3.04 16.90 12.38
N GLY A 75 -3.27 15.61 12.64
CA GLY A 75 -2.99 14.60 11.63
C GLY A 75 -1.51 14.34 11.45
N PRO A 76 -1.19 13.16 10.89
CA PRO A 76 0.20 12.75 10.67
C PRO A 76 0.87 13.57 9.56
N SER A 77 0.05 14.32 8.82
CA SER A 77 0.56 15.14 7.72
C SER A 77 -0.47 16.19 7.31
N SER A 78 -0.07 17.08 6.41
CA SER A 78 -0.96 18.13 5.93
C SER A 78 -1.42 19.02 7.09
N GLY A 79 -0.48 19.39 7.96
CA GLY A 79 -0.81 20.23 9.09
C GLY A 79 0.24 21.30 9.34
#